data_3N33
#
_entry.id   3N33
#
_cell.length_a   87.400
_cell.length_b   96.850
_cell.length_c   101.300
_cell.angle_alpha   90.00
_cell.angle_beta   108.38
_cell.angle_gamma   90.00
#
_symmetry.space_group_name_H-M   'P 1 21 1'
#
loop_
_entity.id
_entity.type
_entity.pdbx_description
1 polymer 'Beta-peptidyl aminopeptidase'
2 non-polymer GLYCEROL
3 non-polymer '4-(2-HYDROXYETHYL)-1-PIPERAZINE ETHANESULFONIC ACID'
4 non-polymer '4-(2-AMINOETHYL)BENZENESULFONYL FLUORIDE'
5 non-polymer 'SULFATE ION'
6 water water
#
_entity_poly.entity_id   1
_entity_poly.type   'polypeptide(L)'
_entity_poly.pdbx_seq_one_letter_code
;GPRARDLGVPFEGTPGALNAITDVAGVEVGHTTVISGDGAMVIGKGPYRTGVTIIHPLGKTSLDGVAAGRAVINGTGEWT
GMHLVDEVGQFLGPIALTGTGNVGLVHQSMMDWSVGKVPEEALFSRLLPVVAETLDNRLNDVFGHGLTRDHVFAALDGAK
GGPVAEGNVGGGTGMIAYTFKGGIGTSSRVVSAGDTRYTVGVLVQANHGDRNDLRIAGVQIGKEIKGAWPEVNGIVAAGP
DAGKPQDKNSLLIVIATDAPLMPHQLERMARRAALGVGRNGSTAGALSGEFALAFSTSHVIPLGGKPRLPAIINDTDSET
MNALFRGVVQATEEALVNQLVASETMTGANNAKVYGIPHDQLARIMKARFPRR
;
_entity_poly.pdbx_strand_id   A,B,C,D
#
# COMPACT_ATOMS: atom_id res chain seq x y z
N GLY A 1 32.99 -24.36 -12.69
CA GLY A 1 31.77 -24.87 -13.32
C GLY A 1 31.10 -23.81 -14.16
N PRO A 2 30.44 -24.22 -15.24
CA PRO A 2 29.82 -23.25 -16.15
C PRO A 2 28.61 -22.57 -15.51
N ARG A 3 28.38 -21.33 -15.89
CA ARG A 3 27.14 -20.62 -15.56
C ARG A 3 26.28 -20.60 -16.81
N ALA A 4 25.13 -19.93 -16.76
CA ALA A 4 24.19 -20.01 -17.88
C ALA A 4 24.80 -19.57 -19.23
N ARG A 5 25.54 -18.46 -19.23
CA ARG A 5 26.17 -18.01 -20.47
C ARG A 5 27.12 -19.04 -21.05
N ASP A 6 27.80 -19.78 -20.18
CA ASP A 6 28.79 -20.76 -20.59
C ASP A 6 28.15 -21.94 -21.28
N LEU A 7 26.85 -22.11 -21.08
CA LEU A 7 26.10 -23.19 -21.72
C LEU A 7 25.41 -22.74 -23.01
N GLY A 8 25.66 -21.49 -23.40
CA GLY A 8 25.10 -20.98 -24.66
C GLY A 8 23.81 -20.19 -24.51
N VAL A 9 23.39 -19.94 -23.27
CA VAL A 9 22.21 -19.13 -23.05
C VAL A 9 22.53 -17.64 -23.27
N PRO A 10 21.82 -17.01 -24.22
CA PRO A 10 22.04 -15.58 -24.44
C PRO A 10 21.20 -14.72 -23.51
N PHE A 11 21.77 -13.58 -23.09
CA PHE A 11 21.02 -12.55 -22.36
C PHE A 11 21.38 -11.18 -22.93
N GLU A 12 20.50 -10.21 -22.70
CA GLU A 12 20.73 -8.84 -23.14
C GLU A 12 21.46 -8.06 -22.02
N GLY A 13 22.24 -7.06 -22.41
CA GLY A 13 22.91 -6.18 -21.46
C GLY A 13 24.36 -6.55 -21.19
N THR A 14 25.02 -5.75 -20.34
CA THR A 14 26.42 -5.98 -19.99
C THR A 14 26.53 -6.30 -18.51
N PRO A 15 26.99 -7.53 -18.18
CA PRO A 15 27.20 -7.89 -16.78
C PRO A 15 28.42 -7.18 -16.19
N GLY A 16 28.46 -7.05 -14.88
CA GLY A 16 29.65 -6.56 -14.22
C GLY A 16 30.73 -7.65 -14.29
N ALA A 17 31.90 -7.33 -13.77
CA ALA A 17 33.05 -8.23 -13.86
C ALA A 17 32.76 -9.63 -13.32
N LEU A 18 32.09 -9.68 -12.16
CA LEU A 18 31.80 -10.95 -11.50
C LEU A 18 30.48 -11.56 -11.95
N ASN A 19 29.66 -10.77 -12.64
CA ASN A 19 28.27 -11.15 -12.93
C ASN A 19 27.58 -11.64 -11.68
N ALA A 20 27.60 -10.81 -10.64
CA ALA A 20 27.09 -11.19 -9.33
C ALA A 20 26.77 -9.94 -8.52
N ILE A 21 26.03 -10.11 -7.43
CA ILE A 21 25.55 -8.96 -6.66
C ILE A 21 26.73 -8.21 -6.06
N THR A 22 27.85 -8.92 -5.88
CA THR A 22 29.06 -8.33 -5.33
C THR A 22 29.79 -7.41 -6.31
N ASP A 23 29.30 -7.31 -7.54
CA ASP A 23 29.80 -6.26 -8.45
C ASP A 23 29.45 -4.88 -7.91
N VAL A 24 28.49 -4.83 -7.00
CA VAL A 24 28.19 -3.58 -6.31
C VAL A 24 29.15 -3.50 -5.14
N ALA A 25 30.01 -2.47 -5.14
CA ALA A 25 31.13 -2.42 -4.21
C ALA A 25 30.69 -2.41 -2.75
N GLY A 26 31.36 -3.19 -1.92
CA GLY A 26 31.09 -3.20 -0.49
C GLY A 26 30.16 -4.32 -0.02
N VAL A 27 29.33 -4.82 -0.94
CA VAL A 27 28.43 -5.93 -0.62
C VAL A 27 29.22 -7.20 -0.34
N GLU A 28 28.87 -7.89 0.74
CA GLU A 28 29.48 -9.17 1.10
C GLU A 28 28.41 -10.24 1.18
N VAL A 29 28.74 -11.44 0.71
CA VAL A 29 27.82 -12.57 0.76
C VAL A 29 28.46 -13.75 1.47
N GLY A 30 27.71 -14.40 2.34
CA GLY A 30 28.16 -15.60 3.02
C GLY A 30 27.09 -16.69 3.02
N HIS A 31 27.52 -17.95 2.96
CA HIS A 31 26.59 -19.08 3.03
C HIS A 31 27.04 -20.07 4.10
N THR A 32 26.08 -20.61 4.85
CA THR A 32 26.32 -21.86 5.56
C THR A 32 25.37 -22.92 5.01
N THR A 33 25.94 -24.05 4.61
CA THR A 33 25.18 -25.10 3.94
C THR A 33 25.13 -26.33 4.84
N VAL A 34 23.92 -26.79 5.13
CA VAL A 34 23.73 -27.88 6.09
C VAL A 34 23.13 -29.10 5.39
N ILE A 35 23.94 -30.15 5.23
CA ILE A 35 23.53 -31.35 4.52
C ILE A 35 23.94 -32.57 5.34
N SER A 36 22.96 -33.28 5.90
CA SER A 36 23.25 -34.47 6.68
C SER A 36 22.07 -35.44 6.68
N GLY A 37 22.38 -36.74 6.70
CA GLY A 37 21.33 -37.75 6.76
C GLY A 37 20.78 -38.15 5.41
N ASP A 38 20.21 -39.35 5.36
CA ASP A 38 19.48 -39.82 4.19
C ASP A 38 18.27 -40.63 4.62
N GLY A 39 17.33 -40.83 3.70
CA GLY A 39 16.17 -41.66 3.96
C GLY A 39 14.99 -40.98 4.60
N ALA A 40 14.25 -41.75 5.40
CA ALA A 40 12.95 -41.33 5.90
C ALA A 40 13.12 -40.19 6.89
N MET A 41 12.22 -39.22 6.81
N MET A 41 12.21 -39.21 6.81
CA MET A 41 12.29 -38.06 7.67
CA MET A 41 12.30 -38.02 7.65
C MET A 41 11.59 -38.35 8.98
C MET A 41 11.54 -38.20 8.96
N VAL A 42 12.22 -37.93 10.07
CA VAL A 42 11.59 -37.95 11.37
C VAL A 42 11.83 -36.54 11.93
N ILE A 43 10.76 -35.84 12.28
CA ILE A 43 10.91 -34.45 12.73
C ILE A 43 11.83 -34.37 13.94
N GLY A 44 12.92 -33.63 13.79
CA GLY A 44 13.93 -33.52 14.84
C GLY A 44 15.17 -34.35 14.59
N LYS A 45 15.13 -35.19 13.55
CA LYS A 45 16.25 -36.09 13.27
C LYS A 45 16.66 -36.07 11.81
N GLY A 46 16.16 -35.10 11.06
CA GLY A 46 16.51 -34.97 9.66
C GLY A 46 15.83 -36.00 8.78
N PRO A 47 16.30 -36.20 7.54
CA PRO A 47 17.53 -35.58 7.02
C PRO A 47 17.41 -34.06 6.87
N TYR A 48 18.56 -33.39 6.89
CA TYR A 48 18.60 -31.94 6.75
C TYR A 48 19.21 -31.55 5.42
N ARG A 49 18.54 -30.62 4.73
CA ARG A 49 19.08 -29.99 3.53
C ARG A 49 18.64 -28.54 3.61
N THR A 50 19.38 -27.74 4.37
CA THR A 50 18.95 -26.37 4.61
C THR A 50 20.18 -25.50 4.83
N GLY A 51 19.97 -24.24 5.20
CA GLY A 51 21.10 -23.37 5.45
C GLY A 51 20.67 -21.93 5.58
N VAL A 52 21.63 -21.03 5.53
CA VAL A 52 21.33 -19.60 5.56
C VAL A 52 22.29 -18.85 4.65
N THR A 53 21.79 -17.79 4.00
CA THR A 53 22.62 -16.94 3.17
C THR A 53 22.57 -15.54 3.77
N ILE A 54 23.74 -14.92 3.91
CA ILE A 54 23.84 -13.58 4.49
C ILE A 54 24.31 -12.61 3.42
N ILE A 55 23.65 -11.46 3.35
CA ILE A 55 24.13 -10.36 2.52
C ILE A 55 24.35 -9.14 3.41
N HIS A 56 25.60 -8.66 3.50
CA HIS A 56 25.90 -7.44 4.22
C HIS A 56 25.92 -6.30 3.21
N PRO A 57 24.93 -5.40 3.24
CA PRO A 57 24.87 -4.32 2.23
C PRO A 57 26.16 -3.48 2.16
N LEU A 58 26.76 -3.21 3.31
CA LEU A 58 27.98 -2.39 3.39
C LEU A 58 29.14 -3.13 4.06
N GLY A 59 29.04 -4.46 4.12
CA GLY A 59 30.07 -5.25 4.77
C GLY A 59 29.77 -5.50 6.25
N LYS A 60 30.42 -6.52 6.80
CA LYS A 60 30.06 -7.05 8.12
C LYS A 60 30.38 -6.15 9.30
N THR A 61 31.23 -5.14 9.08
CA THR A 61 31.60 -4.23 10.17
C THR A 61 30.81 -2.92 10.16
N SER A 62 29.85 -2.80 9.25
CA SER A 62 29.07 -1.58 9.13
C SER A 62 27.98 -1.50 10.19
N LEU A 63 27.85 -0.33 10.80
CA LEU A 63 26.76 -0.06 11.74
C LEU A 63 25.70 0.82 11.08
N ASP A 64 25.95 1.21 9.84
CA ASP A 64 25.11 2.19 9.17
C ASP A 64 23.94 1.56 8.42
N GLY A 65 22.93 2.38 8.13
CA GLY A 65 21.79 1.92 7.36
C GLY A 65 21.98 2.13 5.87
N VAL A 66 21.26 1.36 5.05
CA VAL A 66 21.19 1.65 3.62
C VAL A 66 19.76 2.05 3.26
N ALA A 67 19.64 3.01 2.34
CA ALA A 67 18.33 3.36 1.79
C ALA A 67 17.75 2.12 1.10
N ALA A 68 16.45 1.90 1.24
CA ALA A 68 15.87 0.67 0.71
C ALA A 68 14.37 0.82 0.43
N GLY A 69 13.86 0.00 -0.48
CA GLY A 69 12.42 -0.09 -0.72
C GLY A 69 12.12 -1.50 -1.18
N ARG A 70 10.89 -1.94 -1.04
CA ARG A 70 10.53 -3.33 -1.38
C ARG A 70 9.33 -3.41 -2.30
N ALA A 71 9.05 -4.61 -2.77
CA ALA A 71 7.86 -4.88 -3.56
C ALA A 71 7.40 -6.29 -3.23
N VAL A 72 6.10 -6.52 -3.37
CA VAL A 72 5.58 -7.86 -3.16
C VAL A 72 4.96 -8.34 -4.46
N ILE A 73 5.36 -9.52 -4.90
CA ILE A 73 4.70 -10.17 -6.04
C ILE A 73 3.52 -11.01 -5.51
N ASN A 74 3.80 -11.84 -4.51
CA ASN A 74 2.76 -12.58 -3.80
C ASN A 74 3.21 -12.79 -2.34
N GLY A 75 2.41 -12.33 -1.38
CA GLY A 75 2.87 -12.17 -0.01
C GLY A 75 2.76 -13.33 0.96
N THR A 76 2.61 -14.55 0.47
CA THR A 76 2.48 -15.72 1.35
C THR A 76 3.84 -16.24 1.82
N GLY A 77 4.51 -15.47 2.67
CA GLY A 77 5.81 -15.88 3.17
C GLY A 77 6.26 -14.85 4.16
N GLU A 78 7.45 -15.04 4.71
CA GLU A 78 7.93 -14.11 5.73
C GLU A 78 9.18 -13.36 5.30
N TRP A 79 9.21 -12.07 5.63
CA TRP A 79 10.40 -11.24 5.44
C TRP A 79 10.33 -10.16 6.52
N THR A 80 11.14 -10.33 7.56
CA THR A 80 11.15 -9.38 8.67
C THR A 80 11.94 -8.11 8.34
N GLY A 81 11.69 -7.07 9.13
CA GLY A 81 12.32 -5.79 8.92
C GLY A 81 11.68 -4.96 7.82
N MET A 82 10.62 -5.50 7.21
CA MET A 82 10.01 -4.81 6.06
C MET A 82 9.03 -3.69 6.44
N HIS A 83 8.39 -3.81 7.60
CA HIS A 83 7.61 -2.68 8.09
C HIS A 83 8.54 -1.49 8.29
N LEU A 84 9.72 -1.76 8.84
CA LEU A 84 10.72 -0.71 8.99
C LEU A 84 11.09 -0.08 7.64
N VAL A 85 11.38 -0.93 6.66
CA VAL A 85 11.75 -0.45 5.33
C VAL A 85 10.63 0.43 4.74
N ASP A 86 9.38 -0.02 4.87
CA ASP A 86 8.23 0.74 4.36
C ASP A 86 8.12 2.11 5.02
N GLU A 87 8.38 2.15 6.33
CA GLU A 87 8.18 3.37 7.12
C GLU A 87 9.32 4.39 6.97
N VAL A 88 10.55 3.95 7.24
CA VAL A 88 11.64 4.91 7.29
C VAL A 88 12.63 4.81 6.13
N GLY A 89 12.36 3.92 5.17
CA GLY A 89 13.18 3.85 3.97
C GLY A 89 14.61 3.37 4.13
N GLN A 90 14.90 2.65 5.20
CA GLN A 90 16.22 2.06 5.38
C GLN A 90 16.09 0.86 6.29
N PHE A 91 17.13 0.05 6.34
CA PHE A 91 17.25 -1.03 7.33
C PHE A 91 18.71 -1.11 7.79
N LEU A 92 18.90 -1.60 9.00
CA LEU A 92 20.22 -1.77 9.59
C LEU A 92 20.57 -3.24 9.55
N GLY A 93 21.86 -3.56 9.51
CA GLY A 93 22.28 -4.95 9.64
C GLY A 93 22.18 -5.72 8.34
N PRO A 94 22.42 -7.03 8.43
CA PRO A 94 22.49 -7.90 7.26
C PRO A 94 21.10 -8.37 6.80
N ILE A 95 21.03 -8.87 5.58
CA ILE A 95 19.87 -9.61 5.10
C ILE A 95 20.19 -11.09 5.21
N ALA A 96 19.32 -11.85 5.86
CA ALA A 96 19.43 -13.31 5.89
C ALA A 96 18.31 -13.97 5.07
N LEU A 97 18.70 -14.89 4.20
CA LEU A 97 17.75 -15.68 3.42
C LEU A 97 17.89 -17.12 3.88
N THR A 98 16.79 -17.76 4.23
CA THR A 98 16.89 -19.08 4.84
C THR A 98 15.64 -19.94 4.57
N GLY A 99 15.56 -21.10 5.21
CA GLY A 99 14.36 -21.93 5.08
C GLY A 99 13.32 -21.51 6.11
N THR A 100 12.06 -21.76 5.80
CA THR A 100 10.93 -21.32 6.61
C THR A 100 11.05 -21.71 8.08
N GLY A 101 11.50 -22.94 8.35
CA GLY A 101 11.60 -23.42 9.71
C GLY A 101 12.70 -22.75 10.54
N ASN A 102 13.58 -22.00 9.88
CA ASN A 102 14.74 -21.39 10.54
C ASN A 102 14.60 -19.91 10.90
N VAL A 103 13.48 -19.30 10.51
CA VAL A 103 13.32 -17.84 10.66
C VAL A 103 13.57 -17.32 12.09
N GLY A 104 12.88 -17.89 13.07
CA GLY A 104 13.01 -17.47 14.45
C GLY A 104 14.43 -17.66 15.00
N LEU A 105 15.01 -18.81 14.70
CA LEU A 105 16.40 -19.11 15.10
C LEU A 105 17.37 -18.09 14.52
N VAL A 106 17.21 -17.79 13.24
CA VAL A 106 18.11 -16.84 12.57
C VAL A 106 17.93 -15.44 13.15
N HIS A 107 16.67 -15.06 13.38
CA HIS A 107 16.31 -13.74 13.90
C HIS A 107 16.99 -13.52 15.25
N GLN A 108 16.85 -14.47 16.16
CA GLN A 108 17.51 -14.33 17.46
C GLN A 108 19.04 -14.43 17.38
N SER A 109 19.54 -15.31 16.51
CA SER A 109 20.98 -15.46 16.31
C SER A 109 21.64 -14.17 15.83
N MET A 110 20.96 -13.42 14.97
CA MET A 110 21.48 -12.14 14.50
C MET A 110 21.58 -11.10 15.63
N MET A 111 20.61 -11.10 16.53
CA MET A 111 20.70 -10.24 17.72
C MET A 111 21.89 -10.63 18.59
N ASP A 112 22.03 -11.93 18.83
CA ASP A 112 23.12 -12.46 19.64
C ASP A 112 24.46 -12.06 19.04
N TRP A 113 24.58 -12.18 17.72
CA TRP A 113 25.79 -11.81 17.00
C TRP A 113 26.13 -10.33 17.18
N SER A 114 25.10 -9.48 17.10
CA SER A 114 25.28 -8.04 17.30
C SER A 114 25.81 -7.73 18.70
N VAL A 115 25.32 -8.44 19.71
CA VAL A 115 25.77 -8.17 21.08
C VAL A 115 27.28 -8.32 21.19
N GLY A 116 27.83 -9.30 20.48
CA GLY A 116 29.26 -9.52 20.46
C GLY A 116 30.06 -8.55 19.60
N LYS A 117 29.43 -7.97 18.59
CA LYS A 117 30.13 -7.16 17.59
C LYS A 117 29.97 -5.64 17.76
N VAL A 118 28.78 -5.21 18.19
CA VAL A 118 28.39 -3.79 18.16
C VAL A 118 28.60 -3.08 19.50
N PRO A 119 29.01 -1.80 19.45
CA PRO A 119 29.08 -1.04 20.71
C PRO A 119 27.72 -0.93 21.41
N GLU A 120 27.70 -0.85 22.73
CA GLU A 120 26.46 -0.88 23.50
C GLU A 120 25.47 0.21 23.08
N GLU A 121 25.99 1.39 22.78
CA GLU A 121 25.15 2.51 22.38
C GLU A 121 24.45 2.24 21.05
N ALA A 122 24.93 1.25 20.30
CA ALA A 122 24.36 0.96 18.98
C ALA A 122 23.41 -0.24 18.99
N LEU A 123 23.21 -0.85 20.16
CA LEU A 123 22.39 -2.04 20.25
C LEU A 123 20.93 -1.83 19.81
N PHE A 124 20.37 -0.65 20.09
CA PHE A 124 18.99 -0.34 19.71
C PHE A 124 18.79 -0.55 18.21
N SER A 125 19.78 -0.15 17.42
CA SER A 125 19.71 -0.29 15.96
C SER A 125 19.77 -1.74 15.47
N ARG A 126 20.02 -2.69 16.38
CA ARG A 126 20.15 -4.08 16.00
C ARG A 126 18.90 -4.90 16.35
N LEU A 127 17.80 -4.20 16.68
CA LEU A 127 16.61 -4.86 17.22
C LEU A 127 15.60 -5.35 16.17
N LEU A 128 15.80 -4.97 14.91
CA LEU A 128 14.87 -5.37 13.84
C LEU A 128 15.61 -6.08 12.68
N PRO A 129 16.21 -7.24 12.96
CA PRO A 129 16.97 -7.93 11.93
C PRO A 129 16.11 -8.33 10.74
N VAL A 130 16.76 -8.44 9.59
CA VAL A 130 16.06 -8.71 8.34
C VAL A 130 16.26 -10.18 7.94
N VAL A 131 15.17 -10.94 7.98
CA VAL A 131 15.23 -12.38 7.75
C VAL A 131 14.08 -12.80 6.85
N ALA A 132 14.39 -13.51 5.77
CA ALA A 132 13.35 -13.91 4.81
C ALA A 132 13.44 -15.40 4.51
N GLU A 133 12.35 -15.98 4.01
CA GLU A 133 12.32 -17.44 3.82
C GLU A 133 11.69 -17.96 2.54
N THR A 134 12.13 -19.15 2.12
CA THR A 134 11.38 -20.00 1.21
C THR A 134 11.36 -21.41 1.83
N LEU A 135 10.47 -22.28 1.35
CA LEU A 135 10.20 -23.52 2.08
C LEU A 135 10.87 -24.76 1.46
N ASP A 136 11.80 -25.37 2.20
CA ASP A 136 12.53 -26.53 1.69
C ASP A 136 11.89 -27.83 2.16
N ASN A 137 10.56 -27.88 2.11
CA ASN A 137 9.82 -28.97 2.73
C ASN A 137 9.94 -30.35 2.05
N ARG A 138 10.34 -30.39 0.78
CA ARG A 138 10.48 -31.69 0.11
C ARG A 138 11.78 -32.41 0.49
N LEU A 139 12.85 -31.64 0.66
CA LEU A 139 14.19 -32.20 0.80
C LEU A 139 14.72 -32.13 2.24
N ASN A 140 14.04 -31.36 3.08
CA ASN A 140 14.54 -31.01 4.40
C ASN A 140 13.52 -31.25 5.52
N ASP A 141 14.03 -31.61 6.68
CA ASP A 141 13.25 -31.64 7.91
C ASP A 141 13.06 -30.22 8.45
N VAL A 142 12.02 -29.56 7.96
CA VAL A 142 11.77 -28.13 8.21
C VAL A 142 11.70 -27.74 9.69
N PHE A 143 10.95 -28.52 10.46
CA PHE A 143 10.72 -28.24 11.88
C PHE A 143 11.80 -28.83 12.81
N GLY A 144 12.80 -29.51 12.23
CA GLY A 144 13.69 -30.35 13.00
C GLY A 144 14.92 -29.72 13.64
N HIS A 145 15.02 -28.40 13.61
CA HIS A 145 16.12 -27.70 14.29
C HIS A 145 17.50 -28.07 13.74
N GLY A 146 17.59 -28.25 12.43
CA GLY A 146 18.85 -28.58 11.78
C GLY A 146 19.82 -27.42 11.72
N LEU A 147 19.30 -26.19 11.71
CA LEU A 147 20.16 -25.02 11.70
C LEU A 147 20.46 -24.55 13.11
N THR A 148 21.72 -24.24 13.39
CA THR A 148 22.11 -23.81 14.73
C THR A 148 22.59 -22.38 14.71
N ARG A 149 22.68 -21.79 15.90
CA ARG A 149 23.20 -20.44 16.02
C ARG A 149 24.61 -20.37 15.42
N ASP A 150 25.39 -21.43 15.61
CA ASP A 150 26.76 -21.47 15.08
C ASP A 150 26.78 -21.39 13.56
N HIS A 151 25.83 -22.05 12.91
CA HIS A 151 25.71 -21.95 11.44
C HIS A 151 25.48 -20.50 11.05
N VAL A 152 24.62 -19.80 11.79
CA VAL A 152 24.31 -18.42 11.45
C VAL A 152 25.55 -17.55 11.64
N PHE A 153 26.22 -17.70 12.78
CA PHE A 153 27.45 -16.95 13.04
C PHE A 153 28.49 -17.17 11.96
N ALA A 154 28.63 -18.40 11.48
CA ALA A 154 29.61 -18.70 10.46
C ALA A 154 29.34 -17.95 9.16
N ALA A 155 28.06 -17.84 8.81
CA ALA A 155 27.69 -17.17 7.57
C ALA A 155 27.85 -15.66 7.72
N LEU A 156 27.57 -15.16 8.91
CA LEU A 156 27.72 -13.73 9.17
C LEU A 156 29.20 -13.36 9.13
N ASP A 157 30.02 -14.19 9.76
CA ASP A 157 31.46 -13.91 9.89
C ASP A 157 32.26 -14.28 8.63
N GLY A 158 31.76 -15.24 7.85
CA GLY A 158 32.50 -15.74 6.71
C GLY A 158 32.21 -15.02 5.41
N ALA A 159 31.21 -14.14 5.45
CA ALA A 159 30.77 -13.40 4.27
C ALA A 159 31.93 -12.60 3.68
N LYS A 160 31.95 -12.46 2.36
CA LYS A 160 33.00 -11.72 1.70
C LYS A 160 32.55 -11.19 0.35
N GLY A 161 33.33 -10.24 -0.18
CA GLY A 161 33.14 -9.83 -1.55
C GLY A 161 33.62 -10.90 -2.54
N GLY A 162 33.74 -10.54 -3.81
CA GLY A 162 34.23 -11.44 -4.83
C GLY A 162 33.19 -12.40 -5.33
N PRO A 163 33.61 -13.41 -6.12
CA PRO A 163 32.67 -14.38 -6.68
C PRO A 163 31.72 -14.95 -5.62
N VAL A 164 30.45 -15.12 -6.00
CA VAL A 164 29.44 -15.65 -5.08
C VAL A 164 29.09 -17.09 -5.45
N ALA A 165 29.13 -18.01 -4.49
CA ALA A 165 28.78 -19.39 -4.80
C ALA A 165 27.28 -19.48 -5.07
N GLU A 166 26.91 -20.23 -6.10
CA GLU A 166 25.51 -20.38 -6.48
C GLU A 166 25.08 -21.84 -6.33
N GLY A 167 23.79 -22.11 -6.49
CA GLY A 167 23.29 -23.47 -6.49
C GLY A 167 22.75 -23.93 -5.14
N ASN A 168 23.10 -25.16 -4.75
CA ASN A 168 22.62 -25.76 -3.51
C ASN A 168 23.41 -25.32 -2.29
N VAL A 169 23.40 -24.02 -2.02
CA VAL A 169 24.18 -23.47 -0.92
C VAL A 169 23.35 -22.54 -0.04
N GLY A 170 23.78 -22.38 1.21
CA GLY A 170 23.11 -21.45 2.13
C GLY A 170 21.61 -21.66 2.17
N GLY A 171 20.86 -20.58 2.05
CA GLY A 171 19.41 -20.65 2.15
C GLY A 171 18.80 -21.48 1.04
N GLY A 172 19.51 -21.62 -0.08
CA GLY A 172 18.99 -22.29 -1.25
C GLY A 172 19.18 -23.81 -1.26
N THR A 173 19.89 -24.31 -0.26
CA THR A 173 20.37 -25.70 -0.24
C THR A 173 19.30 -26.73 -0.61
N GLY A 174 18.16 -26.66 0.08
CA GLY A 174 17.10 -27.63 -0.14
C GLY A 174 15.93 -27.20 -0.99
N MET A 175 16.13 -26.18 -1.83
CA MET A 175 15.03 -25.63 -2.63
C MET A 175 14.82 -26.28 -3.99
N ILE A 176 13.65 -26.03 -4.55
CA ILE A 176 13.19 -26.61 -5.81
C ILE A 176 12.57 -25.47 -6.63
N ALA A 177 13.02 -25.30 -7.88
CA ALA A 177 12.48 -24.26 -8.77
C ALA A 177 12.17 -24.82 -10.16
N TYR A 178 11.01 -24.45 -10.69
CA TYR A 178 10.52 -24.97 -11.95
C TYR A 178 10.60 -26.49 -12.03
N THR A 179 10.34 -27.15 -10.90
CA THR A 179 10.36 -28.62 -10.83
C THR A 179 11.76 -29.21 -11.07
N PHE A 180 12.75 -28.35 -11.14
CA PHE A 180 14.15 -28.74 -11.15
C PHE A 180 14.76 -28.32 -9.82
N LYS A 181 16.04 -28.61 -9.60
CA LYS A 181 16.65 -28.23 -8.33
C LYS A 181 16.70 -26.70 -8.22
N GLY A 182 16.29 -26.18 -7.07
CA GLY A 182 16.33 -24.74 -6.80
C GLY A 182 17.58 -24.39 -6.03
N GLY A 183 17.72 -23.13 -5.65
CA GLY A 183 18.94 -22.72 -4.98
C GLY A 183 19.19 -21.23 -5.08
N ILE A 184 20.45 -20.85 -5.01
CA ILE A 184 20.87 -19.44 -5.11
C ILE A 184 21.36 -19.15 -6.52
N GLY A 185 20.98 -17.97 -7.04
CA GLY A 185 21.46 -17.50 -8.32
C GLY A 185 21.82 -16.02 -8.21
N THR A 186 22.74 -15.56 -9.05
CA THR A 186 23.08 -14.13 -9.01
C THR A 186 23.55 -13.65 -10.39
N SER A 187 23.41 -12.36 -10.64
CA SER A 187 23.81 -11.75 -11.91
C SER A 187 23.91 -10.25 -11.65
N SER A 188 24.56 -9.51 -12.55
CA SER A 188 24.59 -8.06 -12.44
C SER A 188 24.52 -7.42 -13.80
N ARG A 189 24.23 -6.12 -13.83
CA ARG A 189 24.30 -5.31 -15.03
C ARG A 189 25.00 -4.00 -14.72
N VAL A 190 25.85 -3.56 -15.62
CA VAL A 190 26.38 -2.21 -15.56
C VAL A 190 25.60 -1.42 -16.60
N VAL A 191 24.99 -0.33 -16.16
CA VAL A 191 23.99 0.35 -16.99
C VAL A 191 24.37 1.79 -17.25
N SER A 192 24.21 2.22 -18.49
CA SER A 192 24.61 3.55 -18.92
C SER A 192 23.47 4.55 -18.71
N ALA A 193 23.67 5.44 -17.74
CA ALA A 193 22.72 6.50 -17.44
C ALA A 193 23.36 7.84 -17.77
N GLY A 194 23.33 8.19 -19.05
CA GLY A 194 23.98 9.40 -19.51
C GLY A 194 25.48 9.20 -19.54
N ASP A 195 26.21 10.09 -18.86
CA ASP A 195 27.66 9.96 -18.75
C ASP A 195 28.08 9.19 -17.51
N THR A 196 27.11 8.67 -16.76
CA THR A 196 27.40 7.86 -15.59
C THR A 196 26.93 6.41 -15.81
N ARG A 197 27.74 5.46 -15.36
CA ARG A 197 27.38 4.04 -15.44
C ARG A 197 27.17 3.51 -14.03
N TYR A 198 26.01 2.92 -13.75
CA TYR A 198 25.72 2.39 -12.43
C TYR A 198 25.77 0.88 -12.47
N THR A 199 25.89 0.25 -11.30
CA THR A 199 25.84 -1.19 -11.25
C THR A 199 24.56 -1.62 -10.53
N VAL A 200 23.87 -2.60 -11.11
CA VAL A 200 22.70 -3.22 -10.49
C VAL A 200 23.04 -4.69 -10.32
N GLY A 201 23.04 -5.16 -9.08
CA GLY A 201 23.30 -6.55 -8.79
C GLY A 201 22.09 -7.23 -8.18
N VAL A 202 21.87 -8.49 -8.54
CA VAL A 202 20.71 -9.24 -8.08
C VAL A 202 21.12 -10.62 -7.57
N LEU A 203 20.57 -11.00 -6.42
CA LEU A 203 20.71 -12.38 -5.93
C LEU A 203 19.31 -12.90 -5.63
N VAL A 204 19.06 -14.15 -6.02
CA VAL A 204 17.77 -14.78 -5.76
C VAL A 204 17.96 -16.08 -4.99
N GLN A 205 17.00 -16.38 -4.12
CA GLN A 205 16.84 -17.72 -3.58
C GLN A 205 15.54 -18.24 -4.21
N ALA A 206 15.67 -19.20 -5.15
CA ALA A 206 14.56 -19.64 -5.98
C ALA A 206 13.95 -20.96 -5.52
N ASN A 207 12.64 -20.95 -5.29
CA ASN A 207 11.88 -22.11 -4.83
C ASN A 207 10.49 -22.07 -5.43
N HIS A 208 10.40 -21.54 -6.65
CA HIS A 208 9.14 -21.20 -7.27
C HIS A 208 9.00 -21.83 -8.65
N GLY A 209 7.77 -21.80 -9.18
CA GLY A 209 7.54 -22.08 -10.59
C GLY A 209 7.37 -23.53 -10.96
N ASP A 210 6.86 -23.75 -12.17
CA ASP A 210 6.61 -25.09 -12.70
C ASP A 210 7.40 -25.30 -13.98
N ARG A 211 7.88 -26.53 -14.17
CA ARG A 211 8.63 -26.88 -15.37
C ARG A 211 7.89 -26.55 -16.67
N ASN A 212 6.58 -26.76 -16.69
CA ASN A 212 5.80 -26.54 -17.91
C ASN A 212 5.74 -25.08 -18.33
N ASP A 213 6.03 -24.18 -17.41
CA ASP A 213 5.95 -22.74 -17.67
C ASP A 213 7.31 -22.12 -17.98
N LEU A 214 8.37 -22.79 -17.54
CA LEU A 214 9.72 -22.24 -17.63
C LEU A 214 10.11 -21.79 -19.03
N ARG A 215 10.58 -20.55 -19.13
CA ARG A 215 11.21 -20.06 -20.35
C ARG A 215 12.63 -19.68 -20.05
N ILE A 216 13.55 -20.10 -20.91
CA ILE A 216 14.94 -19.68 -20.81
C ILE A 216 15.24 -19.03 -22.15
N ALA A 217 15.64 -17.76 -22.09
CA ALA A 217 15.83 -16.95 -23.28
C ALA A 217 14.64 -17.07 -24.22
N GLY A 218 13.44 -17.06 -23.64
CA GLY A 218 12.21 -17.10 -24.43
C GLY A 218 11.79 -18.47 -24.92
N VAL A 219 12.64 -19.48 -24.69
CA VAL A 219 12.32 -20.84 -25.12
C VAL A 219 11.57 -21.60 -24.04
N GLN A 220 10.36 -22.07 -24.35
CA GLN A 220 9.59 -22.86 -23.39
C GLN A 220 10.20 -24.26 -23.33
N ILE A 221 11.08 -24.45 -22.36
CA ILE A 221 12.08 -25.51 -22.44
C ILE A 221 11.71 -26.82 -21.74
N GLY A 222 10.65 -26.79 -20.92
CA GLY A 222 10.26 -27.95 -20.14
C GLY A 222 9.94 -29.17 -20.98
N LYS A 223 9.29 -28.94 -22.11
CA LYS A 223 8.91 -30.05 -22.98
C LYS A 223 10.03 -30.47 -23.91
N GLU A 224 11.06 -29.63 -24.00
CA GLU A 224 12.21 -29.92 -24.87
C GLU A 224 13.22 -30.81 -24.16
N ILE A 225 13.21 -30.76 -22.83
CA ILE A 225 14.09 -31.59 -22.01
C ILE A 225 13.47 -32.96 -21.80
N LYS A 226 14.27 -34.00 -21.98
CA LYS A 226 13.78 -35.36 -21.80
C LYS A 226 14.19 -35.88 -20.43
N GLY A 227 13.22 -36.39 -19.68
CA GLY A 227 13.48 -36.95 -18.37
C GLY A 227 13.76 -35.85 -17.35
N ALA A 228 14.46 -36.22 -16.28
CA ALA A 228 14.91 -35.29 -15.25
C ALA A 228 13.79 -34.75 -14.36
N TRP A 229 12.65 -35.43 -14.36
CA TRP A 229 11.57 -35.12 -13.44
C TRP A 229 11.91 -35.65 -12.05
N PRO A 230 11.31 -35.04 -11.00
CA PRO A 230 11.63 -35.47 -9.63
C PRO A 230 11.17 -36.91 -9.37
N GLU A 231 11.81 -37.57 -8.42
CA GLU A 231 11.45 -38.95 -8.09
C GLU A 231 11.30 -39.10 -6.59
N VAL A 232 10.53 -40.09 -6.17
CA VAL A 232 10.57 -40.53 -4.80
C VAL A 232 10.78 -42.04 -4.81
N ASN A 233 11.88 -42.50 -4.22
CA ASN A 233 12.23 -43.91 -4.22
C ASN A 233 12.35 -44.53 -5.62
N GLY A 234 12.87 -43.77 -6.57
CA GLY A 234 13.08 -44.28 -7.92
C GLY A 234 11.85 -44.22 -8.81
N ILE A 235 10.78 -43.62 -8.28
CA ILE A 235 9.54 -43.46 -9.03
C ILE A 235 9.25 -41.99 -9.32
N VAL A 236 8.94 -41.68 -10.58
CA VAL A 236 8.65 -40.30 -10.98
C VAL A 236 7.49 -39.71 -10.18
N ALA A 237 7.69 -38.52 -9.63
CA ALA A 237 6.74 -37.94 -8.70
C ALA A 237 5.98 -36.75 -9.27
N ALA A 238 6.34 -36.34 -10.47
CA ALA A 238 5.65 -35.22 -11.14
C ALA A 238 5.76 -35.35 -12.66
N GLY A 239 4.91 -34.62 -13.37
CA GLY A 239 4.94 -34.63 -14.81
C GLY A 239 4.04 -35.68 -15.43
N PRO A 240 4.10 -35.81 -16.76
CA PRO A 240 3.29 -36.76 -17.54
C PRO A 240 3.50 -38.21 -17.11
N ASP A 241 4.75 -38.58 -16.82
CA ASP A 241 5.08 -39.97 -16.51
C ASP A 241 5.14 -40.26 -15.00
N ALA A 242 4.41 -39.47 -14.22
CA ALA A 242 4.38 -39.65 -12.78
C ALA A 242 3.87 -41.05 -12.43
N GLY A 243 4.57 -41.72 -11.53
CA GLY A 243 4.19 -43.05 -11.10
C GLY A 243 4.98 -44.14 -11.79
N LYS A 244 5.76 -43.77 -12.79
CA LYS A 244 6.56 -44.72 -13.56
C LYS A 244 8.00 -44.72 -13.08
N PRO A 245 8.73 -45.82 -13.36
CA PRO A 245 10.14 -45.92 -12.96
C PRO A 245 11.02 -45.01 -13.81
N SER A 250 7.87 -20.12 -3.78
CA SER A 250 8.41 -18.92 -3.13
C SER A 250 9.73 -18.50 -3.79
N LEU A 251 10.03 -17.19 -3.73
CA LEU A 251 11.18 -16.64 -4.43
C LEU A 251 11.59 -15.34 -3.75
N LEU A 252 12.84 -15.26 -3.34
CA LEU A 252 13.36 -14.05 -2.71
C LEU A 252 14.34 -13.37 -3.66
N ILE A 253 14.11 -12.09 -3.90
CA ILE A 253 14.95 -11.33 -4.81
C ILE A 253 15.56 -10.13 -4.06
N VAL A 254 16.89 -10.08 -4.02
CA VAL A 254 17.58 -8.95 -3.41
C VAL A 254 18.31 -8.15 -4.49
N ILE A 255 18.07 -6.84 -4.51
CA ILE A 255 18.66 -5.95 -5.50
C ILE A 255 19.56 -4.96 -4.79
N ALA A 256 20.82 -4.89 -5.22
CA ALA A 256 21.75 -3.87 -4.75
C ALA A 256 22.08 -2.94 -5.90
N THR A 257 22.25 -1.66 -5.61
CA THR A 257 22.75 -0.76 -6.64
C THR A 257 23.64 0.29 -6.00
N ASP A 258 24.63 0.79 -6.75
CA ASP A 258 25.37 1.96 -6.29
C ASP A 258 24.74 3.27 -6.76
N ALA A 259 23.59 3.19 -7.44
CA ALA A 259 22.85 4.41 -7.77
C ALA A 259 22.39 5.08 -6.48
N PRO A 260 22.55 6.40 -6.38
CA PRO A 260 22.12 7.11 -5.16
C PRO A 260 20.62 7.39 -5.18
N LEU A 261 19.83 6.33 -5.02
CA LEU A 261 18.38 6.44 -5.08
C LEU A 261 17.77 6.71 -3.70
N MET A 262 16.69 7.50 -3.67
CA MET A 262 15.89 7.69 -2.47
C MET A 262 15.03 6.44 -2.22
N PRO A 263 14.52 6.26 -0.98
CA PRO A 263 13.74 5.04 -0.70
C PRO A 263 12.57 4.79 -1.65
N HIS A 264 11.79 5.81 -1.98
CA HIS A 264 10.65 5.59 -2.88
C HIS A 264 11.14 5.18 -4.27
N GLN A 265 12.34 5.60 -4.64
CA GLN A 265 12.89 5.20 -5.94
C GLN A 265 13.33 3.74 -5.92
N LEU A 266 13.80 3.27 -4.78
CA LEU A 266 14.16 1.87 -4.64
C LEU A 266 12.94 0.95 -4.66
N GLU A 267 11.79 1.46 -4.20
CA GLU A 267 10.54 0.70 -4.36
C GLU A 267 10.27 0.47 -5.85
N ARG A 268 10.46 1.51 -6.65
CA ARG A 268 10.30 1.38 -8.10
C ARG A 268 11.22 0.28 -8.66
N MET A 269 12.48 0.26 -8.23
CA MET A 269 13.41 -0.76 -8.64
C MET A 269 12.92 -2.15 -8.26
N ALA A 270 12.47 -2.29 -7.02
CA ALA A 270 11.98 -3.57 -6.54
C ALA A 270 10.76 -4.04 -7.36
N ARG A 271 9.90 -3.11 -7.75
CA ARG A 271 8.72 -3.47 -8.56
C ARG A 271 9.08 -3.93 -9.98
N ARG A 272 10.33 -3.72 -10.39
CA ARG A 272 10.79 -4.21 -11.69
C ARG A 272 11.11 -5.70 -11.67
N ALA A 273 11.34 -6.27 -10.48
CA ALA A 273 11.73 -7.67 -10.41
C ALA A 273 10.68 -8.56 -11.06
N ALA A 274 9.42 -8.23 -10.85
CA ALA A 274 8.31 -9.02 -11.39
C ALA A 274 8.35 -9.19 -12.90
N LEU A 275 8.81 -8.18 -13.63
CA LEU A 275 8.92 -8.28 -15.09
C LEU A 275 10.00 -9.28 -15.53
N GLY A 276 11.11 -9.31 -14.81
CA GLY A 276 12.16 -10.28 -15.00
C GLY A 276 11.70 -11.69 -14.68
N VAL A 277 10.97 -11.84 -13.58
CA VAL A 277 10.34 -13.12 -13.29
C VAL A 277 9.39 -13.48 -14.45
N GLY A 278 8.60 -12.52 -14.89
CA GLY A 278 7.63 -12.75 -15.95
C GLY A 278 8.28 -13.31 -17.21
N ARG A 279 9.47 -12.81 -17.54
CA ARG A 279 10.19 -13.28 -18.73
C ARG A 279 10.42 -14.78 -18.71
N ASN A 280 10.58 -15.34 -17.51
CA ASN A 280 10.92 -16.76 -17.40
C ASN A 280 9.71 -17.67 -17.22
N GLY A 281 8.52 -17.09 -17.29
CA GLY A 281 7.32 -17.87 -17.53
C GLY A 281 6.42 -18.22 -16.37
N SER A 282 6.89 -18.03 -15.13
CA SER A 282 6.05 -18.41 -13.99
C SER A 282 4.88 -17.44 -13.77
N THR A 283 3.91 -17.86 -12.98
CA THR A 283 2.67 -17.09 -12.85
C THR A 283 2.33 -16.74 -11.40
N ALA A 284 3.30 -16.91 -10.51
CA ALA A 284 3.15 -16.66 -9.06
C ALA A 284 2.08 -17.52 -8.41
N GLY A 285 2.49 -18.70 -7.91
CA GLY A 285 1.56 -19.58 -7.25
C GLY A 285 0.89 -18.92 -6.07
N ALA A 286 -0.34 -19.33 -5.81
CA ALA A 286 -1.13 -18.82 -4.70
C ALA A 286 -0.39 -18.89 -3.38
N LEU A 287 0.42 -19.93 -3.20
CA LEU A 287 1.15 -20.10 -1.94
C LEU A 287 2.64 -19.82 -2.08
N SER A 288 3.03 -19.19 -3.18
CA SER A 288 4.43 -18.90 -3.44
C SER A 288 4.76 -17.50 -2.93
N GLY A 289 5.55 -17.42 -1.85
CA GLY A 289 5.88 -16.10 -1.30
C GLY A 289 6.98 -15.49 -2.14
N GLU A 290 6.62 -14.50 -2.96
CA GLU A 290 7.54 -13.93 -3.92
C GLU A 290 7.71 -12.44 -3.62
N PHE A 291 8.94 -12.06 -3.28
CA PHE A 291 9.23 -10.74 -2.72
C PHE A 291 10.52 -10.19 -3.31
N ALA A 292 10.63 -8.86 -3.38
CA ALA A 292 11.90 -8.22 -3.78
C ALA A 292 12.26 -7.05 -2.86
N LEU A 293 13.54 -6.94 -2.56
CA LEU A 293 14.05 -5.86 -1.72
C LEU A 293 15.22 -5.22 -2.43
N ALA A 294 15.20 -3.89 -2.58
CA ALA A 294 16.27 -3.16 -3.26
C ALA A 294 16.92 -2.17 -2.29
N PHE A 295 18.25 -2.09 -2.31
CA PHE A 295 18.93 -1.11 -1.49
C PHE A 295 20.05 -0.44 -2.27
N SER A 296 20.39 0.77 -1.85
CA SER A 296 21.51 1.52 -2.43
C SER A 296 22.71 1.44 -1.49
N THR A 297 23.91 1.31 -2.06
CA THR A 297 25.13 1.31 -1.26
C THR A 297 25.81 2.68 -1.30
N SER A 298 25.21 3.62 -2.02
CA SER A 298 25.75 5.00 -2.03
C SER A 298 24.91 5.96 -1.19
N HIS A 299 23.60 5.72 -1.15
CA HIS A 299 22.73 6.49 -0.28
C HIS A 299 22.70 5.76 1.06
N VAL A 300 23.59 6.15 1.96
CA VAL A 300 23.76 5.46 3.23
C VAL A 300 23.43 6.39 4.38
N ILE A 301 23.03 5.82 5.51
CA ILE A 301 22.64 6.62 6.64
C ILE A 301 23.49 6.27 7.86
N PRO A 302 24.48 7.12 8.16
CA PRO A 302 25.29 6.90 9.36
C PRO A 302 24.39 6.80 10.58
N LEU A 303 24.67 5.81 11.43
CA LEU A 303 23.85 5.59 12.62
C LEU A 303 23.75 6.85 13.46
N GLY A 304 22.52 7.33 13.66
CA GLY A 304 22.27 8.53 14.43
C GLY A 304 22.85 9.81 13.84
N GLY A 305 23.13 9.79 12.54
CA GLY A 305 23.74 10.93 11.89
C GLY A 305 22.96 11.46 10.71
N LYS A 306 23.65 12.22 9.87
CA LYS A 306 23.05 12.84 8.69
C LYS A 306 23.13 11.88 7.52
N PRO A 307 21.99 11.61 6.84
CA PRO A 307 22.04 10.78 5.64
C PRO A 307 23.03 11.31 4.61
N ARG A 308 23.74 10.40 3.98
CA ARG A 308 24.70 10.75 2.94
C ARG A 308 24.10 10.41 1.60
N LEU A 309 23.75 11.45 0.83
CA LEU A 309 23.21 11.28 -0.51
C LEU A 309 24.13 12.02 -1.48
N PRO A 310 25.08 11.28 -2.08
CA PRO A 310 26.21 11.83 -2.87
C PRO A 310 25.78 12.58 -4.11
N ALA A 311 24.66 12.17 -4.67
CA ALA A 311 24.08 12.83 -5.84
C ALA A 311 22.59 12.53 -5.78
N ILE A 312 21.81 13.18 -6.63
CA ILE A 312 20.37 13.04 -6.55
C ILE A 312 19.76 12.87 -7.95
N ILE A 313 18.78 11.99 -8.07
CA ILE A 313 18.24 11.60 -9.36
C ILE A 313 16.76 11.95 -9.45
N ASN A 314 16.35 12.51 -10.59
CA ASN A 314 14.96 12.87 -10.85
C ASN A 314 14.19 11.62 -11.33
N ASP A 315 13.03 11.35 -10.71
CA ASP A 315 12.22 10.19 -11.15
C ASP A 315 11.75 10.28 -12.58
N THR A 316 11.68 11.49 -13.13
CA THR A 316 11.20 11.69 -14.48
C THR A 316 12.36 11.69 -15.50
N ASP A 317 13.59 11.50 -14.99
CA ASP A 317 14.77 11.37 -15.85
C ASP A 317 14.77 9.95 -16.43
N SER A 318 14.09 9.80 -17.56
CA SER A 318 13.90 8.51 -18.22
C SER A 318 15.20 7.83 -18.58
N GLU A 319 16.15 8.60 -19.07
CA GLU A 319 17.43 8.03 -19.48
C GLU A 319 18.08 7.28 -18.31
N THR A 320 18.15 7.94 -17.15
CA THR A 320 18.75 7.34 -15.98
C THR A 320 17.87 6.23 -15.38
N MET A 321 16.60 6.53 -15.12
CA MET A 321 15.73 5.56 -14.46
C MET A 321 15.51 4.30 -15.31
N ASN A 322 15.25 4.47 -16.60
CA ASN A 322 15.05 3.30 -17.46
C ASN A 322 16.31 2.43 -17.56
N ALA A 323 17.48 3.04 -17.52
CA ALA A 323 18.69 2.26 -17.53
C ALA A 323 18.75 1.37 -16.28
N LEU A 324 18.39 1.95 -15.14
CA LEU A 324 18.37 1.22 -13.88
C LEU A 324 17.31 0.12 -13.87
N PHE A 325 16.12 0.45 -14.37
CA PHE A 325 15.01 -0.50 -14.41
C PHE A 325 15.34 -1.69 -15.33
N ARG A 326 15.86 -1.41 -16.50
CA ARG A 326 16.25 -2.44 -17.47
CA ARG A 326 16.25 -2.44 -17.47
C ARG A 326 17.29 -3.36 -16.84
N GLY A 327 18.24 -2.77 -16.11
CA GLY A 327 19.23 -3.52 -15.35
C GLY A 327 18.61 -4.52 -14.39
N VAL A 328 17.60 -4.08 -13.63
CA VAL A 328 16.92 -4.98 -12.68
C VAL A 328 16.25 -6.14 -13.41
N VAL A 329 15.51 -5.84 -14.45
CA VAL A 329 14.80 -6.89 -15.22
C VAL A 329 15.77 -7.93 -15.79
N GLN A 330 16.84 -7.47 -16.44
CA GLN A 330 17.79 -8.37 -17.09
C GLN A 330 18.58 -9.18 -16.07
N ALA A 331 19.03 -8.52 -15.01
CA ALA A 331 19.78 -9.19 -13.95
C ALA A 331 18.92 -10.21 -13.20
N THR A 332 17.65 -9.89 -12.98
CA THR A 332 16.71 -10.82 -12.36
C THR A 332 16.52 -12.03 -13.27
N GLU A 333 16.19 -11.77 -14.55
CA GLU A 333 16.05 -12.84 -15.52
C GLU A 333 17.28 -13.77 -15.51
N GLU A 334 18.47 -13.19 -15.62
CA GLU A 334 19.68 -14.00 -15.64
C GLU A 334 20.00 -14.69 -14.30
N ALA A 335 19.78 -14.00 -13.18
CA ALA A 335 19.98 -14.62 -11.87
C ALA A 335 19.21 -15.93 -11.75
N LEU A 336 17.97 -15.93 -12.25
CA LEU A 336 17.11 -17.10 -12.16
C LEU A 336 17.64 -18.29 -12.97
N VAL A 337 18.18 -18.01 -14.16
CA VAL A 337 18.72 -19.09 -14.99
C VAL A 337 20.04 -19.57 -14.42
N ASN A 338 20.86 -18.63 -13.95
CA ASN A 338 22.12 -18.97 -13.31
C ASN A 338 21.89 -19.89 -12.12
N GLN A 339 20.81 -19.67 -11.37
CA GLN A 339 20.49 -20.54 -10.26
C GLN A 339 20.32 -21.98 -10.74
N LEU A 340 19.46 -22.17 -11.73
CA LEU A 340 19.14 -23.51 -12.24
C LEU A 340 20.40 -24.27 -12.71
N VAL A 341 21.25 -23.57 -13.43
CA VAL A 341 22.49 -24.14 -13.92
C VAL A 341 23.47 -24.49 -12.80
N ALA A 342 23.57 -23.63 -11.79
CA ALA A 342 24.47 -23.90 -10.67
C ALA A 342 24.00 -25.06 -9.78
N SER A 343 22.68 -25.29 -9.75
CA SER A 343 22.11 -26.29 -8.84
C SER A 343 22.21 -27.72 -9.37
N GLU A 344 22.83 -28.59 -8.57
CA GLU A 344 23.01 -29.99 -8.96
C GLU A 344 21.93 -30.91 -8.41
N THR A 345 21.79 -32.07 -9.05
CA THR A 345 20.85 -33.06 -8.59
C THR A 345 21.10 -33.36 -7.10
N MET A 346 20.02 -33.49 -6.34
CA MET A 346 20.13 -33.80 -4.91
C MET A 346 19.06 -34.79 -4.47
N THR A 347 19.45 -35.72 -3.60
CA THR A 347 18.50 -36.58 -2.92
C THR A 347 18.46 -36.19 -1.45
N GLY A 348 17.26 -35.98 -0.91
CA GLY A 348 17.15 -35.55 0.47
C GLY A 348 16.13 -36.32 1.29
N ALA A 349 15.42 -35.61 2.15
CA ALA A 349 14.41 -36.21 3.03
C ALA A 349 13.42 -37.12 2.29
N ASN A 350 13.07 -38.25 2.90
CA ASN A 350 12.12 -39.19 2.32
C ASN A 350 12.52 -39.71 0.94
N ASN A 351 13.82 -39.71 0.67
CA ASN A 351 14.34 -40.14 -0.62
C ASN A 351 13.76 -39.36 -1.80
N ALA A 352 13.37 -38.11 -1.56
CA ALA A 352 12.99 -37.24 -2.66
C ALA A 352 14.23 -36.91 -3.48
N LYS A 353 14.12 -37.00 -4.80
CA LYS A 353 15.27 -36.73 -5.66
C LYS A 353 14.86 -35.67 -6.68
N VAL A 354 15.62 -34.57 -6.71
CA VAL A 354 15.32 -33.48 -7.61
C VAL A 354 16.51 -33.23 -8.51
N TYR A 355 16.29 -33.18 -9.81
CA TYR A 355 17.39 -33.06 -10.78
C TYR A 355 17.76 -31.62 -11.06
N GLY A 356 19.06 -31.36 -11.13
CA GLY A 356 19.55 -30.12 -11.72
C GLY A 356 19.15 -30.13 -13.18
N ILE A 357 18.82 -28.96 -13.72
CA ILE A 357 18.48 -28.90 -15.13
C ILE A 357 19.70 -29.41 -15.92
N PRO A 358 19.48 -30.41 -16.80
CA PRO A 358 20.59 -31.10 -17.47
C PRO A 358 21.41 -30.17 -18.36
N HIS A 359 22.69 -30.02 -18.06
CA HIS A 359 23.56 -29.11 -18.81
C HIS A 359 23.69 -29.48 -20.29
N ASP A 360 23.80 -30.78 -20.57
CA ASP A 360 23.99 -31.22 -21.95
C ASP A 360 22.77 -30.88 -22.81
N GLN A 361 21.58 -31.23 -22.32
CA GLN A 361 20.35 -30.95 -23.06
C GLN A 361 20.13 -29.44 -23.22
N LEU A 362 20.37 -28.68 -22.15
CA LEU A 362 20.21 -27.23 -22.22
C LEU A 362 21.12 -26.63 -23.29
N ALA A 363 22.39 -27.03 -23.28
CA ALA A 363 23.35 -26.49 -24.24
C ALA A 363 22.96 -26.86 -25.67
N ARG A 364 22.48 -28.08 -25.86
CA ARG A 364 22.08 -28.56 -27.18
C ARG A 364 20.87 -27.78 -27.69
N ILE A 365 19.89 -27.56 -26.80
CA ILE A 365 18.72 -26.76 -27.13
C ILE A 365 19.08 -25.32 -27.49
N MET A 366 19.99 -24.72 -26.72
CA MET A 366 20.37 -23.32 -26.94
C MET A 366 21.13 -23.19 -28.25
N LYS A 367 21.92 -24.20 -28.58
CA LYS A 367 22.68 -24.21 -29.83
C LYS A 367 21.73 -24.28 -31.03
N ALA A 368 20.69 -25.10 -30.90
CA ALA A 368 19.72 -25.26 -31.98
C ALA A 368 18.91 -23.98 -32.18
N ARG A 369 18.53 -23.35 -31.08
CA ARG A 369 17.70 -22.14 -31.13
CA ARG A 369 17.70 -22.14 -31.17
C ARG A 369 18.51 -20.91 -31.54
N PHE A 370 19.74 -20.82 -31.03
CA PHE A 370 20.58 -19.64 -31.28
C PHE A 370 21.89 -20.01 -31.97
N PRO A 371 21.82 -20.37 -33.26
CA PRO A 371 23.01 -20.72 -34.06
C PRO A 371 24.06 -19.63 -34.02
N GLY B 1 -7.37 -4.51 40.34
CA GLY B 1 -8.03 -3.46 41.09
C GLY B 1 -9.06 -2.71 40.26
N PRO B 2 -9.20 -1.40 40.49
CA PRO B 2 -10.12 -0.57 39.72
C PRO B 2 -9.71 -0.52 38.26
N ARG B 3 -10.68 -0.44 37.37
CA ARG B 3 -10.38 -0.15 35.97
C ARG B 3 -10.74 1.32 35.75
N ALA B 4 -10.58 1.83 34.53
CA ALA B 4 -10.74 3.26 34.30
C ALA B 4 -12.11 3.79 34.73
N ARG B 5 -13.18 3.08 34.38
CA ARG B 5 -14.53 3.53 34.72
C ARG B 5 -14.72 3.63 36.23
N ASP B 6 -14.04 2.76 36.96
CA ASP B 6 -14.12 2.69 38.42
C ASP B 6 -13.50 3.93 39.09
N LEU B 7 -12.66 4.63 38.35
CA LEU B 7 -12.03 5.85 38.84
C LEU B 7 -12.74 7.10 38.35
N GLY B 8 -13.89 6.90 37.70
CA GLY B 8 -14.71 8.02 37.26
C GLY B 8 -14.41 8.53 35.87
N VAL B 9 -13.59 7.80 35.11
CA VAL B 9 -13.35 8.20 33.72
C VAL B 9 -14.58 7.85 32.88
N PRO B 10 -15.19 8.84 32.21
CA PRO B 10 -16.33 8.55 31.35
C PRO B 10 -15.88 8.13 29.95
N PHE B 11 -16.63 7.23 29.33
CA PHE B 11 -16.42 6.84 27.94
C PHE B 11 -17.78 6.75 27.25
N GLU B 12 -17.78 6.83 25.92
CA GLU B 12 -19.00 6.71 25.12
C GLU B 12 -19.23 5.25 24.70
N GLY B 13 -20.49 4.90 24.46
CA GLY B 13 -20.83 3.57 23.98
C GLY B 13 -21.13 2.55 25.06
N THR B 14 -21.47 1.34 24.64
CA THR B 14 -21.83 0.27 25.56
C THR B 14 -20.80 -0.85 25.56
N PRO B 15 -20.08 -1.03 26.68
CA PRO B 15 -19.09 -2.11 26.72
C PRO B 15 -19.78 -3.47 26.81
N GLY B 16 -19.07 -4.52 26.39
CA GLY B 16 -19.54 -5.88 26.57
C GLY B 16 -19.51 -6.26 28.05
N ALA B 17 -19.98 -7.47 28.34
CA ALA B 17 -20.11 -7.96 29.73
C ALA B 17 -18.79 -7.92 30.49
N LEU B 18 -17.73 -8.34 29.81
CA LEU B 18 -16.39 -8.40 30.40
C LEU B 18 -15.62 -7.10 30.21
N ASN B 19 -16.13 -6.24 29.32
CA ASN B 19 -15.39 -5.08 28.84
C ASN B 19 -13.96 -5.49 28.45
N ALA B 20 -13.87 -6.50 27.59
CA ALA B 20 -12.58 -7.09 27.18
C ALA B 20 -12.69 -7.74 25.80
N ILE B 21 -11.55 -8.00 25.18
CA ILE B 21 -11.53 -8.62 23.85
C ILE B 21 -12.24 -9.97 23.87
N THR B 22 -12.27 -10.60 25.04
CA THR B 22 -12.89 -11.91 25.19
C THR B 22 -14.43 -11.84 25.21
N ASP B 23 -15.00 -10.63 25.18
CA ASP B 23 -16.43 -10.48 24.88
C ASP B 23 -16.78 -11.01 23.48
N VAL B 24 -15.77 -11.12 22.61
CA VAL B 24 -15.96 -11.81 21.34
C VAL B 24 -15.83 -13.31 21.59
N ALA B 25 -16.92 -14.05 21.40
CA ALA B 25 -16.93 -15.45 21.85
C ALA B 25 -15.83 -16.29 21.22
N GLY B 26 -15.23 -17.18 22.01
CA GLY B 26 -14.23 -18.10 21.52
C GLY B 26 -12.80 -17.61 21.54
N VAL B 27 -12.62 -16.30 21.64
CA VAL B 27 -11.26 -15.75 21.77
C VAL B 27 -10.67 -16.14 23.11
N GLU B 28 -9.41 -16.58 23.10
CA GLU B 28 -8.71 -16.89 24.34
C GLU B 28 -7.45 -16.07 24.48
N VAL B 29 -7.16 -15.65 25.69
CA VAL B 29 -5.95 -14.88 25.99
C VAL B 29 -5.15 -15.51 27.12
N GLY B 30 -3.83 -15.55 26.95
CA GLY B 30 -2.96 -16.02 28.00
C GLY B 30 -1.73 -15.15 28.16
N HIS B 31 -1.26 -15.03 29.39
CA HIS B 31 -0.03 -14.29 29.66
C HIS B 31 1.00 -15.16 30.35
N THR B 32 2.27 -15.01 29.98
CA THR B 32 3.36 -15.41 30.88
C THR B 32 4.14 -14.16 31.26
N THR B 33 4.34 -13.98 32.56
CA THR B 33 4.94 -12.75 33.07
C THR B 33 6.26 -13.11 33.75
N VAL B 34 7.35 -12.50 33.29
CA VAL B 34 8.69 -12.83 33.78
C VAL B 34 9.27 -11.64 34.51
N ILE B 35 9.37 -11.76 35.83
CA ILE B 35 9.88 -10.69 36.68
C ILE B 35 10.88 -11.30 37.64
N SER B 36 12.17 -11.06 37.42
CA SER B 36 13.19 -11.55 38.34
C SER B 36 14.42 -10.64 38.33
N GLY B 37 15.13 -10.61 39.45
CA GLY B 37 16.32 -9.79 39.55
C GLY B 37 16.03 -8.34 39.89
N ASP B 38 17.04 -7.67 40.43
CA ASP B 38 16.95 -6.27 40.79
C ASP B 38 18.34 -5.66 40.58
N GLY B 39 18.41 -4.33 40.45
CA GLY B 39 19.68 -3.65 40.39
C GLY B 39 20.25 -3.50 38.99
N ALA B 40 21.58 -3.33 38.91
CA ALA B 40 22.24 -3.03 37.66
C ALA B 40 22.08 -4.13 36.62
N MET B 41 21.83 -3.74 35.38
CA MET B 41 21.65 -4.70 34.30
C MET B 41 22.98 -5.22 33.76
N VAL B 42 23.08 -6.54 33.65
CA VAL B 42 24.17 -7.17 32.93
C VAL B 42 23.55 -8.01 31.83
N ILE B 43 23.92 -7.76 30.58
CA ILE B 43 23.28 -8.45 29.46
C ILE B 43 23.49 -9.95 29.54
N GLY B 44 22.40 -10.70 29.60
CA GLY B 44 22.45 -12.13 29.72
C GLY B 44 22.19 -12.59 31.14
N LYS B 45 22.01 -11.63 32.05
CA LYS B 45 21.79 -11.95 33.46
C LYS B 45 20.60 -11.22 34.08
N GLY B 46 19.97 -10.32 33.34
CA GLY B 46 18.85 -9.56 33.86
C GLY B 46 19.29 -8.24 34.48
N PRO B 47 18.42 -7.58 35.26
CA PRO B 47 17.06 -8.01 35.66
C PRO B 47 16.12 -8.20 34.49
N TYR B 48 15.16 -9.11 34.64
CA TYR B 48 14.17 -9.35 33.60
C TYR B 48 12.80 -8.80 34.02
N ARG B 49 12.22 -8.01 33.12
CA ARG B 49 10.83 -7.56 33.24
C ARG B 49 10.21 -7.69 31.84
N THR B 50 9.81 -8.91 31.48
CA THR B 50 9.32 -9.14 30.12
C THR B 50 8.29 -10.25 30.14
N GLY B 51 7.87 -10.72 28.98
CA GLY B 51 6.87 -11.76 28.94
C GLY B 51 6.28 -11.90 27.57
N VAL B 52 5.15 -12.60 27.50
CA VAL B 52 4.48 -12.79 26.22
C VAL B 52 2.99 -12.89 26.46
N THR B 53 2.21 -12.36 25.52
CA THR B 53 0.76 -12.42 25.58
C THR B 53 0.29 -13.19 24.35
N ILE B 54 -0.60 -14.15 24.55
CA ILE B 54 -1.09 -14.98 23.45
C ILE B 54 -2.57 -14.71 23.25
N ILE B 55 -2.98 -14.50 22.01
CA ILE B 55 -4.41 -14.44 21.66
C ILE B 55 -4.72 -15.54 20.64
N HIS B 56 -5.56 -16.51 21.03
CA HIS B 56 -6.08 -17.50 20.07
C HIS B 56 -7.41 -17.00 19.54
N PRO B 57 -7.46 -16.64 18.24
CA PRO B 57 -8.68 -16.07 17.67
C PRO B 57 -9.90 -16.96 17.81
N LEU B 58 -9.69 -18.27 17.67
CA LEU B 58 -10.79 -19.24 17.69
C LEU B 58 -10.56 -20.30 18.75
N GLY B 59 -9.71 -19.99 19.74
CA GLY B 59 -9.34 -20.96 20.74
C GLY B 59 -8.12 -21.79 20.35
N LYS B 60 -7.43 -22.32 21.37
CA LYS B 60 -6.16 -23.01 21.20
C LYS B 60 -6.24 -24.34 20.45
N THR B 61 -7.43 -24.93 20.35
CA THR B 61 -7.55 -26.19 19.61
C THR B 61 -7.94 -26.00 18.14
N SER B 62 -8.10 -24.77 17.70
CA SER B 62 -8.51 -24.51 16.31
C SER B 62 -7.35 -24.65 15.32
N LEU B 63 -7.61 -25.28 14.18
CA LEU B 63 -6.63 -25.36 13.09
C LEU B 63 -7.01 -24.39 11.97
N ASP B 64 -8.13 -23.70 12.14
CA ASP B 64 -8.70 -22.87 11.07
C ASP B 64 -8.15 -21.44 11.06
N GLY B 65 -8.29 -20.77 9.92
CA GLY B 65 -7.90 -19.39 9.81
C GLY B 65 -9.04 -18.42 10.07
N VAL B 66 -8.69 -17.17 10.38
CA VAL B 66 -9.68 -16.12 10.54
C VAL B 66 -9.43 -15.07 9.46
N ALA B 67 -10.50 -14.53 8.90
CA ALA B 67 -10.36 -13.39 7.99
C ALA B 67 -9.70 -12.28 8.77
N ALA B 68 -8.80 -11.54 8.13
CA ALA B 68 -8.01 -10.52 8.85
C ALA B 68 -7.57 -9.40 7.92
N GLY B 69 -7.32 -8.22 8.50
CA GLY B 69 -6.73 -7.11 7.77
C GLY B 69 -5.99 -6.20 8.75
N ARG B 70 -4.95 -5.52 8.28
CA ARG B 70 -4.14 -4.71 9.20
C ARG B 70 -4.06 -3.25 8.80
N ALA B 71 -3.42 -2.44 9.64
CA ALA B 71 -3.20 -1.05 9.34
C ALA B 71 -1.91 -0.67 10.03
N VAL B 72 -1.18 0.27 9.45
CA VAL B 72 0.05 0.73 10.06
C VAL B 72 -0.09 2.22 10.41
N ILE B 73 0.18 2.56 11.67
CA ILE B 73 0.23 3.95 12.06
C ILE B 73 1.65 4.47 11.87
N ASN B 74 2.61 3.73 12.40
CA ASN B 74 4.03 4.02 12.17
C ASN B 74 4.80 2.72 12.22
N GLY B 75 5.45 2.33 11.11
CA GLY B 75 5.92 0.95 10.99
C GLY B 75 7.30 0.59 11.51
N THR B 76 7.82 1.35 12.47
CA THR B 76 9.14 1.05 13.04
C THR B 76 9.04 -0.02 14.12
N GLY B 77 8.75 -1.24 13.71
CA GLY B 77 8.63 -2.33 14.66
C GLY B 77 8.43 -3.61 13.87
N GLU B 78 8.28 -4.72 14.57
CA GLU B 78 8.07 -6.00 13.90
C GLU B 78 6.70 -6.61 14.20
N TRP B 79 6.09 -7.17 13.17
CA TRP B 79 4.87 -7.96 13.34
C TRP B 79 4.88 -8.97 12.20
N THR B 80 5.16 -10.23 12.52
CA THR B 80 5.28 -11.27 11.50
C THR B 80 3.90 -11.79 11.13
N GLY B 81 3.84 -12.48 9.99
CA GLY B 81 2.58 -12.99 9.46
C GLY B 81 1.76 -11.94 8.74
N MET B 82 2.25 -10.71 8.66
CA MET B 82 1.47 -9.63 8.08
C MET B 82 1.50 -9.57 6.53
N HIS B 83 2.58 -10.01 5.91
CA HIS B 83 2.58 -10.14 4.44
C HIS B 83 1.50 -11.15 4.03
N LEU B 84 1.39 -12.23 4.81
CA LEU B 84 0.35 -13.22 4.58
C LEU B 84 -1.06 -12.61 4.70
N VAL B 85 -1.29 -11.86 5.77
CA VAL B 85 -2.56 -11.16 5.98
C VAL B 85 -2.86 -10.21 4.82
N ASP B 86 -1.84 -9.46 4.40
CA ASP B 86 -2.02 -8.54 3.26
C ASP B 86 -2.40 -9.30 1.99
N GLU B 87 -1.79 -10.46 1.77
CA GLU B 87 -1.96 -11.18 0.52
C GLU B 87 -3.28 -11.95 0.48
N VAL B 88 -3.49 -12.82 1.48
CA VAL B 88 -4.60 -13.77 1.38
C VAL B 88 -5.73 -13.51 2.36
N GLY B 89 -5.62 -12.43 3.14
CA GLY B 89 -6.71 -11.95 3.97
C GLY B 89 -7.04 -12.82 5.17
N GLN B 90 -6.07 -13.62 5.59
CA GLN B 90 -6.28 -14.49 6.75
C GLN B 90 -4.95 -14.86 7.40
N PHE B 91 -5.00 -15.34 8.65
CA PHE B 91 -3.82 -15.92 9.27
C PHE B 91 -4.23 -17.14 10.08
N LEU B 92 -3.27 -18.04 10.26
CA LEU B 92 -3.48 -19.25 11.01
C LEU B 92 -2.77 -19.12 12.36
N GLY B 93 -3.28 -19.80 13.37
CA GLY B 93 -2.59 -19.83 14.64
C GLY B 93 -2.82 -18.61 15.51
N PRO B 94 -2.09 -18.54 16.63
CA PRO B 94 -2.26 -17.49 17.63
C PRO B 94 -1.52 -16.21 17.25
N ILE B 95 -1.95 -15.11 17.84
CA ILE B 95 -1.16 -13.88 17.86
C ILE B 95 -0.30 -13.85 19.12
N ALA B 96 1.00 -13.59 18.98
CA ALA B 96 1.85 -13.39 20.16
C ALA B 96 2.29 -11.93 20.21
N LEU B 97 2.22 -11.34 21.40
CA LEU B 97 2.67 -9.96 21.60
C LEU B 97 3.76 -10.02 22.65
N THR B 98 4.91 -9.44 22.36
CA THR B 98 6.05 -9.66 23.26
C THR B 98 7.03 -8.51 23.23
N GLY B 99 8.18 -8.68 23.91
CA GLY B 99 9.23 -7.69 23.89
C GLY B 99 10.10 -7.90 22.66
N THR B 100 10.69 -6.82 22.16
CA THR B 100 11.49 -6.86 20.93
C THR B 100 12.55 -7.97 20.94
N GLY B 101 13.20 -8.15 22.08
CA GLY B 101 14.28 -9.11 22.18
C GLY B 101 13.84 -10.55 22.07
N ASN B 102 12.53 -10.78 22.24
CA ASN B 102 11.96 -12.13 22.30
C ASN B 102 11.37 -12.63 20.98
N VAL B 103 11.35 -11.79 19.96
CA VAL B 103 10.64 -12.14 18.72
C VAL B 103 11.03 -13.49 18.11
N GLY B 104 12.31 -13.70 17.83
CA GLY B 104 12.77 -14.94 17.24
C GLY B 104 12.51 -16.17 18.09
N LEU B 105 12.79 -16.06 19.38
CA LEU B 105 12.50 -17.16 20.30
C LEU B 105 11.01 -17.55 20.27
N VAL B 106 10.13 -16.55 20.31
CA VAL B 106 8.68 -16.79 20.33
C VAL B 106 8.24 -17.42 19.01
N HIS B 107 8.75 -16.88 17.90
CA HIS B 107 8.45 -17.38 16.55
C HIS B 107 8.77 -18.88 16.43
N GLN B 108 9.99 -19.27 16.81
CA GLN B 108 10.37 -20.68 16.75
C GLN B 108 9.60 -21.53 17.77
N SER B 109 9.38 -20.97 18.95
CA SER B 109 8.66 -21.70 20.00
C SER B 109 7.24 -22.01 19.54
N MET B 110 6.62 -21.11 18.80
CA MET B 110 5.27 -21.35 18.29
C MET B 110 5.27 -22.50 17.29
N MET B 111 6.30 -22.59 16.45
CA MET B 111 6.44 -23.74 15.56
C MET B 111 6.58 -25.03 16.35
N ASP B 112 7.43 -25.02 17.36
CA ASP B 112 7.64 -26.20 18.21
C ASP B 112 6.33 -26.64 18.86
N TRP B 113 5.60 -25.67 19.38
CA TRP B 113 4.32 -25.94 20.03
C TRP B 113 3.35 -26.60 19.05
N SER B 114 3.38 -26.14 17.81
CA SER B 114 2.51 -26.71 16.77
C SER B 114 2.84 -28.17 16.48
N VAL B 115 4.13 -28.51 16.42
CA VAL B 115 4.52 -29.88 16.13
C VAL B 115 3.89 -30.82 17.16
N GLY B 116 3.80 -30.34 18.39
CA GLY B 116 3.23 -31.12 19.48
C GLY B 116 1.72 -31.12 19.60
N LYS B 117 1.05 -30.18 18.93
CA LYS B 117 -0.41 -30.04 19.08
C LYS B 117 -1.20 -30.34 17.80
N VAL B 118 -0.55 -30.19 16.65
CA VAL B 118 -1.25 -30.21 15.36
C VAL B 118 -1.04 -31.52 14.60
N PRO B 119 -2.08 -32.00 13.89
CA PRO B 119 -1.90 -33.17 13.03
C PRO B 119 -0.75 -32.94 12.06
N GLU B 120 0.05 -33.97 11.86
CA GLU B 120 1.22 -33.91 10.98
C GLU B 120 0.88 -33.32 9.60
N GLU B 121 -0.29 -33.69 9.08
CA GLU B 121 -0.70 -33.27 7.75
C GLU B 121 -0.98 -31.78 7.66
N ALA B 122 -1.17 -31.14 8.82
CA ALA B 122 -1.54 -29.74 8.85
C ALA B 122 -0.37 -28.81 9.22
N LEU B 123 0.84 -29.36 9.27
CA LEU B 123 2.00 -28.58 9.73
C LEU B 123 2.36 -27.41 8.79
N PHE B 124 2.08 -27.56 7.51
CA PHE B 124 2.30 -26.49 6.54
C PHE B 124 1.66 -25.17 7.00
N SER B 125 0.46 -25.27 7.58
CA SER B 125 -0.32 -24.10 7.96
C SER B 125 0.26 -23.39 9.18
N ARG B 126 1.27 -23.99 9.80
CA ARG B 126 1.83 -23.45 11.04
C ARG B 126 3.19 -22.80 10.80
N LEU B 127 3.52 -22.57 9.54
CA LEU B 127 4.85 -22.10 9.18
C LEU B 127 5.02 -20.57 9.24
N LEU B 128 3.93 -19.84 9.39
CA LEU B 128 4.01 -18.37 9.41
C LEU B 128 3.40 -17.78 10.68
N PRO B 129 4.00 -18.09 11.84
CA PRO B 129 3.50 -17.59 13.13
C PRO B 129 3.39 -16.08 13.16
N VAL B 130 2.42 -15.58 13.92
CA VAL B 130 2.16 -14.15 14.05
C VAL B 130 2.75 -13.65 15.37
N VAL B 131 3.83 -12.87 15.26
CA VAL B 131 4.55 -12.37 16.45
C VAL B 131 4.83 -10.88 16.30
N ALA B 132 4.52 -10.11 17.33
CA ALA B 132 4.69 -8.65 17.30
C ALA B 132 5.38 -8.17 18.56
N GLU B 133 6.00 -7.00 18.49
CA GLU B 133 6.79 -6.52 19.64
C GLU B 133 6.61 -5.03 19.97
N THR B 134 6.90 -4.71 21.23
CA THR B 134 7.26 -3.35 21.64
C THR B 134 8.50 -3.51 22.53
N LEU B 135 9.22 -2.42 22.81
CA LEU B 135 10.55 -2.54 23.41
C LEU B 135 10.60 -2.18 24.90
N ASP B 136 10.90 -3.17 25.74
CA ASP B 136 10.96 -2.97 27.19
C ASP B 136 12.38 -2.63 27.68
N ASN B 137 13.06 -1.75 26.95
CA ASN B 137 14.49 -1.53 27.18
C ASN B 137 14.85 -0.79 28.48
N ARG B 138 13.93 -0.02 29.05
CA ARG B 138 14.24 0.72 30.29
C ARG B 138 14.17 -0.18 31.51
N LEU B 139 13.28 -1.17 31.47
CA LEU B 139 13.01 -1.98 32.66
C LEU B 139 13.54 -3.40 32.54
N ASN B 140 13.89 -3.81 31.32
CA ASN B 140 14.25 -5.21 31.05
C ASN B 140 15.60 -5.38 30.36
N ASP B 141 16.26 -6.49 30.64
CA ASP B 141 17.45 -6.93 29.92
C ASP B 141 17.02 -7.51 28.59
N VAL B 142 16.80 -6.63 27.61
CA VAL B 142 16.19 -6.98 26.33
C VAL B 142 16.88 -8.13 25.59
N PHE B 143 18.21 -8.08 25.53
CA PHE B 143 19.01 -9.05 24.78
C PHE B 143 19.37 -10.32 25.55
N GLY B 144 18.99 -10.40 26.82
CA GLY B 144 19.56 -11.37 27.74
C GLY B 144 18.90 -12.72 27.87
N HIS B 145 18.02 -13.06 26.93
CA HIS B 145 17.39 -14.38 26.91
C HIS B 145 16.60 -14.70 28.17
N GLY B 146 15.89 -13.72 28.70
CA GLY B 146 15.03 -13.94 29.84
C GLY B 146 13.78 -14.77 29.55
N LEU B 147 13.26 -14.67 28.33
CA LEU B 147 12.10 -15.48 27.95
C LEU B 147 12.52 -16.86 27.43
N THR B 148 11.85 -17.90 27.90
CA THR B 148 12.19 -19.26 27.47
C THR B 148 11.08 -19.88 26.65
N ARG B 149 11.39 -20.98 25.96
CA ARG B 149 10.38 -21.75 25.26
C ARG B 149 9.25 -22.18 26.19
N ASP B 150 9.60 -22.62 27.40
CA ASP B 150 8.60 -22.98 28.41
C ASP B 150 7.63 -21.84 28.75
N HIS B 151 8.15 -20.61 28.83
CA HIS B 151 7.28 -19.46 29.09
C HIS B 151 6.23 -19.32 27.98
N VAL B 152 6.67 -19.53 26.74
CA VAL B 152 5.78 -19.39 25.61
C VAL B 152 4.75 -20.51 25.60
N PHE B 153 5.20 -21.75 25.82
CA PHE B 153 4.28 -22.88 25.91
C PHE B 153 3.20 -22.60 26.96
N ALA B 154 3.61 -22.04 28.08
CA ALA B 154 2.68 -21.84 29.21
C ALA B 154 1.57 -20.87 28.85
N ALA B 155 1.90 -19.84 28.07
CA ALA B 155 0.94 -18.85 27.66
C ALA B 155 0.03 -19.43 26.58
N LEU B 156 0.62 -20.20 25.67
CA LEU B 156 -0.15 -20.88 24.63
C LEU B 156 -1.17 -21.84 25.24
N ASP B 157 -0.72 -22.60 26.23
CA ASP B 157 -1.53 -23.64 26.86
C ASP B 157 -2.49 -23.12 27.93
N GLY B 158 -2.12 -22.03 28.59
CA GLY B 158 -2.91 -21.50 29.69
C GLY B 158 -3.95 -20.48 29.26
N ALA B 159 -3.93 -20.08 27.99
CA ALA B 159 -4.87 -19.09 27.46
C ALA B 159 -6.32 -19.52 27.69
N LYS B 160 -7.20 -18.55 27.95
CA LYS B 160 -8.60 -18.86 28.19
C LYS B 160 -9.51 -17.67 27.91
N GLY B 161 -10.81 -17.93 27.88
CA GLY B 161 -11.80 -16.86 27.80
C GLY B 161 -11.97 -16.22 29.17
N GLY B 162 -13.04 -15.44 29.32
CA GLY B 162 -13.31 -14.73 30.55
C GLY B 162 -12.47 -13.48 30.73
N PRO B 163 -12.45 -12.93 31.95
CA PRO B 163 -11.66 -11.73 32.24
C PRO B 163 -10.20 -11.85 31.82
N VAL B 164 -9.68 -10.76 31.26
CA VAL B 164 -8.30 -10.70 30.82
C VAL B 164 -7.51 -9.87 31.81
N ALA B 165 -6.42 -10.43 32.34
CA ALA B 165 -5.56 -9.64 33.22
C ALA B 165 -4.94 -8.48 32.44
N GLU B 166 -4.92 -7.30 33.06
CA GLU B 166 -4.33 -6.10 32.44
C GLU B 166 -3.14 -5.64 33.26
N GLY B 167 -2.40 -4.68 32.72
CA GLY B 167 -1.31 -4.05 33.45
C GLY B 167 0.04 -4.65 33.15
N ASN B 168 0.82 -4.88 34.20
CA ASN B 168 2.19 -5.36 34.04
C ASN B 168 2.27 -6.88 33.87
N VAL B 169 1.69 -7.37 32.77
CA VAL B 169 1.58 -8.79 32.51
C VAL B 169 1.93 -9.13 31.07
N GLY B 170 2.35 -10.37 30.85
CA GLY B 170 2.63 -10.87 29.52
C GLY B 170 3.62 -10.02 28.77
N GLY B 171 3.32 -9.74 27.51
CA GLY B 171 4.18 -8.90 26.69
C GLY B 171 4.28 -7.47 27.23
N GLY B 172 3.30 -7.03 28.01
CA GLY B 172 3.29 -5.67 28.54
C GLY B 172 4.09 -5.44 29.80
N THR B 173 4.57 -6.53 30.39
CA THR B 173 5.23 -6.49 31.70
C THR B 173 6.19 -5.31 31.93
N GLY B 174 7.15 -5.13 31.04
CA GLY B 174 8.17 -4.10 31.22
C GLY B 174 8.01 -2.83 30.39
N MET B 175 6.78 -2.55 29.96
CA MET B 175 6.53 -1.42 29.08
C MET B 175 6.26 -0.10 29.80
N ILE B 176 6.34 1.00 29.04
CA ILE B 176 6.16 2.35 29.53
C ILE B 176 5.32 3.09 28.52
N ALA B 177 4.23 3.70 28.98
CA ALA B 177 3.34 4.48 28.10
C ALA B 177 3.00 5.86 28.68
N TYR B 178 3.14 6.88 27.85
CA TYR B 178 2.90 8.27 28.24
C TYR B 178 3.73 8.66 29.47
N THR B 179 4.94 8.12 29.55
CA THR B 179 5.86 8.41 30.66
C THR B 179 5.35 7.89 32.00
N PHE B 180 4.29 7.10 31.96
CA PHE B 180 3.83 6.35 33.12
C PHE B 180 4.04 4.86 32.80
N LYS B 181 3.67 3.99 33.73
CA LYS B 181 3.84 2.56 33.49
C LYS B 181 2.94 2.08 32.34
N GLY B 182 3.52 1.36 31.40
CA GLY B 182 2.76 0.82 30.29
C GLY B 182 2.40 -0.63 30.51
N GLY B 183 1.84 -1.28 29.49
CA GLY B 183 1.48 -2.68 29.66
C GLY B 183 0.28 -3.09 28.82
N ILE B 184 -0.56 -3.96 29.37
CA ILE B 184 -1.71 -4.49 28.65
C ILE B 184 -3.01 -3.79 29.06
N GLY B 185 -3.84 -3.46 28.08
CA GLY B 185 -5.17 -2.94 28.34
C GLY B 185 -6.17 -3.58 27.39
N THR B 186 -7.44 -3.62 27.79
CA THR B 186 -8.47 -4.18 26.92
C THR B 186 -9.83 -3.53 27.19
N SER B 187 -10.70 -3.56 26.18
CA SER B 187 -12.04 -2.98 26.30
C SER B 187 -12.87 -3.58 25.17
N SER B 188 -14.19 -3.41 25.23
CA SER B 188 -15.05 -3.86 24.15
C SER B 188 -16.24 -2.93 23.98
N ARG B 189 -16.92 -3.06 22.83
CA ARG B 189 -18.19 -2.39 22.58
C ARG B 189 -19.16 -3.35 21.92
N VAL B 190 -20.40 -3.33 22.39
CA VAL B 190 -21.48 -4.01 21.69
C VAL B 190 -22.17 -2.94 20.86
N VAL B 191 -22.23 -3.16 19.55
CA VAL B 191 -22.71 -2.11 18.65
C VAL B 191 -24.02 -2.55 18.01
N SER B 192 -24.85 -1.57 17.67
CA SER B 192 -26.14 -1.85 17.06
C SER B 192 -26.21 -1.40 15.61
N ALA B 193 -26.58 -2.34 14.73
CA ALA B 193 -26.89 -2.02 13.34
C ALA B 193 -28.28 -2.55 13.00
N GLY B 194 -29.29 -1.72 13.20
CA GLY B 194 -30.67 -2.18 13.06
C GLY B 194 -31.02 -3.21 14.11
N ASP B 195 -31.50 -4.37 13.66
CA ASP B 195 -31.88 -5.45 14.56
C ASP B 195 -30.68 -6.33 14.91
N THR B 196 -29.52 -5.97 14.40
CA THR B 196 -28.33 -6.79 14.58
C THR B 196 -27.37 -6.18 15.59
N ARG B 197 -26.83 -6.99 16.48
CA ARG B 197 -25.79 -6.56 17.40
C ARG B 197 -24.49 -7.29 17.10
N TYR B 198 -23.37 -6.58 17.20
CA TYR B 198 -22.06 -7.19 17.04
C TYR B 198 -21.19 -6.71 18.19
N THR B 199 -20.15 -7.49 18.46
CA THR B 199 -19.16 -7.09 19.45
C THR B 199 -17.84 -6.75 18.78
N VAL B 200 -17.22 -5.66 19.20
CA VAL B 200 -15.87 -5.30 18.81
C VAL B 200 -15.01 -5.30 20.07
N GLY B 201 -14.00 -6.16 20.10
CA GLY B 201 -13.10 -6.25 21.24
C GLY B 201 -11.70 -5.80 20.88
N VAL B 202 -11.05 -5.09 21.78
CA VAL B 202 -9.71 -4.57 21.52
C VAL B 202 -8.78 -4.90 22.68
N LEU B 203 -7.57 -5.31 22.34
CA LEU B 203 -6.52 -5.47 23.33
C LEU B 203 -5.30 -4.70 22.85
N VAL B 204 -4.66 -3.96 23.76
CA VAL B 204 -3.47 -3.22 23.41
C VAL B 204 -2.29 -3.65 24.25
N GLN B 205 -1.12 -3.64 23.63
CA GLN B 205 0.14 -3.61 24.36
C GLN B 205 0.75 -2.22 24.15
N ALA B 206 0.74 -1.42 25.20
CA ALA B 206 1.06 0.00 25.08
C ALA B 206 2.44 0.36 25.62
N ASN B 207 3.26 0.95 24.76
CA ASN B 207 4.62 1.36 25.08
C ASN B 207 4.91 2.68 24.34
N HIS B 208 3.92 3.55 24.27
CA HIS B 208 4.00 4.73 23.40
C HIS B 208 3.61 6.01 24.14
N GLY B 209 3.85 7.15 23.49
CA GLY B 209 3.28 8.42 23.91
C GLY B 209 4.06 9.17 24.98
N ASP B 210 3.80 10.46 25.10
CA ASP B 210 4.42 11.29 26.13
C ASP B 210 3.37 11.83 27.11
N ARG B 211 3.76 11.94 28.38
CA ARG B 211 2.89 12.49 29.41
C ARG B 211 2.30 13.84 29.04
N ASN B 212 3.09 14.69 28.41
CA ASN B 212 2.63 16.03 28.11
C ASN B 212 1.54 16.09 27.02
N ASP B 213 1.37 15.00 26.28
CA ASP B 213 0.34 14.92 25.24
C ASP B 213 -0.89 14.17 25.72
N LEU B 214 -0.74 13.36 26.75
CA LEU B 214 -1.82 12.47 27.19
C LEU B 214 -3.14 13.21 27.45
N ARG B 215 -4.21 12.66 26.87
CA ARG B 215 -5.56 13.10 27.16
C ARG B 215 -6.36 11.92 27.66
N ILE B 216 -7.06 12.11 28.77
CA ILE B 216 -7.98 11.10 29.26
C ILE B 216 -9.36 11.73 29.35
N ALA B 217 -10.31 11.14 28.63
CA ALA B 217 -11.63 11.72 28.48
C ALA B 217 -11.53 13.18 28.02
N GLY B 218 -10.56 13.47 27.15
CA GLY B 218 -10.44 14.80 26.59
C GLY B 218 -9.67 15.78 27.46
N VAL B 219 -9.32 15.37 28.67
CA VAL B 219 -8.58 16.22 29.59
C VAL B 219 -7.07 16.04 29.41
N GLN B 220 -6.36 17.13 29.11
CA GLN B 220 -4.91 17.05 28.96
C GLN B 220 -4.32 16.99 30.36
N ILE B 221 -3.99 15.79 30.79
CA ILE B 221 -3.90 15.50 32.22
C ILE B 221 -2.49 15.48 32.80
N GLY B 222 -1.47 15.44 31.93
CA GLY B 222 -0.09 15.37 32.37
C GLY B 222 0.28 16.48 33.34
N LYS B 223 -0.14 17.70 33.03
CA LYS B 223 0.18 18.85 33.88
C LYS B 223 -0.71 18.94 35.11
N GLU B 224 -1.77 18.14 35.14
CA GLU B 224 -2.71 18.15 36.26
C GLU B 224 -2.24 17.21 37.36
N ILE B 225 -1.42 16.24 36.97
CA ILE B 225 -0.88 15.28 37.91
C ILE B 225 0.42 15.80 38.50
N LYS B 226 0.56 15.66 39.81
CA LYS B 226 1.75 16.13 40.51
C LYS B 226 2.71 14.97 40.78
N GLY B 227 3.96 15.13 40.39
CA GLY B 227 4.96 14.10 40.61
C GLY B 227 4.73 12.88 39.73
N ALA B 228 5.13 11.72 40.22
CA ALA B 228 4.98 10.44 39.50
C ALA B 228 5.81 10.37 38.20
N TRP B 229 6.86 11.17 38.12
CA TRP B 229 7.77 11.08 36.98
C TRP B 229 8.73 9.91 37.17
N PRO B 230 9.24 9.33 36.07
CA PRO B 230 10.15 8.19 36.20
C PRO B 230 11.43 8.56 36.96
N GLU B 231 12.07 7.58 37.57
CA GLU B 231 13.30 7.80 38.32
C GLU B 231 14.33 6.76 37.92
N VAL B 232 15.61 7.12 37.99
CA VAL B 232 16.66 6.14 37.84
C VAL B 232 17.57 6.20 39.05
N ASN B 233 17.57 5.13 39.84
CA ASN B 233 18.40 5.06 41.02
C ASN B 233 18.24 6.27 41.94
N GLY B 234 17.00 6.69 42.17
CA GLY B 234 16.70 7.76 43.10
C GLY B 234 16.65 9.15 42.50
N ILE B 235 16.93 9.24 41.20
CA ILE B 235 17.00 10.54 40.53
C ILE B 235 15.92 10.68 39.46
N VAL B 236 15.14 11.75 39.55
CA VAL B 236 14.10 12.01 38.56
C VAL B 236 14.70 12.00 37.15
N ALA B 237 14.08 11.27 36.24
CA ALA B 237 14.66 11.01 34.92
C ALA B 237 13.99 11.76 33.78
N ALA B 238 12.84 12.36 34.05
CA ALA B 238 12.12 13.10 33.02
C ALA B 238 11.23 14.17 33.64
N GLY B 239 10.79 15.10 32.82
CA GLY B 239 9.92 16.17 33.29
C GLY B 239 10.72 17.34 33.80
N PRO B 240 10.04 18.34 34.40
CA PRO B 240 10.66 19.57 34.88
C PRO B 240 11.78 19.36 35.91
N ASP B 241 11.64 18.35 36.76
CA ASP B 241 12.63 18.10 37.81
C ASP B 241 13.65 17.04 37.42
N ALA B 242 13.84 16.84 36.12
CA ALA B 242 14.81 15.85 35.64
C ALA B 242 16.22 16.24 36.06
N GLY B 243 16.96 15.30 36.63
CA GLY B 243 18.31 15.54 37.10
C GLY B 243 18.40 15.63 38.62
N LYS B 244 17.31 16.06 39.25
CA LYS B 244 17.24 16.19 40.70
C LYS B 244 16.67 14.92 41.35
N PRO B 245 16.87 14.76 42.67
CA PRO B 245 16.35 13.59 43.39
C PRO B 245 14.83 13.62 43.49
N SER B 250 6.13 2.54 20.96
CA SER B 250 5.47 1.49 20.18
C SER B 250 4.12 1.12 20.79
N LEU B 251 3.20 0.62 19.96
CA LEU B 251 1.83 0.32 20.40
C LEU B 251 1.26 -0.78 19.51
N LEU B 252 0.84 -1.90 20.11
CA LEU B 252 0.22 -2.98 19.34
C LEU B 252 -1.27 -3.05 19.64
N ILE B 253 -2.09 -3.04 18.59
CA ILE B 253 -3.55 -3.01 18.77
C ILE B 253 -4.16 -4.21 18.07
N VAL B 254 -4.88 -5.04 18.83
CA VAL B 254 -5.53 -6.20 18.24
C VAL B 254 -7.04 -6.02 18.39
N ILE B 255 -7.74 -6.14 17.27
CA ILE B 255 -9.19 -5.94 17.22
C ILE B 255 -9.83 -7.26 16.82
N ALA B 256 -10.77 -7.74 17.65
CA ALA B 256 -11.56 -8.91 17.29
C ALA B 256 -13.01 -8.48 17.10
N THR B 257 -13.71 -9.10 16.16
CA THR B 257 -15.13 -8.85 16.03
C THR B 257 -15.85 -10.09 15.56
N ASP B 258 -17.09 -10.26 16.02
CA ASP B 258 -17.91 -11.33 15.52
C ASP B 258 -18.70 -10.92 14.29
N ALA B 259 -18.48 -9.69 13.83
CA ALA B 259 -19.10 -9.24 12.58
C ALA B 259 -18.47 -10.03 11.44
N PRO B 260 -19.30 -10.52 10.49
CA PRO B 260 -18.84 -11.32 9.36
C PRO B 260 -18.25 -10.45 8.24
N LEU B 261 -17.09 -9.86 8.52
CA LEU B 261 -16.45 -8.95 7.57
C LEU B 261 -15.45 -9.66 6.66
N MET B 262 -15.35 -9.20 5.42
CA MET B 262 -14.33 -9.68 4.49
C MET B 262 -13.00 -9.01 4.83
N PRO B 263 -11.89 -9.57 4.33
CA PRO B 263 -10.56 -9.03 4.70
C PRO B 263 -10.39 -7.55 4.41
N HIS B 264 -10.78 -7.07 3.23
CA HIS B 264 -10.62 -5.64 2.94
C HIS B 264 -11.46 -4.79 3.91
N GLN B 265 -12.57 -5.34 4.40
CA GLN B 265 -13.36 -4.65 5.40
C GLN B 265 -12.67 -4.59 6.75
N LEU B 266 -11.94 -5.64 7.10
CA LEU B 266 -11.18 -5.66 8.36
C LEU B 266 -10.00 -4.67 8.32
N GLU B 267 -9.44 -4.44 7.13
CA GLU B 267 -8.46 -3.36 6.98
C GLU B 267 -9.07 -2.01 7.38
N ARG B 268 -10.33 -1.79 7.00
CA ARG B 268 -11.00 -0.52 7.31
C ARG B 268 -11.14 -0.43 8.82
N MET B 269 -11.53 -1.55 9.44
CA MET B 269 -11.62 -1.61 10.90
C MET B 269 -10.29 -1.25 11.55
N ALA B 270 -9.21 -1.85 11.05
CA ALA B 270 -7.88 -1.61 11.60
C ALA B 270 -7.48 -0.14 11.46
N ARG B 271 -7.85 0.47 10.33
CA ARG B 271 -7.53 1.88 10.12
C ARG B 271 -8.28 2.83 11.07
N ARG B 272 -9.30 2.33 11.76
CA ARG B 272 -10.01 3.14 12.73
C ARG B 272 -9.26 3.27 14.06
N ALA B 273 -8.36 2.33 14.33
CA ALA B 273 -7.57 2.35 15.57
C ALA B 273 -6.87 3.69 15.78
N ALA B 274 -6.23 4.21 14.73
CA ALA B 274 -5.55 5.51 14.79
C ALA B 274 -6.41 6.65 15.33
N LEU B 275 -7.72 6.64 15.04
CA LEU B 275 -8.59 7.71 15.51
C LEU B 275 -8.76 7.60 17.02
N GLY B 276 -8.91 6.38 17.52
CA GLY B 276 -8.95 6.15 18.97
C GLY B 276 -7.67 6.56 19.68
N VAL B 277 -6.52 6.24 19.07
CA VAL B 277 -5.24 6.68 19.58
C VAL B 277 -5.19 8.20 19.60
N GLY B 278 -5.56 8.80 18.48
CA GLY B 278 -5.64 10.26 18.36
C GLY B 278 -6.43 10.96 19.46
N ARG B 279 -7.56 10.38 19.87
CA ARG B 279 -8.33 10.91 21.00
C ARG B 279 -7.49 11.10 22.26
N ASN B 280 -6.57 10.18 22.50
CA ASN B 280 -5.76 10.22 23.72
C ASN B 280 -4.46 11.01 23.61
N GLY B 281 -4.28 11.72 22.50
CA GLY B 281 -3.29 12.78 22.47
C GLY B 281 -1.92 12.53 21.88
N SER B 282 -1.51 11.27 21.76
CA SER B 282 -0.18 11.00 21.21
C SER B 282 -0.11 11.33 19.72
N THR B 283 1.11 11.48 19.22
CA THR B 283 1.31 11.95 17.85
C THR B 283 2.17 11.00 17.01
N ALA B 284 2.31 9.76 17.49
CA ALA B 284 3.11 8.71 16.84
C ALA B 284 4.58 9.06 16.64
N GLY B 285 5.39 8.73 17.65
CA GLY B 285 6.83 8.97 17.60
C GLY B 285 7.49 8.37 16.38
N ALA B 286 8.55 9.03 15.93
CA ALA B 286 9.32 8.58 14.77
C ALA B 286 9.75 7.14 14.91
N LEU B 287 10.07 6.71 16.13
CA LEU B 287 10.56 5.36 16.35
C LEU B 287 9.56 4.48 17.10
N SER B 288 8.31 4.92 17.16
CA SER B 288 7.25 4.17 17.83
C SER B 288 6.55 3.28 16.81
N GLY B 289 6.73 1.97 16.93
CA GLY B 289 6.10 1.05 16.00
C GLY B 289 4.64 0.85 16.41
N GLU B 290 3.72 1.50 15.72
CA GLU B 290 2.31 1.47 16.08
C GLU B 290 1.51 0.77 14.98
N PHE B 291 0.87 -0.33 15.32
CA PHE B 291 0.25 -1.24 14.34
C PHE B 291 -1.13 -1.67 14.86
N ALA B 292 -2.04 -1.96 13.94
CA ALA B 292 -3.34 -2.54 14.29
C ALA B 292 -3.66 -3.76 13.42
N LEU B 293 -4.15 -4.83 14.04
CA LEU B 293 -4.59 -6.03 13.32
C LEU B 293 -6.00 -6.34 13.74
N ALA B 294 -6.89 -6.54 12.77
CA ALA B 294 -8.28 -6.84 13.06
C ALA B 294 -8.67 -8.18 12.42
N PHE B 295 -9.45 -8.99 13.15
CA PHE B 295 -9.91 -10.26 12.61
C PHE B 295 -11.36 -10.52 12.97
N SER B 296 -12.01 -11.36 12.18
CA SER B 296 -13.39 -11.78 12.42
C SER B 296 -13.39 -13.22 12.91
N THR B 297 -14.26 -13.49 13.89
CA THR B 297 -14.39 -14.83 14.44
C THR B 297 -15.58 -15.56 13.80
N SER B 298 -16.34 -14.85 12.97
CA SER B 298 -17.49 -15.47 12.32
C SER B 298 -17.15 -15.78 10.87
N HIS B 299 -16.27 -14.98 10.28
CA HIS B 299 -15.80 -15.26 8.93
C HIS B 299 -14.53 -16.07 9.07
N VAL B 300 -14.66 -17.39 9.00
CA VAL B 300 -13.56 -18.28 9.32
C VAL B 300 -13.28 -19.20 8.15
N ILE B 301 -12.05 -19.68 8.06
CA ILE B 301 -11.63 -20.49 6.92
C ILE B 301 -11.14 -21.86 7.39
N PRO B 302 -12.02 -22.87 7.32
CA PRO B 302 -11.59 -24.22 7.66
C PRO B 302 -10.35 -24.56 6.87
N LEU B 303 -9.37 -25.15 7.53
CA LEU B 303 -8.11 -25.47 6.89
C LEU B 303 -8.31 -26.36 5.67
N GLY B 304 -7.84 -25.90 4.52
CA GLY B 304 -7.96 -26.66 3.29
C GLY B 304 -9.40 -26.76 2.79
N GLY B 305 -10.29 -25.94 3.34
CA GLY B 305 -11.69 -26.06 3.03
C GLY B 305 -12.32 -24.84 2.39
N LYS B 306 -13.63 -24.77 2.48
CA LYS B 306 -14.39 -23.65 1.95
C LYS B 306 -14.60 -22.58 3.01
N PRO B 307 -14.27 -21.31 2.69
CA PRO B 307 -14.51 -20.27 3.69
C PRO B 307 -15.98 -20.22 4.15
N ARG B 308 -16.16 -19.99 5.45
CA ARG B 308 -17.49 -19.84 6.03
C ARG B 308 -17.80 -18.38 6.28
N LEU B 309 -18.72 -17.84 5.49
CA LEU B 309 -19.13 -16.45 5.64
C LEU B 309 -20.64 -16.45 5.86
N PRO B 310 -21.06 -16.41 7.13
CA PRO B 310 -22.46 -16.69 7.53
C PRO B 310 -23.45 -15.62 7.09
N ALA B 311 -22.97 -14.39 6.98
CA ALA B 311 -23.76 -13.28 6.48
C ALA B 311 -22.77 -12.36 5.77
N ILE B 312 -23.27 -11.37 5.06
CA ILE B 312 -22.38 -10.53 4.28
C ILE B 312 -22.81 -9.08 4.39
N ILE B 313 -21.85 -8.18 4.51
CA ILE B 313 -22.12 -6.77 4.74
C ILE B 313 -21.60 -5.91 3.60
N ASN B 314 -22.42 -4.95 3.17
CA ASN B 314 -22.06 -3.98 2.11
C ASN B 314 -21.23 -2.85 2.73
N ASP B 315 -20.09 -2.54 2.13
CA ASP B 315 -19.24 -1.44 2.61
C ASP B 315 -19.91 -0.08 2.61
N THR B 316 -20.97 0.07 1.81
CA THR B 316 -21.68 1.35 1.73
C THR B 316 -22.85 1.41 2.70
N ASP B 317 -23.04 0.35 3.47
CA ASP B 317 -24.09 0.29 4.49
C ASP B 317 -23.58 1.04 5.71
N SER B 318 -23.81 2.35 5.71
CA SER B 318 -23.29 3.25 6.73
C SER B 318 -23.73 2.86 8.14
N GLU B 319 -25.00 2.53 8.28
CA GLU B 319 -25.53 2.18 9.60
C GLU B 319 -24.71 1.05 10.23
N THR B 320 -24.48 -0.01 9.46
CA THR B 320 -23.73 -1.15 9.97
C THR B 320 -22.25 -0.82 10.12
N MET B 321 -21.62 -0.32 9.06
CA MET B 321 -20.18 -0.04 9.12
C MET B 321 -19.82 1.02 10.14
N ASN B 322 -20.57 2.13 10.18
CA ASN B 322 -20.29 3.18 11.16
C ASN B 322 -20.42 2.67 12.60
N ALA B 323 -21.38 1.78 12.85
CA ALA B 323 -21.54 1.18 14.17
C ALA B 323 -20.26 0.43 14.54
N LEU B 324 -19.75 -0.36 13.60
CA LEU B 324 -18.52 -1.12 13.81
C LEU B 324 -17.30 -0.21 13.96
N PHE B 325 -17.23 0.81 13.11
CA PHE B 325 -16.11 1.76 13.16
C PHE B 325 -16.07 2.52 14.48
N ARG B 326 -17.21 3.05 14.90
CA ARG B 326 -17.31 3.75 16.18
C ARG B 326 -16.91 2.81 17.33
N GLY B 327 -17.33 1.55 17.26
CA GLY B 327 -16.91 0.56 18.23
C GLY B 327 -15.40 0.42 18.37
N VAL B 328 -14.70 0.37 17.22
CA VAL B 328 -13.24 0.31 17.25
C VAL B 328 -12.65 1.55 17.91
N VAL B 329 -13.08 2.73 17.47
CA VAL B 329 -12.54 3.98 18.01
C VAL B 329 -12.72 4.03 19.51
N GLN B 330 -13.94 3.78 19.98
CA GLN B 330 -14.23 3.86 21.43
C GLN B 330 -13.51 2.80 22.24
N ALA B 331 -13.52 1.55 21.78
CA ALA B 331 -12.84 0.49 22.52
C ALA B 331 -11.33 0.69 22.55
N THR B 332 -10.76 1.25 21.49
CA THR B 332 -9.34 1.53 21.47
C THR B 332 -9.05 2.63 22.51
N GLU B 333 -9.83 3.71 22.45
CA GLU B 333 -9.67 4.81 23.40
C GLU B 333 -9.71 4.29 24.85
N GLU B 334 -10.70 3.46 25.16
CA GLU B 334 -10.83 2.93 26.51
C GLU B 334 -9.74 1.90 26.89
N ALA B 335 -9.40 0.99 25.98
CA ALA B 335 -8.35 0.02 26.27
C ALA B 335 -7.04 0.72 26.65
N LEU B 336 -6.74 1.85 26.01
CA LEU B 336 -5.54 2.61 26.34
C LEU B 336 -5.57 3.18 27.76
N VAL B 337 -6.71 3.73 28.18
CA VAL B 337 -6.84 4.23 29.56
C VAL B 337 -6.89 3.06 30.56
N ASN B 338 -7.59 1.99 30.20
CA ASN B 338 -7.62 0.81 31.06
C ASN B 338 -6.24 0.26 31.34
N GLN B 339 -5.36 0.30 30.34
CA GLN B 339 -3.97 -0.11 30.54
C GLN B 339 -3.29 0.72 31.63
N LEU B 340 -3.31 2.04 31.45
CA LEU B 340 -2.67 2.94 32.40
C LEU B 340 -3.13 2.66 33.83
N VAL B 341 -4.43 2.52 34.00
CA VAL B 341 -4.98 2.34 35.34
C VAL B 341 -4.61 0.98 35.93
N ALA B 342 -4.50 -0.03 35.07
CA ALA B 342 -4.18 -1.37 35.54
C ALA B 342 -2.72 -1.53 35.92
N SER B 343 -1.84 -0.76 35.27
CA SER B 343 -0.41 -0.91 35.45
C SER B 343 0.09 -0.26 36.73
N GLU B 344 0.81 -1.03 37.55
CA GLU B 344 1.33 -0.55 38.83
C GLU B 344 2.75 -0.04 38.70
N THR B 345 3.13 0.83 39.62
CA THR B 345 4.51 1.27 39.73
C THR B 345 5.44 0.07 39.74
N MET B 346 6.52 0.16 38.98
CA MET B 346 7.50 -0.92 38.88
C MET B 346 8.92 -0.40 38.90
N THR B 347 9.80 -1.12 39.59
CA THR B 347 11.23 -0.86 39.54
C THR B 347 11.87 -2.05 38.84
N GLY B 348 12.73 -1.78 37.86
CA GLY B 348 13.32 -2.84 37.07
C GLY B 348 14.83 -2.71 36.90
N ALA B 349 15.30 -3.04 35.71
CA ALA B 349 16.73 -3.02 35.41
C ALA B 349 17.36 -1.66 35.71
N ASN B 350 18.59 -1.69 36.23
CA ASN B 350 19.31 -0.47 36.58
C ASN B 350 18.54 0.43 37.54
N ASN B 351 17.64 -0.19 38.31
CA ASN B 351 16.82 0.53 39.27
C ASN B 351 16.01 1.65 38.64
N ALA B 352 15.63 1.49 37.38
CA ALA B 352 14.69 2.40 36.75
C ALA B 352 13.35 2.19 37.42
N LYS B 353 12.67 3.29 37.75
CA LYS B 353 11.37 3.22 38.40
C LYS B 353 10.35 3.99 37.60
N VAL B 354 9.27 3.33 37.20
CA VAL B 354 8.21 3.98 36.45
C VAL B 354 6.89 3.88 37.23
N TYR B 355 6.21 5.01 37.40
CA TYR B 355 4.99 5.04 38.21
C TYR B 355 3.73 4.69 37.42
N GLY B 356 2.87 3.88 38.02
CA GLY B 356 1.52 3.74 37.52
C GLY B 356 0.87 5.11 37.65
N ILE B 357 0.03 5.49 36.70
CA ILE B 357 -0.67 6.77 36.82
C ILE B 357 -1.43 6.77 38.14
N PRO B 358 -1.26 7.82 38.94
CA PRO B 358 -1.83 7.83 40.30
C PRO B 358 -3.35 7.79 40.33
N HIS B 359 -3.90 6.75 40.95
CA HIS B 359 -5.35 6.57 41.00
C HIS B 359 -6.05 7.69 41.77
N ASP B 360 -5.50 8.07 42.92
CA ASP B 360 -6.12 9.13 43.71
C ASP B 360 -6.24 10.44 42.94
N GLN B 361 -5.16 10.84 42.27
CA GLN B 361 -5.15 12.08 41.52
C GLN B 361 -6.07 12.02 40.31
N LEU B 362 -5.99 10.92 39.56
CA LEU B 362 -6.88 10.73 38.41
C LEU B 362 -8.34 10.83 38.81
N ALA B 363 -8.71 10.14 39.89
CA ALA B 363 -10.11 10.17 40.33
C ALA B 363 -10.54 11.59 40.70
N ARG B 364 -9.66 12.33 41.36
CA ARG B 364 -9.95 13.71 41.76
CA ARG B 364 -9.95 13.71 41.76
C ARG B 364 -10.16 14.60 40.54
N ILE B 365 -9.27 14.45 39.56
CA ILE B 365 -9.36 15.23 38.32
C ILE B 365 -10.66 14.90 37.57
N MET B 366 -11.01 13.62 37.46
CA MET B 366 -12.24 13.24 36.79
C MET B 366 -13.48 13.78 37.50
N LYS B 367 -13.48 13.71 38.82
CA LYS B 367 -14.61 14.25 39.61
C LYS B 367 -14.77 15.75 39.41
N ALA B 368 -13.65 16.47 39.39
CA ALA B 368 -13.69 17.92 39.22
C ALA B 368 -14.14 18.30 37.81
N ARG B 369 -13.76 17.49 36.83
N ARG B 369 -13.74 17.50 36.83
CA ARG B 369 -14.07 17.78 35.44
CA ARG B 369 -14.07 17.76 35.43
C ARG B 369 -15.45 17.27 35.05
C ARG B 369 -15.46 17.29 35.08
N PHE B 370 -15.88 16.16 35.66
CA PHE B 370 -17.17 15.57 35.36
C PHE B 370 -18.04 15.38 36.61
N PRO B 371 -18.53 16.49 37.18
CA PRO B 371 -19.40 16.45 38.36
C PRO B 371 -20.72 15.75 38.03
N GLY C 1 -13.28 39.09 11.61
CA GLY C 1 -14.02 38.07 12.33
C GLY C 1 -13.10 37.23 13.20
N PRO C 2 -13.61 36.80 14.36
CA PRO C 2 -12.84 35.97 15.29
C PRO C 2 -12.53 34.60 14.67
N ARG C 3 -11.37 34.05 15.00
CA ARG C 3 -11.05 32.67 14.68
C ARG C 3 -11.17 31.89 15.98
N ALA C 4 -10.89 30.59 15.97
CA ALA C 4 -11.11 29.77 17.17
C ALA C 4 -10.43 30.32 18.44
N ARG C 5 -9.17 30.72 18.34
CA ARG C 5 -8.45 31.23 19.49
C ARG C 5 -9.14 32.47 20.07
N ASP C 6 -9.76 33.26 19.21
CA ASP C 6 -10.38 34.51 19.63
C ASP C 6 -11.63 34.27 20.46
N LEU C 7 -12.20 33.06 20.35
CA LEU C 7 -13.38 32.70 21.13
C LEU C 7 -12.98 31.95 22.39
N GLY C 8 -11.68 31.86 22.64
CA GLY C 8 -11.19 31.29 23.88
C GLY C 8 -10.88 29.80 23.81
N VAL C 9 -10.86 29.26 22.60
CA VAL C 9 -10.46 27.87 22.42
C VAL C 9 -8.95 27.75 22.54
N PRO C 10 -8.46 26.97 23.50
CA PRO C 10 -7.02 26.77 23.64
C PRO C 10 -6.48 25.68 22.73
N PHE C 11 -5.26 25.85 22.24
CA PHE C 11 -4.58 24.81 21.45
C PHE C 11 -3.14 24.71 21.92
N GLU C 12 -2.53 23.57 21.67
CA GLU C 12 -1.12 23.35 22.00
C GLU C 12 -0.21 23.77 20.85
N GLY C 13 1.01 24.17 21.18
CA GLY C 13 2.00 24.52 20.18
C GLY C 13 2.01 25.99 19.84
N THR C 14 2.85 26.37 18.88
CA THR C 14 3.06 27.77 18.53
C THR C 14 2.61 28.00 17.08
N PRO C 15 1.56 28.82 16.89
CA PRO C 15 1.10 29.10 15.53
C PRO C 15 2.06 30.04 14.80
N GLY C 16 2.06 29.97 13.47
CA GLY C 16 2.82 30.92 12.67
C GLY C 16 2.14 32.27 12.72
N ALA C 17 2.77 33.27 12.09
CA ALA C 17 2.27 34.65 12.07
C ALA C 17 0.84 34.78 11.57
N LEU C 18 0.52 34.07 10.49
CA LEU C 18 -0.78 34.14 9.86
C LEU C 18 -1.70 33.05 10.38
N ASN C 19 -1.13 32.12 11.15
CA ASN C 19 -1.82 30.89 11.54
C ASN C 19 -2.55 30.29 10.33
N ALA C 20 -1.79 30.03 9.26
CA ALA C 20 -2.36 29.54 8.01
C ALA C 20 -1.32 28.81 7.17
N ILE C 21 -1.80 28.09 6.16
CA ILE C 21 -0.89 27.34 5.30
C ILE C 21 0.11 28.26 4.62
N THR C 22 -0.26 29.52 4.42
CA THR C 22 0.61 30.50 3.77
C THR C 22 1.78 30.98 4.65
N ASP C 23 1.80 30.57 5.91
CA ASP C 23 3.00 30.74 6.74
C ASP C 23 4.19 29.99 6.16
N VAL C 24 3.91 28.97 5.36
CA VAL C 24 4.96 28.36 4.55
C VAL C 24 5.24 29.26 3.35
N ALA C 25 6.43 29.86 3.32
CA ALA C 25 6.74 30.86 2.29
C ALA C 25 6.53 30.36 0.87
N GLY C 26 5.92 31.21 0.04
CA GLY C 26 5.75 30.90 -1.37
C GLY C 26 4.45 30.21 -1.74
N VAL C 27 3.77 29.64 -0.76
CA VAL C 27 2.45 29.04 -1.00
C VAL C 27 1.41 30.12 -1.27
N GLU C 28 0.59 29.92 -2.30
CA GLU C 28 -0.51 30.84 -2.60
C GLU C 28 -1.82 30.09 -2.56
N VAL C 29 -2.87 30.78 -2.12
CA VAL C 29 -4.22 30.20 -2.08
C VAL C 29 -5.22 31.13 -2.76
N GLY C 30 -6.11 30.57 -3.58
CA GLY C 30 -7.16 31.35 -4.17
C GLY C 30 -8.48 30.63 -4.03
N HIS C 31 -9.56 31.39 -3.91
CA HIS C 31 -10.91 30.82 -3.86
C HIS C 31 -11.77 31.46 -4.93
N THR C 32 -12.61 30.67 -5.57
CA THR C 32 -13.78 31.21 -6.24
C THR C 32 -15.01 30.64 -5.55
N THR C 33 -15.91 31.53 -5.16
CA THR C 33 -17.08 31.14 -4.37
C THR C 33 -18.32 31.39 -5.21
N VAL C 34 -19.11 30.34 -5.45
CA VAL C 34 -20.28 30.46 -6.30
C VAL C 34 -21.55 30.28 -5.50
N ILE C 35 -22.29 31.37 -5.31
CA ILE C 35 -23.51 31.38 -4.52
C ILE C 35 -24.59 32.12 -5.28
N SER C 36 -25.58 31.38 -5.77
CA SER C 36 -26.70 32.00 -6.47
C SER C 36 -27.93 31.11 -6.40
N GLY C 37 -29.11 31.73 -6.55
CA GLY C 37 -30.37 31.01 -6.49
C GLY C 37 -30.81 30.73 -5.07
N ASP C 38 -32.12 30.52 -4.92
CA ASP C 38 -32.73 30.12 -3.66
C ASP C 38 -33.87 29.16 -3.96
N GLY C 39 -34.38 28.48 -2.94
CA GLY C 39 -35.55 27.64 -3.09
C GLY C 39 -35.27 26.25 -3.64
N ALA C 40 -36.29 25.65 -4.24
CA ALA C 40 -36.23 24.25 -4.65
C ALA C 40 -35.15 24.01 -5.70
N MET C 41 -34.45 22.88 -5.57
CA MET C 41 -33.43 22.52 -6.53
C MET C 41 -34.03 21.89 -7.77
N VAL C 42 -33.55 22.34 -8.92
CA VAL C 42 -33.82 21.66 -10.18
C VAL C 42 -32.48 21.43 -10.88
N ILE C 43 -32.12 20.17 -11.11
CA ILE C 43 -30.81 19.85 -11.66
C ILE C 43 -30.53 20.61 -12.95
N GLY C 44 -29.47 21.40 -12.94
CA GLY C 44 -29.10 22.22 -14.08
C GLY C 44 -29.49 23.66 -13.91
N LYS C 45 -30.18 23.96 -12.80
CA LYS C 45 -30.67 25.31 -12.56
C LYS C 45 -30.33 25.85 -11.16
N GLY C 46 -29.68 25.03 -10.34
CA GLY C 46 -29.36 25.46 -9.00
C GLY C 46 -30.52 25.21 -8.05
N PRO C 47 -30.48 25.83 -6.85
CA PRO C 47 -29.50 26.80 -6.36
C PRO C 47 -28.08 26.26 -6.31
N TYR C 48 -27.11 27.15 -6.50
CA TYR C 48 -25.70 26.77 -6.44
C TYR C 48 -25.09 27.31 -5.16
N ARG C 49 -24.39 26.43 -4.44
CA ARG C 49 -23.53 26.80 -3.33
C ARG C 49 -22.27 25.94 -3.44
N THR C 50 -21.34 26.38 -4.26
CA THR C 50 -20.16 25.56 -4.55
C THR C 50 -18.98 26.47 -4.88
N GLY C 51 -17.91 25.88 -5.39
CA GLY C 51 -16.76 26.67 -5.80
C GLY C 51 -15.51 25.83 -5.89
N VAL C 52 -14.36 26.49 -5.88
CA VAL C 52 -13.09 25.81 -5.97
C VAL C 52 -12.03 26.59 -5.21
N THR C 53 -11.16 25.85 -4.54
CA THR C 53 -10.03 26.42 -3.83
C THR C 53 -8.76 25.94 -4.51
N ILE C 54 -7.84 26.85 -4.79
CA ILE C 54 -6.59 26.52 -5.42
C ILE C 54 -5.44 26.77 -4.45
N ILE C 55 -4.51 25.81 -4.39
CA ILE C 55 -3.25 25.99 -3.66
C ILE C 55 -2.07 25.80 -4.64
N HIS C 56 -1.28 26.86 -4.83
CA HIS C 56 -0.06 26.79 -5.62
C HIS C 56 1.08 26.55 -4.63
N PRO C 57 1.68 25.35 -4.65
CA PRO C 57 2.75 25.01 -3.69
C PRO C 57 3.91 25.99 -3.75
N LEU C 58 4.25 26.43 -4.95
CA LEU C 58 5.41 27.30 -5.15
C LEU C 58 5.02 28.60 -5.85
N GLY C 59 3.73 28.93 -5.82
CA GLY C 59 3.25 30.12 -6.51
C GLY C 59 2.78 29.81 -7.93
N LYS C 60 1.93 30.68 -8.46
CA LYS C 60 1.26 30.40 -9.73
C LYS C 60 2.19 30.41 -10.95
N THR C 61 3.38 30.98 -10.81
CA THR C 61 4.29 31.03 -11.96
C THR C 61 5.33 29.90 -12.00
N SER C 62 5.27 28.99 -11.04
CA SER C 62 6.25 27.92 -10.97
C SER C 62 5.93 26.78 -11.94
N LEU C 63 6.95 26.29 -12.64
CA LEU C 63 6.80 25.10 -13.48
C LEU C 63 7.34 23.85 -12.80
N ASP C 64 7.84 24.03 -11.58
CA ASP C 64 8.60 22.98 -10.91
C ASP C 64 7.73 22.07 -10.06
N GLY C 65 8.26 20.90 -9.72
CA GLY C 65 7.52 19.98 -8.87
C GLY C 65 7.88 20.18 -7.42
N VAL C 66 7.01 19.71 -6.52
CA VAL C 66 7.35 19.65 -5.11
C VAL C 66 7.38 18.18 -4.68
N ALA C 67 8.32 17.83 -3.80
CA ALA C 67 8.30 16.51 -3.18
C ALA C 67 6.99 16.34 -2.41
N ALA C 68 6.41 15.15 -2.45
CA ALA C 68 5.07 14.92 -1.90
C ALA C 68 4.83 13.47 -1.48
N GLY C 69 3.91 13.28 -0.53
CA GLY C 69 3.44 11.94 -0.16
C GLY C 69 2.04 12.06 0.41
N ARG C 70 1.23 11.01 0.32
CA ARG C 70 -0.16 11.12 0.80
C ARG C 70 -0.51 10.05 1.80
N ALA C 71 -1.73 10.13 2.31
CA ALA C 71 -2.26 9.11 3.19
C ALA C 71 -3.77 9.06 3.01
N VAL C 72 -4.33 7.87 3.18
CA VAL C 72 -5.77 7.73 3.10
C VAL C 72 -6.31 7.31 4.45
N ILE C 73 -7.27 8.08 4.96
CA ILE C 73 -8.01 7.72 6.19
C ILE C 73 -9.18 6.81 5.79
N ASN C 74 -9.95 7.27 4.82
CA ASN C 74 -11.04 6.48 4.22
C ASN C 74 -11.22 6.91 2.77
N GLY C 75 -11.07 5.98 1.83
CA GLY C 75 -10.88 6.34 0.43
C GLY C 75 -12.10 6.50 -0.47
N THR C 76 -13.28 6.71 0.11
CA THR C 76 -14.49 6.89 -0.70
C THR C 76 -14.61 8.32 -1.22
N GLY C 77 -13.76 8.66 -2.18
CA GLY C 77 -13.76 9.99 -2.74
C GLY C 77 -12.70 10.06 -3.82
N GLU C 78 -12.59 11.21 -4.47
CA GLU C 78 -11.62 11.35 -5.56
C GLU C 78 -10.52 12.35 -5.24
N TRP C 79 -9.31 12.00 -5.68
CA TRP C 79 -8.17 12.91 -5.60
C TRP C 79 -7.22 12.48 -6.71
N THR C 80 -7.14 13.28 -7.77
CA THR C 80 -6.34 12.91 -8.93
C THR C 80 -4.90 13.34 -8.72
N GLY C 81 -4.01 12.79 -9.55
CA GLY C 81 -2.58 13.05 -9.44
C GLY C 81 -1.92 12.22 -8.34
N MET C 82 -2.70 11.41 -7.65
CA MET C 82 -2.19 10.69 -6.49
C MET C 82 -1.42 9.40 -6.84
N HIS C 83 -1.76 8.77 -7.96
CA HIS C 83 -0.94 7.65 -8.43
C HIS C 83 0.44 8.17 -8.78
N LEU C 84 0.48 9.35 -9.37
CA LEU C 84 1.76 10.01 -9.66
C LEU C 84 2.56 10.25 -8.38
N VAL C 85 1.91 10.83 -7.37
CA VAL C 85 2.57 11.12 -6.09
C VAL C 85 3.11 9.82 -5.49
N ASP C 86 2.31 8.76 -5.51
CA ASP C 86 2.74 7.47 -4.98
C ASP C 86 3.96 6.91 -5.71
N GLU C 87 4.00 7.09 -7.02
CA GLU C 87 5.07 6.50 -7.83
C GLU C 87 6.36 7.28 -7.78
N VAL C 88 6.29 8.58 -8.10
CA VAL C 88 7.52 9.36 -8.26
C VAL C 88 7.78 10.40 -7.17
N GLY C 89 6.89 10.46 -6.18
CA GLY C 89 7.14 11.28 -5.00
C GLY C 89 7.09 12.78 -5.24
N GLN C 90 6.34 13.20 -6.24
CA GLN C 90 6.20 14.62 -6.55
C GLN C 90 4.95 14.83 -7.40
N PHE C 91 4.47 16.08 -7.45
CA PHE C 91 3.43 16.46 -8.40
C PHE C 91 3.74 17.84 -8.95
N LEU C 92 3.25 18.10 -10.16
CA LEU C 92 3.38 19.39 -10.83
C LEU C 92 2.05 20.16 -10.75
N GLY C 93 2.13 21.48 -10.77
CA GLY C 93 0.93 22.29 -10.84
C GLY C 93 0.24 22.48 -9.50
N PRO C 94 -0.95 23.11 -9.52
CA PRO C 94 -1.70 23.44 -8.32
C PRO C 94 -2.53 22.27 -7.79
N ILE C 95 -2.87 22.35 -6.50
CA ILE C 95 -3.91 21.53 -5.92
C ILE C 95 -5.26 22.24 -6.04
N ALA C 96 -6.26 21.55 -6.58
CA ALA C 96 -7.62 22.08 -6.59
C ALA C 96 -8.50 21.28 -5.65
N LEU C 97 -9.20 21.99 -4.76
CA LEU C 97 -10.19 21.37 -3.88
C LEU C 97 -11.58 21.87 -4.26
N THR C 98 -12.51 20.95 -4.48
CA THR C 98 -13.79 21.38 -5.05
C THR C 98 -14.95 20.48 -4.64
N GLY C 99 -16.10 20.68 -5.25
CA GLY C 99 -17.27 19.83 -5.00
C GLY C 99 -17.23 18.65 -5.96
N THR C 100 -17.77 17.52 -5.51
CA THR C 100 -17.75 16.28 -6.27
C THR C 100 -18.18 16.44 -7.73
N GLY C 101 -19.24 17.22 -7.95
CA GLY C 101 -19.77 17.41 -9.29
C GLY C 101 -18.87 18.20 -10.22
N ASN C 102 -17.85 18.86 -9.67
CA ASN C 102 -16.98 19.75 -10.44
C ASN C 102 -15.66 19.14 -10.89
N VAL C 103 -15.39 17.90 -10.49
CA VAL C 103 -14.05 17.33 -10.66
C VAL C 103 -13.55 17.35 -12.11
N GLY C 104 -14.34 16.82 -13.05
CA GLY C 104 -13.95 16.77 -14.44
C GLY C 104 -13.77 18.15 -15.05
N LEU C 105 -14.70 19.04 -14.74
CA LEU C 105 -14.60 20.42 -15.24
C LEU C 105 -13.30 21.08 -14.77
N VAL C 106 -13.01 20.94 -13.48
CA VAL C 106 -11.82 21.54 -12.90
C VAL C 106 -10.54 20.94 -13.52
N HIS C 107 -10.53 19.62 -13.68
CA HIS C 107 -9.41 18.88 -14.25
C HIS C 107 -9.05 19.41 -15.65
N GLN C 108 -10.06 19.49 -16.53
CA GLN C 108 -9.83 19.99 -17.88
C GLN C 108 -9.52 21.49 -17.89
N SER C 109 -10.16 22.25 -17.00
CA SER C 109 -9.91 23.69 -16.94
C SER C 109 -8.46 23.94 -16.53
N MET C 110 -7.92 23.11 -15.66
CA MET C 110 -6.52 23.30 -15.26
C MET C 110 -5.59 23.05 -16.45
N MET C 111 -5.95 22.09 -17.29
CA MET C 111 -5.22 21.87 -18.53
C MET C 111 -5.29 23.07 -19.48
N ASP C 112 -6.49 23.58 -19.70
CA ASP C 112 -6.70 24.78 -20.53
C ASP C 112 -5.88 25.96 -20.01
N TRP C 113 -5.89 26.14 -18.69
CA TRP C 113 -5.12 27.22 -18.05
C TRP C 113 -3.62 27.07 -18.32
N SER C 114 -3.11 25.85 -18.26
CA SER C 114 -1.70 25.59 -18.55
C SER C 114 -1.33 25.94 -19.99
N VAL C 115 -2.19 25.60 -20.94
CA VAL C 115 -1.89 25.92 -22.34
C VAL C 115 -1.65 27.41 -22.51
N GLY C 116 -2.41 28.23 -21.79
CA GLY C 116 -2.24 29.67 -21.88
C GLY C 116 -1.17 30.26 -20.98
N LYS C 117 -0.52 29.45 -20.16
CA LYS C 117 0.47 29.99 -19.21
C LYS C 117 1.88 29.42 -19.39
N VAL C 118 1.94 28.14 -19.78
CA VAL C 118 3.17 27.38 -19.76
C VAL C 118 3.84 27.28 -21.12
N PRO C 119 5.18 27.35 -21.16
CA PRO C 119 5.90 27.14 -22.42
C PRO C 119 5.47 25.81 -23.04
N GLU C 120 5.31 25.76 -24.36
CA GLU C 120 4.75 24.56 -24.98
C GLU C 120 5.64 23.33 -24.74
N GLU C 121 6.94 23.57 -24.64
CA GLU C 121 7.90 22.52 -24.38
C GLU C 121 7.64 21.82 -23.04
N ALA C 122 6.95 22.52 -22.14
CA ALA C 122 6.68 22.00 -20.81
C ALA C 122 5.26 21.45 -20.61
N LEU C 123 4.48 21.35 -21.67
CA LEU C 123 3.07 20.97 -21.53
C LEU C 123 2.88 19.55 -21.02
N PHE C 124 3.82 18.67 -21.36
CA PHE C 124 3.77 17.29 -20.89
C PHE C 124 3.59 17.23 -19.36
N SER C 125 4.26 18.14 -18.66
CA SER C 125 4.23 18.19 -17.18
C SER C 125 2.89 18.64 -16.61
N ARG C 126 1.99 19.14 -17.45
CA ARG C 126 0.70 19.65 -16.98
C ARG C 126 -0.43 18.68 -17.29
N LEU C 127 -0.10 17.42 -17.59
CA LEU C 127 -1.10 16.44 -18.01
C LEU C 127 -1.76 15.67 -16.86
N LEU C 128 -1.25 15.82 -15.65
CA LEU C 128 -1.82 15.10 -14.52
C LEU C 128 -2.22 16.05 -13.38
N PRO C 129 -3.19 16.94 -13.65
CA PRO C 129 -3.70 17.90 -12.66
C PRO C 129 -4.18 17.21 -11.39
N VAL C 130 -4.00 17.92 -10.28
CA VAL C 130 -4.35 17.42 -8.95
C VAL C 130 -5.67 18.05 -8.50
N VAL C 131 -6.72 17.24 -8.48
CA VAL C 131 -8.06 17.72 -8.16
C VAL C 131 -8.73 16.80 -7.15
N ALA C 132 -9.30 17.38 -6.10
CA ALA C 132 -9.93 16.61 -5.03
C ALA C 132 -11.31 17.16 -4.66
N GLU C 133 -12.14 16.31 -4.06
CA GLU C 133 -13.53 16.69 -3.80
C GLU C 133 -14.08 16.27 -2.45
N THR C 134 -15.08 17.02 -2.00
CA THR C 134 -16.05 16.57 -1.00
C THR C 134 -17.44 16.92 -1.56
N LEU C 135 -18.50 16.37 -0.98
CA LEU C 135 -19.82 16.48 -1.60
C LEU C 135 -20.77 17.53 -0.97
N ASP C 136 -21.10 18.56 -1.74
CA ASP C 136 -21.99 19.62 -1.26
C ASP C 136 -23.46 19.37 -1.64
N ASN C 137 -23.92 18.13 -1.48
CA ASN C 137 -25.24 17.73 -1.98
C ASN C 137 -26.47 18.27 -1.22
N ARG C 138 -26.30 18.69 0.03
CA ARG C 138 -27.45 19.22 0.78
C ARG C 138 -27.73 20.67 0.42
N LEU C 139 -26.69 21.42 0.08
CA LEU C 139 -26.82 22.84 -0.12
C LEU C 139 -26.67 23.25 -1.59
N ASN C 140 -26.18 22.34 -2.42
CA ASN C 140 -25.81 22.67 -3.80
C ASN C 140 -26.43 21.75 -4.86
N ASP C 141 -26.71 22.31 -6.03
CA ASP C 141 -27.08 21.52 -7.21
C ASP C 141 -25.82 20.86 -7.78
N VAL C 142 -25.44 19.72 -7.21
CA VAL C 142 -24.19 19.05 -7.54
C VAL C 142 -23.98 18.78 -9.04
N PHE C 143 -24.99 18.24 -9.71
CA PHE C 143 -24.88 17.88 -11.12
C PHE C 143 -25.16 19.01 -12.11
N GLY C 144 -25.49 20.20 -11.58
CA GLY C 144 -26.08 21.25 -12.41
C GLY C 144 -25.17 22.20 -13.16
N HIS C 145 -23.87 21.88 -13.20
CA HIS C 145 -22.89 22.67 -13.95
C HIS C 145 -22.83 24.12 -13.49
N GLY C 146 -22.84 24.33 -12.18
CA GLY C 146 -22.75 25.66 -11.62
C GLY C 146 -21.35 26.25 -11.65
N LEU C 147 -20.34 25.39 -11.70
CA LEU C 147 -18.96 25.88 -11.79
C LEU C 147 -18.53 25.97 -13.26
N THR C 148 -17.90 27.09 -13.62
CA THR C 148 -17.46 27.31 -15.00
C THR C 148 -15.94 27.33 -15.06
N ARG C 149 -15.41 27.18 -16.27
CA ARG C 149 -13.98 27.32 -16.49
C ARG C 149 -13.48 28.69 -16.04
N ASP C 150 -14.25 29.74 -16.31
CA ASP C 150 -13.91 31.08 -15.83
C ASP C 150 -13.74 31.12 -14.31
N HIS C 151 -14.65 30.48 -13.59
CA HIS C 151 -14.50 30.38 -12.13
C HIS C 151 -13.15 29.79 -11.73
N VAL C 152 -12.75 28.72 -12.42
CA VAL C 152 -11.50 28.04 -12.12
C VAL C 152 -10.31 28.93 -12.44
N PHE C 153 -10.32 29.54 -13.62
CA PHE C 153 -9.27 30.49 -13.99
C PHE C 153 -9.13 31.60 -12.94
N ALA C 154 -10.25 32.11 -12.46
CA ALA C 154 -10.19 33.23 -11.50
C ALA C 154 -9.49 32.82 -10.21
N ALA C 155 -9.72 31.58 -9.79
CA ALA C 155 -9.09 31.06 -8.57
C ALA C 155 -7.60 30.82 -8.79
N LEU C 156 -7.26 30.28 -9.95
CA LEU C 156 -5.86 30.04 -10.32
C LEU C 156 -5.09 31.35 -10.41
N ASP C 157 -5.69 32.32 -11.09
CA ASP C 157 -5.04 33.62 -11.32
C ASP C 157 -5.05 34.54 -10.11
N GLY C 158 -6.08 34.41 -9.27
CA GLY C 158 -6.24 35.27 -8.13
C GLY C 158 -5.53 34.82 -6.86
N ALA C 159 -5.04 33.59 -6.85
CA ALA C 159 -4.38 33.04 -5.67
C ALA C 159 -3.27 33.97 -5.20
N LYS C 160 -3.08 34.04 -3.89
CA LYS C 160 -2.01 34.87 -3.32
C LYS C 160 -1.56 34.36 -1.97
N GLY C 161 -0.39 34.83 -1.54
CA GLY C 161 0.07 34.59 -0.17
C GLY C 161 -0.73 35.43 0.82
N GLY C 162 -0.22 35.52 2.04
CA GLY C 162 -0.87 36.30 3.08
C GLY C 162 -2.05 35.57 3.70
N PRO C 163 -2.88 36.30 4.46
CA PRO C 163 -4.05 35.72 5.14
C PRO C 163 -4.98 34.94 4.20
N VAL C 164 -5.41 33.76 4.65
CA VAL C 164 -6.29 32.90 3.88
C VAL C 164 -7.73 33.02 4.36
N ALA C 165 -8.66 33.32 3.46
CA ALA C 165 -10.06 33.38 3.83
C ALA C 165 -10.54 31.98 4.23
N GLU C 166 -11.31 31.90 5.31
CA GLU C 166 -11.85 30.62 5.78
C GLU C 166 -13.37 30.61 5.69
N GLY C 167 -13.98 29.46 5.94
CA GLY C 167 -15.43 29.38 6.05
C GLY C 167 -16.11 28.97 4.76
N ASN C 168 -17.18 29.68 4.40
CA ASN C 168 -18.01 29.30 3.26
C ASN C 168 -17.45 29.82 1.95
N VAL C 169 -16.24 29.40 1.62
CA VAL C 169 -15.52 29.91 0.46
C VAL C 169 -14.91 28.80 -0.38
N GLY C 170 -14.68 29.09 -1.67
CA GLY C 170 -14.06 28.16 -2.58
C GLY C 170 -14.70 26.78 -2.58
N GLY C 171 -13.86 25.75 -2.51
CA GLY C 171 -14.36 24.38 -2.46
C GLY C 171 -15.24 24.12 -1.25
N GLY C 172 -15.09 24.91 -0.20
CA GLY C 172 -15.80 24.66 1.04
C GLY C 172 -17.20 25.28 1.12
N THR C 173 -17.54 26.09 0.12
CA THR C 173 -18.74 26.93 0.14
C THR C 173 -20.01 26.22 0.60
N GLY C 174 -20.30 25.05 0.04
CA GLY C 174 -21.54 24.34 0.33
C GLY C 174 -21.41 23.15 1.25
N MET C 175 -20.36 23.10 2.06
CA MET C 175 -20.07 21.92 2.88
C MET C 175 -20.67 21.95 4.29
N ILE C 176 -20.73 20.77 4.90
CA ILE C 176 -21.32 20.57 6.22
C ILE C 176 -20.39 19.69 7.05
N ALA C 177 -20.01 20.17 8.23
CA ALA C 177 -19.11 19.41 9.10
C ALA C 177 -19.64 19.34 10.53
N TYR C 178 -19.67 18.12 11.08
CA TYR C 178 -20.18 17.87 12.43
C TYR C 178 -21.60 18.40 12.62
N THR C 179 -22.41 18.30 11.57
CA THR C 179 -23.80 18.75 11.57
C THR C 179 -23.92 20.28 11.76
N PHE C 180 -22.79 20.97 11.70
CA PHE C 180 -22.76 22.43 11.62
C PHE C 180 -22.27 22.81 10.22
N LYS C 181 -22.22 24.11 9.94
CA LYS C 181 -21.74 24.53 8.63
C LYS C 181 -20.26 24.15 8.44
N GLY C 182 -19.95 23.51 7.31
CA GLY C 182 -18.58 23.14 6.97
C GLY C 182 -17.93 24.18 6.07
N GLY C 183 -16.78 23.84 5.50
CA GLY C 183 -16.05 24.80 4.67
C GLY C 183 -14.55 24.68 4.78
N ILE C 184 -13.85 25.81 4.67
CA ILE C 184 -12.39 25.86 4.69
C ILE C 184 -11.86 26.29 6.05
N GLY C 185 -10.82 25.61 6.53
CA GLY C 185 -10.12 26.01 7.73
C GLY C 185 -8.61 25.91 7.51
N THR C 186 -7.84 26.71 8.24
CA THR C 186 -6.39 26.64 8.12
C THR C 186 -5.71 26.98 9.44
N SER C 187 -4.51 26.43 9.63
CA SER C 187 -3.72 26.67 10.84
C SER C 187 -2.28 26.36 10.50
N SER C 188 -1.36 26.80 11.37
CA SER C 188 0.05 26.46 11.16
C SER C 188 0.73 26.27 12.49
N ARG C 189 1.90 25.65 12.45
CA ARG C 189 2.77 25.49 13.61
C ARG C 189 4.20 25.77 13.20
N VAL C 190 4.90 26.55 14.01
CA VAL C 190 6.33 26.72 13.91
C VAL C 190 6.93 25.79 14.94
N VAL C 191 7.79 24.88 14.49
CA VAL C 191 8.29 23.81 15.35
C VAL C 191 9.80 23.87 15.51
N SER C 192 10.29 23.43 16.66
CA SER C 192 11.71 23.44 16.95
C SER C 192 12.35 22.08 16.79
N ALA C 193 13.32 22.00 15.88
CA ALA C 193 14.14 20.81 15.70
C ALA C 193 15.59 21.17 15.98
N GLY C 194 15.98 21.11 17.26
CA GLY C 194 17.32 21.49 17.66
C GLY C 194 17.55 22.98 17.49
N ASP C 195 18.53 23.33 16.65
CA ASP C 195 18.84 24.73 16.39
C ASP C 195 18.11 25.26 15.16
N THR C 196 17.23 24.44 14.59
CA THR C 196 16.49 24.81 13.39
C THR C 196 14.99 24.91 13.67
N ARG C 197 14.31 25.82 12.97
CA ARG C 197 12.86 25.93 13.04
C ARG C 197 12.23 25.62 11.68
N TYR C 198 11.10 24.92 11.70
CA TYR C 198 10.37 24.67 10.47
C TYR C 198 8.91 25.08 10.67
N THR C 199 8.22 25.33 9.57
CA THR C 199 6.79 25.59 9.61
C THR C 199 6.00 24.47 8.96
N VAL C 200 4.92 24.10 9.62
CA VAL C 200 3.99 23.11 9.11
C VAL C 200 2.65 23.83 8.95
N GLY C 201 2.16 23.93 7.72
CA GLY C 201 0.89 24.59 7.45
C GLY C 201 -0.14 23.59 6.98
N VAL C 202 -1.37 23.75 7.44
CA VAL C 202 -2.47 22.86 7.06
C VAL C 202 -3.68 23.64 6.60
N LEU C 203 -4.29 23.18 5.52
CA LEU C 203 -5.57 23.70 5.10
C LEU C 203 -6.52 22.53 4.93
N VAL C 204 -7.74 22.68 5.41
CA VAL C 204 -8.75 21.63 5.26
C VAL C 204 -9.97 22.09 4.50
N GLN C 205 -10.57 21.17 3.76
CA GLN C 205 -11.93 21.34 3.28
C GLN C 205 -12.77 20.30 4.00
N ALA C 206 -13.59 20.77 4.95
CA ALA C 206 -14.27 19.90 5.90
C ALA C 206 -15.76 19.68 5.58
N ASN C 207 -16.12 18.41 5.40
CA ASN C 207 -17.48 18.00 5.08
C ASN C 207 -17.77 16.67 5.77
N HIS C 208 -17.26 16.53 6.99
CA HIS C 208 -17.27 15.24 7.67
C HIS C 208 -17.78 15.34 9.10
N GLY C 209 -18.02 14.18 9.72
CA GLY C 209 -18.21 14.12 11.16
C GLY C 209 -19.64 14.36 11.62
N ASP C 210 -19.92 14.00 12.87
CA ASP C 210 -21.25 14.18 13.46
C ASP C 210 -21.16 15.06 14.69
N ARG C 211 -22.18 15.88 14.90
CA ARG C 211 -22.25 16.79 16.04
C ARG C 211 -22.05 16.08 17.38
N ASN C 212 -22.61 14.88 17.51
CA ASN C 212 -22.54 14.17 18.78
C ASN C 212 -21.16 13.60 19.13
N ASP C 213 -20.24 13.62 18.15
CA ASP C 213 -18.89 13.14 18.38
C ASP C 213 -17.89 14.29 18.53
N LEU C 214 -18.27 15.46 18.04
CA LEU C 214 -17.35 16.59 18.01
C LEU C 214 -16.72 16.88 19.37
N ARG C 215 -15.39 16.99 19.38
CA ARG C 215 -14.68 17.50 20.54
C ARG C 215 -13.92 18.75 20.13
N ILE C 216 -14.04 19.80 20.93
CA ILE C 216 -13.23 20.99 20.74
C ILE C 216 -12.41 21.20 22.00
N ALA C 217 -11.09 21.24 21.85
CA ALA C 217 -10.19 21.21 23.00
C ALA C 217 -10.55 20.09 23.98
N GLY C 218 -10.92 18.93 23.45
CA GLY C 218 -11.19 17.79 24.31
C GLY C 218 -12.60 17.78 24.90
N VAL C 219 -13.35 18.85 24.66
CA VAL C 219 -14.71 18.96 25.19
C VAL C 219 -15.73 18.41 24.20
N GLN C 220 -16.48 17.39 24.62
CA GLN C 220 -17.51 16.84 23.75
C GLN C 220 -18.66 17.83 23.76
N ILE C 221 -18.75 18.62 22.69
CA ILE C 221 -19.45 19.90 22.80
C ILE C 221 -20.85 19.92 22.21
N GLY C 222 -21.17 18.94 21.38
CA GLY C 222 -22.44 18.94 20.67
C GLY C 222 -23.64 19.01 21.59
N LYS C 223 -23.55 18.32 22.72
CA LYS C 223 -24.63 18.29 23.70
C LYS C 223 -24.65 19.54 24.59
N GLU C 224 -23.57 20.31 24.59
CA GLU C 224 -23.50 21.53 25.38
C GLU C 224 -24.10 22.71 24.63
N ILE C 225 -24.11 22.62 23.30
CA ILE C 225 -24.73 23.65 22.49
C ILE C 225 -26.23 23.42 22.39
N LYS C 226 -26.99 24.49 22.54
CA LYS C 226 -28.45 24.43 22.46
C LYS C 226 -28.92 24.90 21.09
N GLY C 227 -29.82 24.15 20.48
CA GLY C 227 -30.34 24.50 19.18
C GLY C 227 -29.27 24.40 18.10
N ALA C 228 -29.41 25.18 17.04
CA ALA C 228 -28.46 25.21 15.92
C ALA C 228 -28.40 23.91 15.10
N TRP C 229 -29.42 23.07 15.24
CA TRP C 229 -29.55 21.89 14.40
C TRP C 229 -30.02 22.30 13.01
N PRO C 230 -29.65 21.53 11.98
CA PRO C 230 -30.03 21.90 10.61
C PRO C 230 -31.53 21.89 10.42
N GLU C 231 -32.02 22.65 9.45
CA GLU C 231 -33.44 22.70 9.15
C GLU C 231 -33.64 22.52 7.65
N VAL C 232 -34.80 22.01 7.27
CA VAL C 232 -35.19 21.98 5.88
C VAL C 232 -36.58 22.61 5.74
N ASN C 233 -36.62 23.75 5.07
CA ASN C 233 -37.88 24.48 4.85
C ASN C 233 -38.67 24.72 6.14
N GLY C 234 -37.96 24.99 7.24
CA GLY C 234 -38.60 25.32 8.50
C GLY C 234 -38.64 24.19 9.52
N ILE C 235 -38.42 22.96 9.07
CA ILE C 235 -38.51 21.78 9.93
C ILE C 235 -37.14 21.22 10.32
N VAL C 236 -36.88 21.12 11.62
CA VAL C 236 -35.63 20.58 12.11
C VAL C 236 -35.34 19.23 11.45
N ALA C 237 -34.14 19.09 10.88
CA ALA C 237 -33.82 17.96 10.02
C ALA C 237 -32.92 16.92 10.68
N ALA C 238 -32.43 17.21 11.87
CA ALA C 238 -31.57 16.27 12.59
C ALA C 238 -31.56 16.56 14.09
N GLY C 239 -31.03 15.63 14.87
CA GLY C 239 -30.97 15.79 16.31
C GLY C 239 -32.23 15.25 16.97
N PRO C 240 -32.41 15.54 18.26
CA PRO C 240 -33.56 15.03 19.03
C PRO C 240 -34.90 15.58 18.54
N ASP C 241 -34.91 16.81 18.04
CA ASP C 241 -36.15 17.46 17.62
C ASP C 241 -36.41 17.30 16.12
N ALA C 242 -35.69 16.37 15.50
CA ALA C 242 -35.84 16.14 14.07
C ALA C 242 -37.29 15.82 13.72
N GLY C 243 -37.86 16.61 12.80
CA GLY C 243 -39.25 16.44 12.40
C GLY C 243 -40.13 17.55 12.92
N LYS C 244 -39.73 18.16 14.04
CA LYS C 244 -40.47 19.27 14.63
C LYS C 244 -40.11 20.57 13.93
N PRO C 245 -40.86 21.65 14.21
CA PRO C 245 -40.54 22.99 13.69
C PRO C 245 -39.39 23.63 14.47
N SER C 250 -16.80 13.53 4.15
CA SER C 250 -15.50 13.65 3.47
C SER C 250 -14.69 14.81 4.03
N LEU C 251 -13.37 14.72 3.89
CA LEU C 251 -12.46 15.70 4.47
C LEU C 251 -11.15 15.67 3.71
N LEU C 252 -10.74 16.81 3.18
CA LEU C 252 -9.47 16.93 2.45
C LEU C 252 -8.49 17.74 3.29
N ILE C 253 -7.30 17.19 3.52
CA ILE C 253 -6.31 17.84 4.37
C ILE C 253 -5.04 18.05 3.55
N VAL C 254 -4.62 19.29 3.41
CA VAL C 254 -3.39 19.61 2.69
C VAL C 254 -2.37 20.15 3.68
N ILE C 255 -1.18 19.56 3.66
CA ILE C 255 -0.08 19.89 4.55
C ILE C 255 1.08 20.40 3.72
N ALA C 256 1.54 21.62 4.05
CA ALA C 256 2.74 22.20 3.46
C ALA C 256 3.78 22.33 4.55
N THR C 257 5.04 22.12 4.19
CA THR C 257 6.14 22.37 5.12
C THR C 257 7.37 22.84 4.37
N ASP C 258 8.15 23.71 5.00
CA ASP C 258 9.45 24.05 4.43
C ASP C 258 10.57 23.11 4.90
N ALA C 259 10.22 22.07 5.66
CA ALA C 259 11.19 21.06 6.03
C ALA C 259 11.60 20.34 4.74
N PRO C 260 12.91 20.13 4.54
CA PRO C 260 13.40 19.46 3.32
C PRO C 260 13.24 17.95 3.43
N LEU C 261 12.00 17.50 3.34
CA LEU C 261 11.69 16.08 3.49
C LEU C 261 11.64 15.33 2.15
N MET C 262 12.04 14.07 2.18
CA MET C 262 11.94 13.17 1.03
C MET C 262 10.51 12.65 0.91
N PRO C 263 10.14 12.15 -0.28
CA PRO C 263 8.76 11.71 -0.47
C PRO C 263 8.25 10.73 0.60
N HIS C 264 9.03 9.70 0.92
CA HIS C 264 8.55 8.73 1.89
C HIS C 264 8.37 9.38 3.27
N GLN C 265 9.14 10.43 3.53
CA GLN C 265 9.00 11.13 4.80
C GLN C 265 7.74 11.97 4.84
N LEU C 266 7.33 12.47 3.66
CA LEU C 266 6.10 13.24 3.55
C LEU C 266 4.88 12.34 3.67
N GLU C 267 5.03 11.07 3.27
CA GLU C 267 3.96 10.10 3.57
C GLU C 267 3.75 10.00 5.08
N ARG C 268 4.86 9.98 5.83
CA ARG C 268 4.77 9.89 7.29
C ARG C 268 4.03 11.11 7.82
N MET C 269 4.39 12.29 7.32
CA MET C 269 3.68 13.53 7.68
C MET C 269 2.17 13.39 7.41
N ALA C 270 1.82 12.93 6.22
CA ALA C 270 0.41 12.76 5.86
C ALA C 270 -0.34 11.83 6.83
N ARG C 271 0.33 10.76 7.24
CA ARG C 271 -0.27 9.78 8.13
C ARG C 271 -0.51 10.31 9.55
N ARG C 272 0.08 11.46 9.89
CA ARG C 272 -0.19 12.09 11.17
C ARG C 272 -1.54 12.84 11.20
N ALA C 273 -2.06 13.18 10.03
CA ALA C 273 -3.32 13.93 9.95
C ALA C 273 -4.45 13.22 10.71
N ALA C 274 -4.53 11.90 10.54
CA ALA C 274 -5.56 11.10 11.21
C ALA C 274 -5.57 11.29 12.71
N LEU C 275 -4.40 11.50 13.31
CA LEU C 275 -4.35 11.68 14.75
C LEU C 275 -4.99 13.02 15.16
N GLY C 276 -4.75 14.07 14.37
CA GLY C 276 -5.38 15.37 14.60
C GLY C 276 -6.89 15.29 14.42
N VAL C 277 -7.32 14.57 13.39
CA VAL C 277 -8.74 14.32 13.19
C VAL C 277 -9.30 13.58 14.41
N GLY C 278 -8.59 12.54 14.83
CA GLY C 278 -8.98 11.75 15.98
C GLY C 278 -9.22 12.56 17.26
N ARG C 279 -8.36 13.54 17.50
CA ARG C 279 -8.53 14.45 18.65
C ARG C 279 -9.91 15.10 18.69
N ASN C 280 -10.45 15.39 17.52
CA ASN C 280 -11.72 16.10 17.42
C ASN C 280 -12.95 15.19 17.36
N GLY C 281 -12.75 13.89 17.55
CA GLY C 281 -13.86 13.01 17.88
C GLY C 281 -14.55 12.22 16.78
N SER C 282 -14.34 12.55 15.51
CA SER C 282 -15.02 11.78 14.46
C SER C 282 -14.39 10.40 14.28
N THR C 283 -15.12 9.51 13.62
CA THR C 283 -14.69 8.11 13.52
C THR C 283 -14.59 7.61 12.09
N ALA C 284 -14.56 8.56 11.14
CA ALA C 284 -14.42 8.30 9.71
C ALA C 284 -15.56 7.46 9.14
N GLY C 285 -16.59 8.15 8.69
CA GLY C 285 -17.77 7.52 8.13
C GLY C 285 -17.43 6.61 6.97
N ALA C 286 -18.25 5.57 6.80
CA ALA C 286 -18.07 4.58 5.75
C ALA C 286 -17.97 5.20 4.35
N LEU C 287 -18.73 6.27 4.12
CA LEU C 287 -18.74 6.95 2.84
C LEU C 287 -18.06 8.32 2.87
N SER C 288 -17.32 8.59 3.94
CA SER C 288 -16.62 9.87 4.06
C SER C 288 -15.22 9.73 3.48
N GLY C 289 -14.98 10.37 2.33
CA GLY C 289 -13.67 10.31 1.68
C GLY C 289 -12.73 11.24 2.43
N GLU C 290 -11.83 10.67 3.23
CA GLU C 290 -10.93 11.47 4.06
C GLU C 290 -9.48 11.17 3.67
N PHE C 291 -8.77 12.21 3.23
CA PHE C 291 -7.46 12.08 2.58
C PHE C 291 -6.54 13.16 3.09
N ALA C 292 -5.23 12.88 3.11
CA ALA C 292 -4.21 13.89 3.41
C ALA C 292 -3.10 13.88 2.35
N LEU C 293 -2.68 15.07 1.93
CA LEU C 293 -1.54 15.23 1.03
C LEU C 293 -0.54 16.17 1.66
N ALA C 294 0.72 15.76 1.71
CA ALA C 294 1.77 16.62 2.27
C ALA C 294 2.84 16.90 1.22
N PHE C 295 3.35 18.14 1.20
CA PHE C 295 4.42 18.47 0.29
C PHE C 295 5.43 19.37 0.96
N SER C 296 6.65 19.36 0.42
CA SER C 296 7.72 20.25 0.85
C SER C 296 7.95 21.37 -0.17
N THR C 297 8.17 22.58 0.33
CA THR C 297 8.44 23.74 -0.53
C THR C 297 9.95 24.01 -0.61
N SER C 298 10.74 23.24 0.11
CA SER C 298 12.20 23.37 0.04
C SER C 298 12.84 22.24 -0.75
N HIS C 299 12.21 21.06 -0.72
CA HIS C 299 12.65 19.95 -1.56
C HIS C 299 11.87 20.05 -2.86
N VAL C 300 12.49 20.68 -3.85
CA VAL C 300 11.77 21.01 -5.08
C VAL C 300 12.46 20.38 -6.26
N ILE C 301 11.69 20.11 -7.31
CA ILE C 301 12.26 19.47 -8.48
C ILE C 301 12.10 20.36 -9.70
N PRO C 302 13.17 21.07 -10.07
CA PRO C 302 13.14 21.85 -11.31
C PRO C 302 12.72 20.95 -12.46
N LEU C 303 11.83 21.45 -13.31
CA LEU C 303 11.29 20.65 -14.38
C LEU C 303 12.39 20.13 -15.32
N GLY C 304 12.45 18.81 -15.50
CA GLY C 304 13.49 18.21 -16.31
C GLY C 304 14.89 18.42 -15.78
N GLY C 305 15.01 18.76 -14.49
CA GLY C 305 16.31 19.09 -13.91
C GLY C 305 16.74 18.24 -12.74
N LYS C 306 17.71 18.73 -12.00
CA LYS C 306 18.21 18.02 -10.82
C LYS C 306 17.40 18.42 -9.57
N PRO C 307 16.88 17.42 -8.84
CA PRO C 307 16.14 17.75 -7.62
C PRO C 307 17.00 18.60 -6.67
N ARG C 308 16.37 19.58 -6.04
CA ARG C 308 17.06 20.43 -5.07
C ARG C 308 16.68 20.02 -3.66
N LEU C 309 17.62 19.42 -2.96
CA LEU C 309 17.42 19.02 -1.57
C LEU C 309 18.48 19.72 -0.72
N PRO C 310 18.11 20.88 -0.13
CA PRO C 310 19.07 21.81 0.51
C PRO C 310 19.66 21.29 1.81
N ALA C 311 18.93 20.39 2.48
CA ALA C 311 19.41 19.72 3.68
C ALA C 311 18.71 18.37 3.72
N ILE C 312 19.18 17.48 4.58
CA ILE C 312 18.62 16.14 4.59
C ILE C 312 18.40 15.66 6.02
N ILE C 313 17.24 15.04 6.25
CA ILE C 313 16.83 14.65 7.59
C ILE C 313 16.77 13.13 7.73
N ASN C 314 17.28 12.62 8.85
CA ASN C 314 17.24 11.19 9.16
C ASN C 314 15.89 10.82 9.76
N ASP C 315 15.25 9.78 9.24
CA ASP C 315 13.95 9.36 9.77
C ASP C 315 13.98 8.94 11.23
N THR C 316 15.15 8.59 11.73
CA THR C 316 15.31 8.13 13.11
C THR C 316 15.69 9.27 14.05
N ASP C 317 15.86 10.46 13.49
CA ASP C 317 16.10 11.68 14.26
C ASP C 317 14.77 12.09 14.91
N SER C 318 14.49 11.50 16.08
CA SER C 318 13.25 11.74 16.81
C SER C 318 13.02 13.21 17.10
N GLU C 319 14.07 13.91 17.51
CA GLU C 319 13.91 15.31 17.84
C GLU C 319 13.28 16.09 16.69
N THR C 320 13.85 15.94 15.50
CA THR C 320 13.34 16.66 14.34
C THR C 320 12.00 16.12 13.85
N MET C 321 11.93 14.81 13.65
CA MET C 321 10.71 14.23 13.08
C MET C 321 9.50 14.39 13.99
N ASN C 322 9.68 14.20 15.29
CA ASN C 322 8.57 14.34 16.24
C ASN C 322 8.05 15.78 16.30
N ALA C 323 8.97 16.74 16.22
CA ALA C 323 8.60 18.16 16.17
C ALA C 323 7.67 18.38 14.98
N LEU C 324 8.06 17.87 13.82
CA LEU C 324 7.28 17.97 12.59
C LEU C 324 5.95 17.22 12.67
N PHE C 325 5.97 16.02 13.23
CA PHE C 325 4.74 15.22 13.39
C PHE C 325 3.74 15.91 14.31
N ARG C 326 4.22 16.37 15.47
CA ARG C 326 3.35 17.04 16.43
C ARG C 326 2.77 18.30 15.78
N GLY C 327 3.58 18.95 14.94
CA GLY C 327 3.11 20.09 14.18
C GLY C 327 1.92 19.74 13.28
N VAL C 328 2.01 18.62 12.57
CA VAL C 328 0.88 18.19 11.73
C VAL C 328 -0.37 17.94 12.58
N VAL C 329 -0.23 17.19 13.66
CA VAL C 329 -1.38 16.84 14.49
C VAL C 329 -2.07 18.09 15.03
N GLN C 330 -1.29 18.98 15.63
CA GLN C 330 -1.84 20.22 16.20
C GLN C 330 -2.45 21.15 15.15
N ALA C 331 -1.75 21.37 14.04
CA ALA C 331 -2.29 22.25 13.00
C ALA C 331 -3.55 21.66 12.40
N THR C 332 -3.60 20.34 12.26
CA THR C 332 -4.81 19.69 11.75
C THR C 332 -5.96 19.87 12.74
N GLU C 333 -5.72 19.58 14.01
CA GLU C 333 -6.74 19.80 15.05
C GLU C 333 -7.29 21.22 15.00
N GLU C 334 -6.41 22.22 14.97
CA GLU C 334 -6.85 23.61 14.97
C GLU C 334 -7.51 24.06 13.65
N ALA C 335 -6.99 23.58 12.51
CA ALA C 335 -7.59 23.93 11.22
C ALA C 335 -9.06 23.50 11.17
N LEU C 336 -9.34 22.32 11.69
CA LEU C 336 -10.72 21.82 11.81
C LEU C 336 -11.63 22.74 12.63
N VAL C 337 -11.15 23.20 13.78
CA VAL C 337 -11.95 24.10 14.63
C VAL C 337 -12.04 25.50 13.99
N ASN C 338 -10.94 25.98 13.41
CA ASN C 338 -10.98 27.26 12.69
C ASN C 338 -12.01 27.26 11.58
N GLN C 339 -12.16 26.11 10.92
CA GLN C 339 -13.18 26.00 9.89
C GLN C 339 -14.57 26.26 10.47
N LEU C 340 -14.93 25.53 11.52
CA LEU C 340 -16.27 25.67 12.12
C LEU C 340 -16.57 27.10 12.52
N VAL C 341 -15.59 27.75 13.15
CA VAL C 341 -15.76 29.12 13.61
C VAL C 341 -15.91 30.12 12.46
N ALA C 342 -15.20 29.89 11.35
CA ALA C 342 -15.26 30.80 10.21
C ALA C 342 -16.53 30.65 9.36
N SER C 343 -17.13 29.46 9.38
CA SER C 343 -18.29 29.18 8.56
C SER C 343 -19.58 29.72 9.19
N GLU C 344 -20.30 30.53 8.42
CA GLU C 344 -21.54 31.13 8.90
C GLU C 344 -22.75 30.33 8.47
N THR C 345 -23.85 30.55 9.17
CA THR C 345 -25.12 29.94 8.80
C THR C 345 -25.43 30.21 7.33
N MET C 346 -25.88 29.17 6.62
CA MET C 346 -26.20 29.29 5.22
C MET C 346 -27.49 28.54 4.87
N THR C 347 -28.32 29.17 4.04
CA THR C 347 -29.47 28.51 3.47
C THR C 347 -29.20 28.30 1.98
N GLY C 348 -29.46 27.09 1.49
CA GLY C 348 -29.14 26.76 0.11
C GLY C 348 -30.23 26.01 -0.63
N ALA C 349 -29.83 25.01 -1.41
CA ALA C 349 -30.76 24.24 -2.22
C ALA C 349 -31.87 23.63 -1.39
N ASN C 350 -33.08 23.58 -1.96
CA ASN C 350 -34.28 23.06 -1.27
C ASN C 350 -34.54 23.71 0.09
N ASN C 351 -34.07 24.94 0.26
CA ASN C 351 -34.22 25.66 1.53
C ASN C 351 -33.58 24.93 2.71
N ALA C 352 -32.56 24.13 2.42
CA ALA C 352 -31.78 23.48 3.48
C ALA C 352 -31.01 24.57 4.21
N LYS C 353 -31.03 24.52 5.54
CA LYS C 353 -30.37 25.53 6.34
C LYS C 353 -29.42 24.89 7.35
N VAL C 354 -28.16 25.29 7.32
CA VAL C 354 -27.17 24.73 8.23
C VAL C 354 -26.52 25.84 9.04
N TYR C 355 -26.45 25.67 10.34
CA TYR C 355 -25.95 26.73 11.22
C TYR C 355 -24.45 26.66 11.42
N GLY C 356 -23.81 27.83 11.39
CA GLY C 356 -22.42 27.93 11.85
C GLY C 356 -22.46 27.67 13.33
N ILE C 357 -21.42 27.04 13.87
CA ILE C 357 -21.41 26.76 15.30
C ILE C 357 -21.51 28.10 16.04
N PRO C 358 -22.49 28.21 16.95
CA PRO C 358 -22.78 29.52 17.56
C PRO C 358 -21.59 30.07 18.35
N HIS C 359 -21.13 31.27 18.00
CA HIS C 359 -19.96 31.84 18.65
C HIS C 359 -20.19 32.15 20.12
N ASP C 360 -21.37 32.67 20.44
CA ASP C 360 -21.66 33.05 21.81
C ASP C 360 -21.63 31.84 22.74
N GLN C 361 -22.22 30.73 22.30
CA GLN C 361 -22.25 29.51 23.09
C GLN C 361 -20.87 28.87 23.22
N LEU C 362 -20.14 28.78 22.11
CA LEU C 362 -18.78 28.23 22.13
C LEU C 362 -17.90 28.98 23.12
N ALA C 363 -17.94 30.31 23.06
CA ALA C 363 -17.12 31.14 23.94
C ALA C 363 -17.51 30.93 25.41
N ARG C 364 -18.80 30.80 25.67
CA ARG C 364 -19.29 30.56 27.03
CA ARG C 364 -19.29 30.56 27.03
C ARG C 364 -18.79 29.22 27.56
N ILE C 365 -18.87 28.20 26.72
CA ILE C 365 -18.42 26.87 27.09
C ILE C 365 -16.92 26.86 27.37
N MET C 366 -16.13 27.44 26.47
CA MET C 366 -14.69 27.52 26.66
C MET C 366 -14.32 28.27 27.95
N LYS C 367 -15.01 29.38 28.21
CA LYS C 367 -14.77 30.14 29.44
C LYS C 367 -15.01 29.29 30.70
N ALA C 368 -16.09 28.51 30.68
CA ALA C 368 -16.44 27.66 31.81
C ALA C 368 -15.45 26.49 31.98
N ARG C 369 -15.00 25.91 30.87
CA ARG C 369 -14.09 24.78 30.93
CA ARG C 369 -14.09 24.78 30.93
C ARG C 369 -12.66 25.23 31.24
N PHE C 370 -12.27 26.38 30.69
CA PHE C 370 -10.92 26.89 30.88
C PHE C 370 -10.93 28.30 31.48
N PRO C 371 -11.26 28.40 32.78
CA PRO C 371 -11.33 29.67 33.50
C PRO C 371 -9.95 30.30 33.67
N GLY D 1 -10.47 -9.88 -40.41
CA GLY D 1 -9.03 -9.75 -40.44
C GLY D 1 -8.35 -10.67 -39.45
N PRO D 2 -7.08 -11.03 -39.71
CA PRO D 2 -6.36 -11.98 -38.86
C PRO D 2 -6.05 -11.39 -37.49
N ARG D 3 -6.16 -12.21 -36.46
CA ARG D 3 -5.67 -11.84 -35.13
C ARG D 3 -4.34 -12.57 -34.94
N ALA D 4 -3.73 -12.48 -33.77
CA ALA D 4 -2.37 -13.02 -33.59
C ALA D 4 -2.27 -14.51 -33.94
N ARG D 5 -3.22 -15.31 -33.46
CA ARG D 5 -3.19 -16.74 -33.74
C ARG D 5 -3.23 -17.04 -35.23
N ASP D 6 -3.91 -16.18 -35.98
CA ASP D 6 -4.10 -16.39 -37.41
C ASP D 6 -2.82 -16.15 -38.21
N LEU D 7 -1.85 -15.48 -37.59
CA LEU D 7 -0.55 -15.27 -38.21
C LEU D 7 0.48 -16.28 -37.74
N GLY D 8 0.03 -17.31 -37.01
CA GLY D 8 0.90 -18.38 -36.55
C GLY D 8 1.58 -18.16 -35.21
N VAL D 9 1.17 -17.14 -34.47
CA VAL D 9 1.71 -16.93 -33.13
C VAL D 9 1.09 -17.95 -32.19
N PRO D 10 1.92 -18.78 -31.56
CA PRO D 10 1.37 -19.73 -30.58
C PRO D 10 1.20 -19.10 -29.21
N PHE D 11 0.14 -19.49 -28.50
CA PHE D 11 -0.04 -19.12 -27.09
C PHE D 11 -0.49 -20.36 -26.32
N GLU D 12 -0.24 -20.37 -25.01
CA GLU D 12 -0.66 -21.47 -24.15
C GLU D 12 -2.06 -21.21 -23.62
N GLY D 13 -2.77 -22.29 -23.28
CA GLY D 13 -4.10 -22.16 -22.71
C GLY D 13 -5.24 -22.23 -23.71
N THR D 14 -6.47 -22.19 -23.21
CA THR D 14 -7.65 -22.30 -24.06
C THR D 14 -8.45 -21.00 -24.06
N PRO D 15 -8.50 -20.29 -25.20
CA PRO D 15 -9.31 -19.07 -25.18
C PRO D 15 -10.80 -19.36 -25.13
N GLY D 16 -11.58 -18.39 -24.66
CA GLY D 16 -13.02 -18.47 -24.75
C GLY D 16 -13.47 -18.39 -26.20
N ALA D 17 -14.77 -18.51 -26.43
CA ALA D 17 -15.34 -18.51 -27.78
C ALA D 17 -14.95 -17.30 -28.63
N LEU D 18 -15.04 -16.12 -28.04
CA LEU D 18 -14.73 -14.88 -28.75
C LEU D 18 -13.25 -14.48 -28.64
N ASN D 19 -12.51 -15.17 -27.77
CA ASN D 19 -11.15 -14.77 -27.41
C ASN D 19 -11.12 -13.27 -27.11
N ALA D 20 -11.99 -12.84 -26.20
CA ALA D 20 -12.15 -11.41 -25.89
C ALA D 20 -12.71 -11.26 -24.48
N ILE D 21 -12.65 -10.04 -23.96
CA ILE D 21 -13.12 -9.78 -22.61
C ILE D 21 -14.63 -10.03 -22.49
N THR D 22 -15.33 -9.93 -23.61
CA THR D 22 -16.76 -10.21 -23.64
C THR D 22 -17.11 -11.71 -23.54
N ASP D 23 -16.11 -12.57 -23.50
CA ASP D 23 -16.35 -13.98 -23.14
C ASP D 23 -16.87 -14.09 -21.70
N VAL D 24 -16.61 -13.06 -20.89
CA VAL D 24 -17.20 -12.98 -19.55
C VAL D 24 -18.61 -12.42 -19.70
N ALA D 25 -19.61 -13.23 -19.38
CA ALA D 25 -21.00 -12.89 -19.68
C ALA D 25 -21.45 -11.53 -19.12
N GLY D 26 -22.12 -10.74 -19.94
CA GLY D 26 -22.70 -9.48 -19.49
C GLY D 26 -21.82 -8.25 -19.65
N VAL D 27 -20.52 -8.47 -19.86
CA VAL D 27 -19.59 -7.36 -20.11
C VAL D 27 -19.92 -6.79 -21.48
N GLU D 28 -20.02 -5.46 -21.57
CA GLU D 28 -20.23 -4.77 -22.84
C GLU D 28 -19.07 -3.84 -23.11
N VAL D 29 -18.69 -3.69 -24.37
CA VAL D 29 -17.61 -2.80 -24.77
C VAL D 29 -18.10 -1.87 -25.88
N GLY D 30 -17.76 -0.59 -25.79
CA GLY D 30 -18.00 0.35 -26.88
C GLY D 30 -16.79 1.24 -27.18
N HIS D 31 -16.66 1.66 -28.45
CA HIS D 31 -15.61 2.60 -28.82
C HIS D 31 -16.20 3.80 -29.55
N THR D 32 -15.67 4.99 -29.27
CA THR D 32 -15.80 6.10 -30.21
C THR D 32 -14.41 6.48 -30.71
N THR D 33 -14.26 6.51 -32.03
CA THR D 33 -12.97 6.71 -32.66
C THR D 33 -12.99 8.06 -33.38
N VAL D 34 -12.07 8.94 -33.01
CA VAL D 34 -12.05 10.31 -33.55
C VAL D 34 -10.79 10.53 -34.40
N ILE D 35 -10.97 10.62 -35.71
CA ILE D 35 -9.85 10.75 -36.62
C ILE D 35 -10.19 11.88 -37.60
N SER D 36 -9.48 12.99 -37.48
CA SER D 36 -9.70 14.11 -38.39
C SER D 36 -8.46 14.97 -38.59
N GLY D 37 -8.27 15.44 -39.82
CA GLY D 37 -7.18 16.34 -40.10
C GLY D 37 -5.86 15.67 -40.41
N ASP D 38 -4.97 16.42 -41.06
CA ASP D 38 -3.62 15.95 -41.37
C ASP D 38 -2.62 17.09 -41.26
N GLY D 39 -1.34 16.73 -41.16
CA GLY D 39 -0.27 17.71 -41.16
C GLY D 39 0.06 18.34 -39.83
N ALA D 40 0.50 19.59 -39.89
CA ALA D 40 1.04 20.29 -38.73
C ALA D 40 0.01 20.46 -37.60
N MET D 41 0.43 20.18 -36.37
CA MET D 41 -0.47 20.29 -35.24
CA MET D 41 -0.46 20.29 -35.22
C MET D 41 -0.52 21.71 -34.69
N VAL D 42 -1.72 22.24 -34.52
CA VAL D 42 -1.91 23.51 -33.86
C VAL D 42 -2.90 23.26 -32.71
N ILE D 43 -2.51 23.58 -31.48
CA ILE D 43 -3.37 23.21 -30.35
C ILE D 43 -4.77 23.81 -30.46
N GLY D 44 -5.77 22.95 -30.42
CA GLY D 44 -7.14 23.37 -30.58
C GLY D 44 -7.67 23.19 -31.99
N LYS D 45 -6.78 22.82 -32.92
CA LYS D 45 -7.17 22.62 -34.31
C LYS D 45 -6.74 21.29 -34.90
N GLY D 46 -6.28 20.36 -34.05
CA GLY D 46 -5.91 19.03 -34.54
C GLY D 46 -4.55 19.05 -35.21
N PRO D 47 -4.20 17.98 -35.94
CA PRO D 47 -5.04 16.81 -36.23
C PRO D 47 -5.42 16.03 -34.98
N TYR D 48 -6.54 15.33 -35.05
CA TYR D 48 -6.99 14.50 -33.93
C TYR D 48 -6.90 13.04 -34.28
N ARG D 49 -6.34 12.27 -33.36
CA ARG D 49 -6.34 10.81 -33.44
C ARG D 49 -6.58 10.36 -32.01
N THR D 50 -7.83 10.37 -31.57
CA THR D 50 -8.12 10.05 -30.18
C THR D 50 -9.49 9.38 -30.07
N GLY D 51 -9.97 9.18 -28.85
CA GLY D 51 -11.27 8.55 -28.68
C GLY D 51 -11.45 8.05 -27.27
N VAL D 52 -12.43 7.19 -27.07
CA VAL D 52 -12.69 6.64 -25.75
C VAL D 52 -13.24 5.22 -25.88
N THR D 53 -12.86 4.36 -24.94
CA THR D 53 -13.34 2.98 -24.92
C THR D 53 -14.13 2.81 -23.63
N ILE D 54 -15.35 2.28 -23.75
CA ILE D 54 -16.19 2.03 -22.58
C ILE D 54 -16.32 0.54 -22.34
N ILE D 55 -16.21 0.15 -21.06
CA ILE D 55 -16.48 -1.22 -20.62
C ILE D 55 -17.52 -1.16 -19.52
N HIS D 56 -18.70 -1.73 -19.77
CA HIS D 56 -19.74 -1.84 -18.76
C HIS D 56 -19.58 -3.22 -18.14
N PRO D 57 -19.19 -3.29 -16.85
CA PRO D 57 -18.96 -4.60 -16.23
C PRO D 57 -20.18 -5.51 -16.25
N LEU D 58 -21.37 -4.93 -16.05
CA LEU D 58 -22.63 -5.67 -15.98
C LEU D 58 -23.65 -5.21 -17.02
N GLY D 59 -23.19 -4.53 -18.06
CA GLY D 59 -24.09 -3.98 -19.06
C GLY D 59 -24.50 -2.55 -18.76
N LYS D 60 -24.89 -1.82 -19.79
CA LYS D 60 -25.14 -0.38 -19.66
C LYS D 60 -26.32 0.01 -18.76
N THR D 61 -27.23 -0.92 -18.50
CA THR D 61 -28.39 -0.59 -17.69
C THR D 61 -28.23 -0.95 -16.21
N SER D 62 -27.04 -1.41 -15.82
CA SER D 62 -26.82 -1.81 -14.43
C SER D 62 -26.55 -0.63 -13.51
N LEU D 63 -27.18 -0.63 -12.35
CA LEU D 63 -26.91 0.38 -11.32
C LEU D 63 -26.04 -0.22 -10.22
N ASP D 64 -25.75 -1.52 -10.35
CA ASP D 64 -25.08 -2.27 -9.31
C ASP D 64 -23.56 -2.20 -9.39
N GLY D 65 -22.91 -2.55 -8.30
CA GLY D 65 -21.46 -2.54 -8.24
C GLY D 65 -20.86 -3.90 -8.55
N VAL D 66 -19.59 -3.93 -8.94
CA VAL D 66 -18.88 -5.18 -9.08
C VAL D 66 -17.73 -5.18 -8.09
N ALA D 67 -17.47 -6.33 -7.47
CA ALA D 67 -16.29 -6.51 -6.64
C ALA D 67 -15.09 -6.21 -7.50
N ALA D 68 -14.08 -5.54 -6.92
CA ALA D 68 -12.92 -5.16 -7.73
C ALA D 68 -11.66 -4.99 -6.89
N GLY D 69 -10.51 -5.10 -7.54
CA GLY D 69 -9.22 -4.85 -6.92
C GLY D 69 -8.23 -4.43 -7.99
N ARG D 70 -7.22 -3.65 -7.61
CA ARG D 70 -6.31 -3.13 -8.63
C ARG D 70 -4.84 -3.39 -8.29
N ALA D 71 -3.97 -3.09 -9.25
CA ALA D 71 -2.53 -3.18 -9.03
C ALA D 71 -1.85 -2.10 -9.85
N VAL D 72 -0.69 -1.66 -9.38
CA VAL D 72 0.09 -0.67 -10.12
C VAL D 72 1.42 -1.25 -10.50
N ILE D 73 1.74 -1.22 -11.79
CA ILE D 73 3.08 -1.57 -12.26
C ILE D 73 3.98 -0.33 -12.15
N ASN D 74 3.54 0.77 -12.73
CA ASN D 74 4.22 2.06 -12.61
C ASN D 74 3.19 3.17 -12.66
N GLY D 75 3.10 3.98 -11.60
CA GLY D 75 1.93 4.84 -11.38
C GLY D 75 1.90 6.22 -11.99
N THR D 76 2.69 6.48 -13.02
CA THR D 76 2.73 7.81 -13.65
C THR D 76 1.60 7.96 -14.68
N GLY D 77 0.37 8.06 -14.20
CA GLY D 77 -0.77 8.17 -15.08
C GLY D 77 -2.00 8.34 -14.21
N GLU D 78 -3.15 8.52 -14.84
CA GLU D 78 -4.37 8.74 -14.10
C GLU D 78 -5.36 7.61 -14.25
N TRP D 79 -6.04 7.25 -13.15
CA TRP D 79 -7.13 6.28 -13.23
C TRP D 79 -8.05 6.63 -12.06
N THR D 80 -9.16 7.28 -12.35
CA THR D 80 -10.08 7.73 -11.31
C THR D 80 -10.94 6.58 -10.78
N GLY D 81 -11.54 6.80 -9.62
CA GLY D 81 -12.33 5.78 -8.95
C GLY D 81 -11.54 4.71 -8.21
N MET D 82 -10.20 4.80 -8.25
CA MET D 82 -9.37 3.77 -7.63
C MET D 82 -9.22 3.88 -6.11
N HIS D 83 -9.29 5.09 -5.57
CA HIS D 83 -9.32 5.20 -4.10
C HIS D 83 -10.54 4.47 -3.60
N LEU D 84 -11.64 4.60 -4.33
CA LEU D 84 -12.89 3.93 -3.98
C LEU D 84 -12.68 2.41 -3.97
N VAL D 85 -12.10 1.89 -5.05
CA VAL D 85 -11.82 0.45 -5.20
C VAL D 85 -10.90 -0.06 -4.08
N ASP D 86 -9.83 0.67 -3.81
CA ASP D 86 -8.94 0.33 -2.68
C ASP D 86 -9.70 0.25 -1.36
N GLU D 87 -10.60 1.20 -1.13
CA GLU D 87 -11.30 1.29 0.16
C GLU D 87 -12.44 0.28 0.36
N VAL D 88 -13.38 0.27 -0.59
CA VAL D 88 -14.61 -0.51 -0.42
C VAL D 88 -14.71 -1.75 -1.31
N GLY D 89 -13.70 -1.97 -2.16
CA GLY D 89 -13.62 -3.18 -2.96
C GLY D 89 -14.68 -3.32 -4.04
N GLN D 90 -15.20 -2.20 -4.51
CA GLN D 90 -16.15 -2.25 -5.61
C GLN D 90 -16.15 -0.90 -6.29
N PHE D 91 -16.68 -0.83 -7.51
CA PHE D 91 -16.93 0.47 -8.16
C PHE D 91 -18.27 0.39 -8.89
N LEU D 92 -18.87 1.54 -9.09
CA LEU D 92 -20.15 1.65 -9.80
C LEU D 92 -19.89 2.23 -11.18
N GLY D 93 -20.79 1.95 -12.11
CA GLY D 93 -20.69 2.52 -13.43
C GLY D 93 -19.65 1.89 -14.30
N PRO D 94 -19.42 2.48 -15.48
CA PRO D 94 -18.52 2.01 -16.54
C PRO D 94 -17.04 2.31 -16.28
N ILE D 95 -16.17 1.56 -16.94
CA ILE D 95 -14.76 1.94 -17.05
C ILE D 95 -14.60 2.68 -18.37
N ALA D 96 -14.00 3.88 -18.32
CA ALA D 96 -13.61 4.58 -19.55
C ALA D 96 -12.11 4.58 -19.69
N LEU D 97 -11.63 4.25 -20.88
CA LEU D 97 -10.20 4.29 -21.20
C LEU D 97 -10.06 5.29 -22.34
N THR D 98 -9.18 6.26 -22.18
CA THR D 98 -9.13 7.35 -23.15
C THR D 98 -7.73 7.93 -23.22
N GLY D 99 -7.56 9.04 -23.94
CA GLY D 99 -6.29 9.73 -23.99
C GLY D 99 -6.19 10.75 -22.86
N THR D 100 -4.96 11.06 -22.48
CA THR D 100 -4.68 11.88 -21.30
C THR D 100 -5.42 13.22 -21.30
N GLY D 101 -5.52 13.86 -22.46
CA GLY D 101 -6.14 15.17 -22.54
C GLY D 101 -7.66 15.16 -22.36
N ASN D 102 -8.24 13.97 -22.38
CA ASN D 102 -9.69 13.80 -22.35
C ASN D 102 -10.27 13.44 -20.98
N VAL D 103 -9.40 13.23 -20.00
CA VAL D 103 -9.85 12.68 -18.71
C VAL D 103 -11.00 13.48 -18.07
N GLY D 104 -10.81 14.78 -17.92
CA GLY D 104 -11.80 15.65 -17.31
C GLY D 104 -13.10 15.69 -18.08
N LEU D 105 -13.01 15.82 -19.40
CA LEU D 105 -14.20 15.80 -20.25
C LEU D 105 -14.97 14.48 -20.11
N VAL D 106 -14.24 13.37 -20.10
CA VAL D 106 -14.90 12.07 -20.00
C VAL D 106 -15.56 11.91 -18.63
N HIS D 107 -14.86 12.36 -17.59
CA HIS D 107 -15.32 12.29 -16.21
C HIS D 107 -16.65 13.03 -16.03
N GLN D 108 -16.72 14.27 -16.49
CA GLN D 108 -17.97 15.02 -16.40
C GLN D 108 -19.08 14.47 -17.31
N SER D 109 -18.71 14.00 -18.50
CA SER D 109 -19.70 13.47 -19.45
C SER D 109 -20.38 12.24 -18.89
N MET D 110 -19.61 11.45 -18.15
CA MET D 110 -20.18 10.25 -17.53
C MET D 110 -21.20 10.62 -16.47
N MET D 111 -20.89 11.65 -15.68
CA MET D 111 -21.89 12.17 -14.74
C MET D 111 -23.15 12.65 -15.48
N ASP D 112 -22.94 13.42 -16.54
CA ASP D 112 -24.07 13.93 -17.34
C ASP D 112 -24.92 12.80 -17.89
N TRP D 113 -24.25 11.75 -18.37
CA TRP D 113 -24.95 10.58 -18.91
C TRP D 113 -25.81 9.95 -17.84
N SER D 114 -25.27 9.80 -16.64
CA SER D 114 -26.01 9.19 -15.54
C SER D 114 -27.29 9.96 -15.21
N VAL D 115 -27.20 11.28 -15.20
CA VAL D 115 -28.37 12.10 -14.88
C VAL D 115 -29.54 11.77 -15.81
N GLY D 116 -29.22 11.45 -17.06
CA GLY D 116 -30.23 11.12 -18.04
C GLY D 116 -30.63 9.66 -18.10
N LYS D 117 -30.03 8.82 -17.26
CA LYS D 117 -30.28 7.39 -17.28
C LYS D 117 -30.83 6.83 -15.96
N VAL D 118 -30.21 7.19 -14.85
CA VAL D 118 -30.51 6.55 -13.57
C VAL D 118 -31.56 7.32 -12.74
N PRO D 119 -32.29 6.60 -11.88
CA PRO D 119 -33.26 7.25 -10.98
C PRO D 119 -32.55 8.23 -10.06
N GLU D 120 -33.19 9.36 -9.76
CA GLU D 120 -32.56 10.37 -8.92
C GLU D 120 -32.01 9.82 -7.61
N GLU D 121 -32.65 8.76 -7.12
CA GLU D 121 -32.26 8.16 -5.86
C GLU D 121 -30.92 7.42 -5.95
N ALA D 122 -30.50 7.11 -7.17
CA ALA D 122 -29.25 6.39 -7.38
C ALA D 122 -28.14 7.33 -7.84
N LEU D 123 -28.41 8.63 -7.89
CA LEU D 123 -27.43 9.58 -8.42
C LEU D 123 -26.15 9.65 -7.58
N PHE D 124 -26.28 9.51 -6.27
CA PHE D 124 -25.11 9.52 -5.39
C PHE D 124 -24.06 8.51 -5.84
N SER D 125 -24.53 7.34 -6.29
CA SER D 125 -23.64 6.27 -6.67
C SER D 125 -22.91 6.54 -7.98
N ARG D 126 -23.26 7.64 -8.64
CA ARG D 126 -22.68 7.96 -9.95
C ARG D 126 -21.65 9.09 -9.85
N LEU D 127 -21.24 9.41 -8.65
CA LEU D 127 -20.38 10.57 -8.41
C LEU D 127 -18.87 10.30 -8.54
N LEU D 128 -18.50 9.03 -8.67
CA LEU D 128 -17.08 8.68 -8.76
C LEU D 128 -16.81 7.82 -10.00
N PRO D 129 -17.02 8.39 -11.19
CA PRO D 129 -16.77 7.64 -12.42
C PRO D 129 -15.32 7.19 -12.56
N VAL D 130 -15.14 6.06 -13.24
CA VAL D 130 -13.85 5.42 -13.42
C VAL D 130 -13.31 5.77 -14.81
N VAL D 131 -12.24 6.57 -14.85
CA VAL D 131 -11.67 7.06 -16.10
C VAL D 131 -10.16 6.92 -16.06
N ALA D 132 -9.58 6.26 -17.08
CA ALA D 132 -8.13 6.04 -17.15
C ALA D 132 -7.55 6.49 -18.47
N GLU D 133 -6.25 6.78 -18.48
CA GLU D 133 -5.62 7.33 -19.68
C GLU D 133 -4.26 6.72 -20.05
N THR D 134 -3.93 6.82 -21.34
CA THR D 134 -2.56 6.75 -21.83
C THR D 134 -2.41 7.93 -22.80
N LEU D 135 -1.19 8.25 -23.20
CA LEU D 135 -0.95 9.52 -23.90
C LEU D 135 -0.71 9.40 -25.40
N ASP D 136 -1.62 9.97 -26.19
CA ASP D 136 -1.52 9.93 -27.65
C ASP D 136 -0.83 11.19 -28.21
N ASN D 137 0.26 11.61 -27.56
CA ASN D 137 0.88 12.89 -27.87
C ASN D 137 1.60 12.97 -29.22
N ARG D 138 2.00 11.83 -29.78
CA ARG D 138 2.70 11.84 -31.08
C ARG D 138 1.73 12.00 -32.24
N LEU D 139 0.57 11.36 -32.13
CA LEU D 139 -0.38 11.32 -33.24
C LEU D 139 -1.57 12.27 -33.09
N ASN D 140 -1.78 12.80 -31.88
CA ASN D 140 -3.00 13.55 -31.56
C ASN D 140 -2.72 14.94 -30.96
N ASP D 141 -3.61 15.88 -31.24
CA ASP D 141 -3.63 17.17 -30.54
C ASP D 141 -4.23 16.95 -29.14
N VAL D 142 -3.37 16.58 -28.20
CA VAL D 142 -3.81 16.16 -26.86
C VAL D 142 -4.67 17.19 -26.14
N PHE D 143 -4.25 18.46 -26.17
CA PHE D 143 -4.92 19.54 -25.45
C PHE D 143 -6.04 20.21 -26.22
N GLY D 144 -6.27 19.78 -27.46
CA GLY D 144 -7.11 20.53 -28.39
C GLY D 144 -8.62 20.31 -28.37
N HIS D 145 -9.12 19.62 -27.36
CA HIS D 145 -10.56 19.43 -27.20
C HIS D 145 -11.22 18.70 -28.39
N GLY D 146 -10.53 17.70 -28.92
CA GLY D 146 -11.07 16.90 -30.01
C GLY D 146 -12.19 15.96 -29.58
N LEU D 147 -12.18 15.54 -28.33
CA LEU D 147 -13.25 14.66 -27.84
C LEU D 147 -14.38 15.48 -27.28
N THR D 148 -15.62 15.12 -27.66
CA THR D 148 -16.79 15.83 -27.18
C THR D 148 -17.64 14.94 -26.28
N ARG D 149 -18.56 15.56 -25.54
CA ARG D 149 -19.53 14.84 -24.73
C ARG D 149 -20.32 13.85 -25.59
N ASP D 150 -20.63 14.25 -26.82
CA ASP D 150 -21.38 13.35 -27.70
C ASP D 150 -20.61 12.09 -28.05
N HIS D 151 -19.29 12.23 -28.23
CA HIS D 151 -18.43 11.07 -28.49
C HIS D 151 -18.54 10.10 -27.34
N VAL D 152 -18.54 10.64 -26.13
CA VAL D 152 -18.57 9.79 -24.94
C VAL D 152 -19.92 9.10 -24.81
N PHE D 153 -21.01 9.86 -24.96
CA PHE D 153 -22.37 9.29 -24.96
C PHE D 153 -22.50 8.17 -25.99
N ALA D 154 -21.95 8.38 -27.18
CA ALA D 154 -22.05 7.38 -28.23
C ALA D 154 -21.40 6.06 -27.83
N ALA D 155 -20.27 6.14 -27.12
CA ALA D 155 -19.58 4.94 -26.68
C ALA D 155 -20.34 4.28 -25.53
N LEU D 156 -20.84 5.09 -24.62
CA LEU D 156 -21.62 4.59 -23.48
C LEU D 156 -22.85 3.84 -23.99
N ASP D 157 -23.55 4.47 -24.94
CA ASP D 157 -24.81 3.91 -25.46
C ASP D 157 -24.65 2.83 -26.51
N GLY D 158 -23.52 2.83 -27.20
CA GLY D 158 -23.31 1.91 -28.30
C GLY D 158 -22.64 0.62 -27.90
N ALA D 159 -22.20 0.56 -26.65
CA ALA D 159 -21.50 -0.60 -26.14
C ALA D 159 -22.36 -1.85 -26.28
N LYS D 160 -21.70 -2.98 -26.51
CA LYS D 160 -22.42 -4.24 -26.65
C LYS D 160 -21.53 -5.43 -26.35
N GLY D 161 -22.14 -6.60 -26.21
CA GLY D 161 -21.39 -7.84 -26.10
C GLY D 161 -20.87 -8.31 -27.45
N GLY D 162 -20.48 -9.57 -27.53
CA GLY D 162 -20.00 -10.15 -28.78
C GLY D 162 -18.59 -9.66 -29.09
N PRO D 163 -18.13 -9.92 -30.32
CA PRO D 163 -16.76 -9.55 -30.75
C PRO D 163 -16.40 -8.10 -30.41
N VAL D 164 -15.15 -7.90 -29.97
CA VAL D 164 -14.65 -6.57 -29.61
C VAL D 164 -13.70 -6.07 -30.68
N ALA D 165 -13.94 -4.87 -31.19
CA ALA D 165 -13.06 -4.33 -32.22
C ALA D 165 -11.71 -4.00 -31.58
N GLU D 166 -10.63 -4.33 -32.27
CA GLU D 166 -9.28 -4.10 -31.76
C GLU D 166 -8.54 -3.12 -32.65
N GLY D 167 -7.37 -2.69 -32.21
CA GLY D 167 -6.53 -1.82 -33.01
C GLY D 167 -6.69 -0.33 -32.73
N ASN D 168 -6.76 0.45 -33.81
CA ASN D 168 -6.80 1.90 -33.73
C ASN D 168 -8.21 2.39 -33.48
N VAL D 169 -8.79 2.02 -32.34
CA VAL D 169 -10.17 2.34 -32.04
C VAL D 169 -10.31 2.85 -30.62
N GLY D 170 -11.34 3.66 -30.38
CA GLY D 170 -11.64 4.18 -29.05
C GLY D 170 -10.45 4.84 -28.39
N GLY D 171 -10.17 4.52 -27.14
CA GLY D 171 -9.05 5.11 -26.45
C GLY D 171 -7.71 4.80 -27.10
N GLY D 172 -7.65 3.71 -27.86
CA GLY D 172 -6.38 3.27 -28.40
C GLY D 172 -6.02 3.94 -29.72
N THR D 173 -6.93 4.75 -30.25
CA THR D 173 -6.82 5.30 -31.61
C THR D 173 -5.44 5.86 -31.98
N GLY D 174 -4.91 6.75 -31.13
CA GLY D 174 -3.65 7.40 -31.42
C GLY D 174 -2.45 6.90 -30.63
N MET D 175 -2.53 5.69 -30.12
CA MET D 175 -1.47 5.14 -29.28
C MET D 175 -0.36 4.43 -30.07
N ILE D 176 0.78 4.27 -29.40
CA ILE D 176 1.99 3.67 -29.97
C ILE D 176 2.55 2.69 -28.94
N ALA D 177 2.79 1.44 -29.36
CA ALA D 177 3.32 0.40 -28.48
C ALA D 177 4.50 -0.37 -29.09
N TYR D 178 5.56 -0.58 -28.31
CA TYR D 178 6.79 -1.20 -28.77
C TYR D 178 7.30 -0.56 -30.07
N THR D 179 7.17 0.76 -30.16
CA THR D 179 7.59 1.52 -31.34
C THR D 179 6.84 1.12 -32.61
N PHE D 180 5.77 0.35 -32.43
CA PHE D 180 4.83 0.04 -33.51
C PHE D 180 3.51 0.72 -33.18
N LYS D 181 2.51 0.59 -34.05
CA LYS D 181 1.23 1.21 -33.77
C LYS D 181 0.60 0.51 -32.55
N GLY D 182 0.17 1.32 -31.57
CA GLY D 182 -0.48 0.81 -30.38
C GLY D 182 -1.99 0.83 -30.54
N GLY D 183 -2.73 0.57 -29.47
CA GLY D 183 -4.17 0.55 -29.59
C GLY D 183 -4.84 -0.37 -28.59
N ILE D 184 -5.98 -0.94 -29.00
CA ILE D 184 -6.75 -1.86 -28.17
C ILE D 184 -6.47 -3.32 -28.53
N GLY D 185 -6.34 -4.17 -27.52
CA GLY D 185 -6.25 -5.60 -27.73
C GLY D 185 -7.03 -6.34 -26.67
N THR D 186 -7.43 -7.57 -26.96
CA THR D 186 -8.23 -8.33 -25.99
C THR D 186 -8.02 -9.83 -26.23
N SER D 187 -8.17 -10.62 -25.17
CA SER D 187 -8.03 -12.07 -25.23
C SER D 187 -8.75 -12.64 -24.02
N SER D 188 -8.99 -13.95 -23.99
CA SER D 188 -9.57 -14.56 -22.81
C SER D 188 -9.04 -15.96 -22.61
N ARG D 189 -9.29 -16.51 -21.43
CA ARG D 189 -8.97 -17.89 -21.13
C ARG D 189 -10.12 -18.51 -20.35
N VAL D 190 -10.42 -19.76 -20.68
CA VAL D 190 -11.32 -20.54 -19.85
C VAL D 190 -10.43 -21.50 -19.09
N VAL D 191 -10.55 -21.47 -17.77
CA VAL D 191 -9.57 -22.13 -16.93
C VAL D 191 -10.25 -23.16 -16.05
N SER D 192 -9.64 -24.33 -15.95
CA SER D 192 -10.22 -25.41 -15.16
C SER D 192 -9.75 -25.33 -13.71
N ALA D 193 -10.69 -24.99 -12.84
CA ALA D 193 -10.45 -24.91 -11.41
C ALA D 193 -11.16 -26.08 -10.77
N GLY D 194 -10.59 -27.27 -10.94
CA GLY D 194 -11.21 -28.49 -10.50
C GLY D 194 -12.30 -28.89 -11.48
N ASP D 195 -13.51 -29.05 -10.97
CA ASP D 195 -14.65 -29.39 -11.81
C ASP D 195 -15.45 -28.16 -12.21
N THR D 196 -14.90 -26.97 -11.95
CA THR D 196 -15.54 -25.74 -12.36
C THR D 196 -14.61 -24.97 -13.31
N ARG D 197 -15.16 -24.48 -14.41
CA ARG D 197 -14.36 -23.75 -15.38
C ARG D 197 -14.77 -22.28 -15.41
N TYR D 198 -13.85 -21.40 -15.03
CA TYR D 198 -14.12 -19.97 -15.02
C TYR D 198 -13.57 -19.31 -16.28
N THR D 199 -14.04 -18.10 -16.55
CA THR D 199 -13.53 -17.34 -17.66
C THR D 199 -12.79 -16.14 -17.13
N VAL D 200 -11.61 -15.89 -17.69
CA VAL D 200 -10.83 -14.69 -17.41
C VAL D 200 -10.70 -13.92 -18.73
N GLY D 201 -11.20 -12.70 -18.76
CA GLY D 201 -11.10 -11.88 -19.95
C GLY D 201 -10.24 -10.65 -19.71
N VAL D 202 -9.45 -10.27 -20.71
CA VAL D 202 -8.55 -9.13 -20.56
C VAL D 202 -8.68 -8.19 -21.75
N LEU D 203 -8.73 -6.89 -21.48
CA LEU D 203 -8.64 -5.90 -22.55
C LEU D 203 -7.50 -4.96 -22.21
N VAL D 204 -6.69 -4.59 -23.19
CA VAL D 204 -5.63 -3.62 -22.94
C VAL D 204 -5.77 -2.39 -23.84
N GLN D 205 -5.38 -1.24 -23.30
CA GLN D 205 -5.08 -0.05 -24.12
C GLN D 205 -3.56 0.12 -24.00
N ALA D 206 -2.87 -0.15 -25.10
CA ALA D 206 -1.40 -0.25 -25.09
C ALA D 206 -0.68 0.94 -25.73
N ASN D 207 0.26 1.53 -24.98
CA ASN D 207 0.96 2.75 -25.38
C ASN D 207 2.34 2.71 -24.73
N HIS D 208 2.87 1.50 -24.58
CA HIS D 208 4.07 1.26 -23.78
C HIS D 208 5.12 0.50 -24.60
N GLY D 209 6.34 0.44 -24.08
CA GLY D 209 7.32 -0.53 -24.56
C GLY D 209 8.21 -0.06 -25.70
N ASP D 210 9.35 -0.71 -25.86
CA ASP D 210 10.27 -0.43 -26.97
C ASP D 210 10.41 -1.64 -27.89
N ARG D 211 10.55 -1.37 -29.18
CA ARG D 211 10.75 -2.42 -30.17
C ARG D 211 11.94 -3.32 -29.86
N ASN D 212 13.01 -2.74 -29.30
CA ASN D 212 14.21 -3.52 -29.00
C ASN D 212 13.98 -4.58 -27.92
N ASP D 213 12.90 -4.42 -27.15
CA ASP D 213 12.64 -5.31 -26.02
C ASP D 213 11.53 -6.30 -26.33
N LEU D 214 10.74 -6.00 -27.35
CA LEU D 214 9.53 -6.76 -27.63
C LEU D 214 9.81 -8.25 -27.83
N ARG D 215 9.07 -9.08 -27.11
CA ARG D 215 9.07 -10.53 -27.34
C ARG D 215 7.66 -10.96 -27.71
N ILE D 216 7.55 -11.72 -28.79
CA ILE D 216 6.30 -12.35 -29.16
C ILE D 216 6.54 -13.85 -29.15
N ALA D 217 5.75 -14.56 -28.35
CA ALA D 217 5.97 -15.98 -28.13
C ALA D 217 7.45 -16.25 -27.80
N GLY D 218 8.05 -15.35 -27.03
CA GLY D 218 9.40 -15.52 -26.54
C GLY D 218 10.48 -15.14 -27.53
N VAL D 219 10.07 -14.79 -28.75
CA VAL D 219 11.02 -14.37 -29.79
C VAL D 219 11.29 -12.87 -29.73
N GLN D 220 12.55 -12.50 -29.54
CA GLN D 220 12.93 -11.08 -29.53
C GLN D 220 12.88 -10.58 -30.95
N ILE D 221 11.73 -10.02 -31.33
CA ILE D 221 11.35 -9.94 -32.72
C ILE D 221 11.74 -8.63 -33.42
N GLY D 222 12.13 -7.64 -32.62
CA GLY D 222 12.43 -6.32 -33.15
C GLY D 222 13.52 -6.29 -34.19
N LYS D 223 14.57 -7.06 -33.98
CA LYS D 223 15.71 -7.09 -34.89
C LYS D 223 15.49 -8.06 -36.04
N GLU D 224 14.41 -8.84 -35.97
CA GLU D 224 14.08 -9.78 -37.04
C GLU D 224 13.23 -9.10 -38.10
N ILE D 225 12.52 -8.06 -37.70
CA ILE D 225 11.67 -7.32 -38.62
C ILE D 225 12.50 -6.26 -39.32
N LYS D 226 12.32 -6.14 -40.63
CA LYS D 226 13.07 -5.19 -41.43
C LYS D 226 12.21 -3.96 -41.72
N GLY D 227 12.74 -2.78 -41.41
CA GLY D 227 12.02 -1.55 -41.62
C GLY D 227 10.88 -1.38 -40.63
N ALA D 228 9.84 -0.66 -41.06
CA ALA D 228 8.65 -0.41 -40.24
C ALA D 228 8.92 0.46 -39.00
N TRP D 229 10.05 1.15 -38.97
CA TRP D 229 10.30 2.14 -37.93
C TRP D 229 9.48 3.40 -38.21
N PRO D 230 9.13 4.14 -37.15
CA PRO D 230 8.28 5.33 -37.32
C PRO D 230 8.99 6.41 -38.13
N GLU D 231 8.22 7.27 -38.78
CA GLU D 231 8.79 8.34 -39.60
C GLU D 231 8.15 9.67 -39.26
N VAL D 232 8.85 10.75 -39.58
CA VAL D 232 8.22 12.06 -39.63
C VAL D 232 8.56 12.69 -40.98
N ASN D 233 7.53 13.12 -41.71
CA ASN D 233 7.69 13.65 -43.06
C ASN D 233 8.61 12.81 -43.93
N GLY D 234 8.48 11.48 -43.83
CA GLY D 234 9.24 10.57 -44.67
C GLY D 234 10.65 10.27 -44.18
N ILE D 235 10.99 10.77 -42.99
CA ILE D 235 12.30 10.51 -42.41
C ILE D 235 12.19 9.62 -41.17
N VAL D 236 12.96 8.53 -41.14
CA VAL D 236 12.94 7.60 -40.01
C VAL D 236 13.24 8.33 -38.71
N ALA D 237 12.40 8.10 -37.71
CA ALA D 237 12.43 8.90 -36.48
C ALA D 237 12.93 8.16 -35.25
N ALA D 238 13.17 6.85 -35.38
CA ALA D 238 13.71 6.06 -34.27
C ALA D 238 14.46 4.85 -34.79
N GLY D 239 15.19 4.19 -33.89
CA GLY D 239 15.97 3.02 -34.27
C GLY D 239 17.29 3.37 -34.95
N PRO D 240 18.06 2.36 -35.35
CA PRO D 240 19.38 2.52 -35.97
C PRO D 240 19.44 3.49 -37.15
N ASP D 241 18.47 3.45 -38.06
CA ASP D 241 18.51 4.31 -39.25
C ASP D 241 17.81 5.65 -39.05
N ALA D 242 17.68 6.09 -37.79
CA ALA D 242 17.02 7.36 -37.51
C ALA D 242 17.73 8.50 -38.21
N GLY D 243 17.03 9.17 -39.13
CA GLY D 243 17.60 10.26 -39.91
C GLY D 243 17.60 9.99 -41.40
N LYS D 244 17.49 8.71 -41.77
CA LYS D 244 17.53 8.30 -43.17
C LYS D 244 16.11 8.12 -43.73
N PRO D 245 15.98 8.03 -45.07
CA PRO D 245 14.68 7.72 -45.69
C PRO D 245 14.38 6.23 -45.65
N SER D 250 2.75 4.03 -21.41
CA SER D 250 1.63 3.70 -20.52
C SER D 250 0.82 2.51 -21.04
N LEU D 251 0.11 1.83 -20.14
CA LEU D 251 -0.58 0.59 -20.48
C LEU D 251 -1.72 0.40 -19.50
N LEU D 252 -2.94 0.25 -20.01
CA LEU D 252 -4.10 0.05 -19.15
C LEU D 252 -4.60 -1.37 -19.36
N ILE D 253 -4.73 -2.10 -18.25
CA ILE D 253 -5.12 -3.52 -18.33
C ILE D 253 -6.40 -3.72 -17.53
N VAL D 254 -7.45 -4.20 -18.20
CA VAL D 254 -8.72 -4.46 -17.53
C VAL D 254 -9.00 -5.96 -17.56
N ILE D 255 -9.24 -6.52 -16.38
CA ILE D 255 -9.43 -7.95 -16.23
C ILE D 255 -10.84 -8.18 -15.71
N ALA D 256 -11.60 -9.01 -16.43
CA ALA D 256 -12.93 -9.43 -15.98
C ALA D 256 -12.91 -10.92 -15.72
N THR D 257 -13.66 -11.35 -14.71
CA THR D 257 -13.81 -12.78 -14.50
C THR D 257 -15.18 -13.08 -13.93
N ASP D 258 -15.72 -14.26 -14.26
CA ASP D 258 -16.94 -14.72 -13.61
C ASP D 258 -16.64 -15.55 -12.35
N ALA D 259 -15.37 -15.61 -11.95
CA ALA D 259 -15.04 -16.24 -10.67
C ALA D 259 -15.59 -15.35 -9.56
N PRO D 260 -16.24 -15.96 -8.56
CA PRO D 260 -16.83 -15.19 -7.47
C PRO D 260 -15.76 -14.82 -6.44
N LEU D 261 -14.87 -13.92 -6.83
CA LEU D 261 -13.75 -13.53 -5.98
C LEU D 261 -14.10 -12.36 -5.08
N MET D 262 -13.51 -12.34 -3.88
CA MET D 262 -13.59 -11.17 -3.00
C MET D 262 -12.62 -10.08 -3.46
N PRO D 263 -12.85 -8.82 -3.01
CA PRO D 263 -11.99 -7.73 -3.49
C PRO D 263 -10.49 -7.98 -3.30
N HIS D 264 -10.06 -8.48 -2.15
CA HIS D 264 -8.63 -8.71 -1.94
C HIS D 264 -8.10 -9.79 -2.90
N GLN D 265 -8.97 -10.71 -3.32
CA GLN D 265 -8.56 -11.76 -4.23
C GLN D 265 -8.41 -11.19 -5.64
N LEU D 266 -9.21 -10.19 -5.96
CA LEU D 266 -9.10 -9.50 -7.24
C LEU D 266 -7.83 -8.65 -7.34
N GLU D 267 -7.36 -8.13 -6.21
CA GLU D 267 -6.04 -7.47 -6.17
C GLU D 267 -4.97 -8.47 -6.60
N ARG D 268 -5.06 -9.69 -6.10
CA ARG D 268 -4.10 -10.73 -6.49
C ARG D 268 -4.16 -10.95 -8.00
N MET D 269 -5.37 -11.02 -8.56
CA MET D 269 -5.54 -11.17 -10.01
C MET D 269 -4.85 -10.02 -10.77
N ALA D 270 -5.10 -8.80 -10.32
CA ALA D 270 -4.55 -7.62 -10.97
C ALA D 270 -3.02 -7.64 -10.92
N ARG D 271 -2.45 -8.09 -9.80
CA ARG D 271 -1.00 -8.21 -9.67
C ARG D 271 -0.35 -9.25 -10.61
N ARG D 272 -1.17 -10.12 -11.22
CA ARG D 272 -0.65 -11.11 -12.15
C ARG D 272 -0.40 -10.51 -13.53
N ALA D 273 -1.01 -9.36 -13.80
CA ALA D 273 -0.87 -8.74 -15.13
C ALA D 273 0.59 -8.48 -15.44
N ALA D 274 1.32 -7.99 -14.45
CA ALA D 274 2.75 -7.68 -14.61
C ALA D 274 3.56 -8.84 -15.18
N LEU D 275 3.24 -10.06 -14.77
CA LEU D 275 3.95 -11.23 -15.27
C LEU D 275 3.68 -11.44 -16.75
N GLY D 276 2.42 -11.27 -17.17
CA GLY D 276 2.08 -11.29 -18.58
C GLY D 276 2.78 -10.22 -19.39
N VAL D 277 2.81 -9.00 -18.86
CA VAL D 277 3.60 -7.94 -19.47
C VAL D 277 5.07 -8.33 -19.58
N GLY D 278 5.63 -8.87 -18.49
CA GLY D 278 7.02 -9.28 -18.47
C GLY D 278 7.35 -10.28 -19.56
N ARG D 279 6.43 -11.21 -19.82
CA ARG D 279 6.62 -12.18 -20.90
C ARG D 279 6.94 -11.52 -22.22
N ASN D 280 6.35 -10.35 -22.47
CA ASN D 280 6.54 -9.69 -23.77
C ASN D 280 7.70 -8.71 -23.81
N GLY D 281 8.47 -8.63 -22.74
CA GLY D 281 9.78 -7.98 -22.78
C GLY D 281 9.98 -6.56 -22.28
N SER D 282 8.92 -5.78 -22.12
CA SER D 282 9.10 -4.38 -21.69
C SER D 282 9.52 -4.31 -20.22
N THR D 283 10.06 -3.17 -19.81
CA THR D 283 10.64 -3.05 -18.48
C THR D 283 10.02 -1.91 -17.66
N ALA D 284 8.83 -1.46 -18.08
CA ALA D 284 8.08 -0.37 -17.44
C ALA D 284 8.81 0.97 -17.38
N GLY D 285 8.65 1.75 -18.44
CA GLY D 285 9.28 3.06 -18.51
C GLY D 285 9.01 3.91 -17.29
N ALA D 286 9.99 4.74 -16.94
CA ALA D 286 9.87 5.65 -15.80
C ALA D 286 8.60 6.49 -15.87
N LEU D 287 8.21 6.88 -17.09
CA LEU D 287 7.03 7.72 -17.28
C LEU D 287 5.85 6.96 -17.91
N SER D 288 5.92 5.63 -17.92
CA SER D 288 4.85 4.81 -18.48
C SER D 288 3.87 4.46 -17.36
N GLY D 289 2.67 5.01 -17.42
CA GLY D 289 1.65 4.72 -16.41
C GLY D 289 1.03 3.37 -16.70
N GLU D 290 1.42 2.35 -15.94
CA GLU D 290 1.00 0.99 -16.23
C GLU D 290 0.20 0.47 -15.06
N PHE D 291 -1.07 0.15 -15.30
CA PHE D 291 -2.03 -0.14 -14.24
C PHE D 291 -2.89 -1.33 -14.63
N ALA D 292 -3.41 -2.06 -13.64
CA ALA D 292 -4.36 -3.13 -13.91
C ALA D 292 -5.54 -3.05 -12.95
N LEU D 293 -6.74 -3.31 -13.45
CA LEU D 293 -7.94 -3.33 -12.63
C LEU D 293 -8.67 -4.63 -12.92
N ALA D 294 -9.01 -5.37 -11.88
CA ALA D 294 -9.71 -6.64 -12.04
C ALA D 294 -11.09 -6.60 -11.37
N PHE D 295 -12.11 -7.11 -12.05
CA PHE D 295 -13.43 -7.17 -11.43
C PHE D 295 -14.10 -8.51 -11.66
N SER D 296 -15.03 -8.83 -10.77
CA SER D 296 -15.86 -10.03 -10.88
C SER D 296 -17.27 -9.67 -11.35
N THR D 297 -17.82 -10.48 -12.25
CA THR D 297 -19.19 -10.28 -12.70
C THR D 297 -20.18 -11.17 -11.96
N SER D 298 -19.67 -12.03 -11.10
CA SER D 298 -20.54 -12.89 -10.28
C SER D 298 -20.65 -12.39 -8.85
N HIS D 299 -19.56 -11.83 -8.31
CA HIS D 299 -19.64 -11.18 -7.01
C HIS D 299 -20.08 -9.72 -7.23
N VAL D 300 -21.38 -9.47 -7.08
CA VAL D 300 -21.94 -8.18 -7.42
C VAL D 300 -22.64 -7.59 -6.21
N ILE D 301 -22.78 -6.27 -6.21
CA ILE D 301 -23.30 -5.58 -5.06
C ILE D 301 -24.50 -4.74 -5.48
N PRO D 302 -25.71 -5.29 -5.27
CA PRO D 302 -26.92 -4.53 -5.58
C PRO D 302 -26.88 -3.18 -4.87
N LEU D 303 -27.17 -2.11 -5.61
CA LEU D 303 -27.08 -0.78 -5.05
C LEU D 303 -27.90 -0.66 -3.77
N GLY D 304 -27.22 -0.34 -2.68
CA GLY D 304 -27.86 -0.18 -1.38
C GLY D 304 -28.42 -1.44 -0.75
N GLY D 305 -27.99 -2.60 -1.23
CA GLY D 305 -28.50 -3.87 -0.73
C GLY D 305 -27.44 -4.83 -0.24
N LYS D 306 -27.78 -6.12 -0.22
CA LYS D 306 -26.89 -7.16 0.28
C LYS D 306 -25.98 -7.68 -0.84
N PRO D 307 -24.67 -7.69 -0.60
CA PRO D 307 -23.78 -8.21 -1.64
C PRO D 307 -24.15 -9.64 -2.00
N ARG D 308 -24.09 -9.96 -3.29
CA ARG D 308 -24.35 -11.31 -3.77
C ARG D 308 -23.04 -12.03 -4.08
N LEU D 309 -22.71 -13.03 -3.28
CA LEU D 309 -21.50 -13.83 -3.47
C LEU D 309 -21.95 -15.29 -3.64
N PRO D 310 -22.09 -15.74 -4.89
CA PRO D 310 -22.78 -17.01 -5.18
C PRO D 310 -22.02 -18.26 -4.72
N ALA D 311 -20.71 -18.13 -4.59
CA ALA D 311 -19.87 -19.18 -4.07
C ALA D 311 -18.66 -18.46 -3.52
N ILE D 312 -17.82 -19.17 -2.79
CA ILE D 312 -16.70 -18.53 -2.12
C ILE D 312 -15.45 -19.39 -2.29
N ILE D 313 -14.31 -18.73 -2.48
CA ILE D 313 -13.08 -19.42 -2.83
C ILE D 313 -12.01 -19.13 -1.78
N ASN D 314 -11.26 -20.16 -1.41
CA ASN D 314 -10.19 -20.04 -0.43
C ASN D 314 -8.90 -19.62 -1.15
N ASP D 315 -8.25 -18.56 -0.66
CA ASP D 315 -6.98 -18.11 -1.25
C ASP D 315 -5.87 -19.15 -1.27
N THR D 316 -5.97 -20.15 -0.39
CA THR D 316 -4.96 -21.18 -0.29
C THR D 316 -5.30 -22.38 -1.17
N ASP D 317 -6.45 -22.31 -1.85
CA ASP D 317 -6.87 -23.35 -2.80
C ASP D 317 -6.07 -23.13 -4.08
N SER D 318 -4.88 -23.73 -4.14
CA SER D 318 -3.96 -23.54 -5.26
C SER D 318 -4.56 -23.94 -6.60
N GLU D 319 -5.26 -25.05 -6.60
CA GLU D 319 -5.85 -25.54 -7.85
C GLU D 319 -6.71 -24.47 -8.51
N THR D 320 -7.60 -23.86 -7.72
CA THR D 320 -8.49 -22.83 -8.22
C THR D 320 -7.74 -21.53 -8.48
N MET D 321 -6.99 -21.04 -7.50
CA MET D 321 -6.35 -19.74 -7.67
C MET D 321 -5.31 -19.75 -8.81
N ASN D 322 -4.50 -20.81 -8.89
CA ASN D 322 -3.46 -20.83 -9.93
C ASN D 322 -4.05 -20.91 -11.32
N ALA D 323 -5.18 -21.61 -11.45
CA ALA D 323 -5.88 -21.65 -12.75
C ALA D 323 -6.27 -20.24 -13.16
N LEU D 324 -6.81 -19.47 -12.22
CA LEU D 324 -7.22 -18.08 -12.46
C LEU D 324 -6.02 -17.20 -12.74
N PHE D 325 -4.98 -17.32 -11.91
CA PHE D 325 -3.76 -16.55 -12.11
C PHE D 325 -3.12 -16.81 -13.48
N ARG D 326 -2.95 -18.08 -13.84
CA ARG D 326 -2.37 -18.44 -15.13
CA ARG D 326 -2.37 -18.44 -15.13
C ARG D 326 -3.21 -17.86 -16.25
N GLY D 327 -4.53 -17.88 -16.06
CA GLY D 327 -5.45 -17.26 -17.00
C GLY D 327 -5.13 -15.79 -17.22
N VAL D 328 -4.92 -15.04 -16.15
CA VAL D 328 -4.59 -13.63 -16.29
C VAL D 328 -3.28 -13.44 -17.07
N VAL D 329 -2.25 -14.19 -16.69
CA VAL D 329 -0.94 -14.05 -17.34
C VAL D 329 -1.04 -14.32 -18.83
N GLN D 330 -1.67 -15.44 -19.19
CA GLN D 330 -1.82 -15.82 -20.59
C GLN D 330 -2.69 -14.85 -21.39
N ALA D 331 -3.84 -14.47 -20.85
CA ALA D 331 -4.72 -13.56 -21.56
C ALA D 331 -4.11 -12.17 -21.72
N THR D 332 -3.36 -11.72 -20.72
CA THR D 332 -2.68 -10.44 -20.85
C THR D 332 -1.59 -10.51 -21.93
N GLU D 333 -0.75 -11.55 -21.87
CA GLU D 333 0.26 -11.77 -22.91
C GLU D 333 -0.35 -11.73 -24.31
N GLU D 334 -1.41 -12.52 -24.52
CA GLU D 334 -2.05 -12.58 -25.83
C GLU D 334 -2.74 -11.27 -26.24
N ALA D 335 -3.39 -10.60 -25.29
CA ALA D 335 -4.09 -9.34 -25.58
C ALA D 335 -3.11 -8.30 -26.15
N LEU D 336 -1.90 -8.30 -25.59
CA LEU D 336 -0.86 -7.38 -26.04
C LEU D 336 -0.44 -7.66 -27.49
N VAL D 337 -0.27 -8.94 -27.83
CA VAL D 337 0.10 -9.29 -29.20
C VAL D 337 -1.07 -9.06 -30.15
N ASN D 338 -2.28 -9.41 -29.70
CA ASN D 338 -3.48 -9.14 -30.48
C ASN D 338 -3.63 -7.67 -30.81
N GLN D 339 -3.28 -6.81 -29.86
CA GLN D 339 -3.35 -5.38 -30.12
C GLN D 339 -2.46 -5.00 -31.30
N LEU D 340 -1.21 -5.43 -31.25
CA LEU D 340 -0.24 -5.06 -32.27
C LEU D 340 -0.73 -5.47 -33.66
N VAL D 341 -1.20 -6.70 -33.74
CA VAL D 341 -1.71 -7.26 -35.00
C VAL D 341 -2.95 -6.53 -35.55
N ALA D 342 -3.84 -6.11 -34.67
CA ALA D 342 -5.04 -5.39 -35.10
C ALA D 342 -4.75 -3.94 -35.51
N SER D 343 -3.69 -3.34 -34.97
CA SER D 343 -3.40 -1.94 -35.27
C SER D 343 -2.68 -1.74 -36.61
N GLU D 344 -3.24 -0.86 -37.43
CA GLU D 344 -2.67 -0.61 -38.76
C GLU D 344 -1.83 0.65 -38.79
N THR D 345 -0.97 0.74 -39.78
CA THR D 345 -0.15 1.93 -39.97
C THR D 345 -1.03 3.17 -39.94
N MET D 346 -0.57 4.22 -39.27
CA MET D 346 -1.29 5.47 -39.19
C MET D 346 -0.37 6.68 -39.33
N THR D 347 -0.84 7.69 -40.06
CA THR D 347 -0.17 8.97 -40.10
C THR D 347 -1.07 9.98 -39.42
N GLY D 348 -0.52 10.72 -38.46
CA GLY D 348 -1.32 11.67 -37.71
C GLY D 348 -0.69 13.05 -37.56
N ALA D 349 -0.82 13.64 -36.38
CA ALA D 349 -0.34 15.00 -36.11
C ALA D 349 1.13 15.18 -36.45
N ASN D 350 1.46 16.32 -37.04
CA ASN D 350 2.84 16.64 -37.42
C ASN D 350 3.47 15.64 -38.39
N ASN D 351 2.63 14.97 -39.16
CA ASN D 351 3.06 13.98 -40.14
C ASN D 351 3.83 12.82 -39.52
N ALA D 352 3.60 12.57 -38.24
CA ALA D 352 4.17 11.39 -37.61
C ALA D 352 3.53 10.15 -38.22
N LYS D 353 4.36 9.16 -38.57
CA LYS D 353 3.86 7.94 -39.18
C LYS D 353 4.36 6.73 -38.39
N VAL D 354 3.43 5.94 -37.88
CA VAL D 354 3.76 4.79 -37.07
C VAL D 354 3.18 3.53 -37.72
N TYR D 355 4.06 2.54 -37.96
CA TYR D 355 3.65 1.32 -38.66
C TYR D 355 3.01 0.28 -37.77
N GLY D 356 1.95 -0.36 -38.29
CA GLY D 356 1.45 -1.60 -37.69
C GLY D 356 2.51 -2.67 -37.87
N ILE D 357 2.68 -3.54 -36.89
CA ILE D 357 3.69 -4.58 -37.02
C ILE D 357 3.37 -5.41 -38.27
N PRO D 358 4.35 -5.53 -39.17
CA PRO D 358 4.11 -6.12 -40.50
C PRO D 358 3.64 -7.55 -40.42
N HIS D 359 2.43 -7.81 -40.92
CA HIS D 359 1.84 -9.14 -40.88
C HIS D 359 2.64 -10.19 -41.63
N ASP D 360 3.06 -9.86 -42.85
CA ASP D 360 3.83 -10.80 -43.65
C ASP D 360 5.10 -11.24 -42.93
N GLN D 361 5.85 -10.27 -42.42
CA GLN D 361 7.10 -10.56 -41.73
C GLN D 361 6.87 -11.36 -40.44
N LEU D 362 5.87 -10.95 -39.66
CA LEU D 362 5.56 -11.67 -38.41
C LEU D 362 5.22 -13.13 -38.68
N ALA D 363 4.33 -13.36 -39.64
CA ALA D 363 3.93 -14.72 -40.00
C ALA D 363 5.11 -15.55 -40.50
N ARG D 364 6.01 -14.92 -41.25
CA ARG D 364 7.19 -15.59 -41.75
C ARG D 364 8.11 -16.02 -40.61
N ILE D 365 8.31 -15.11 -39.65
CA ILE D 365 9.14 -15.39 -38.49
C ILE D 365 8.56 -16.50 -37.60
N MET D 366 7.25 -16.46 -37.37
CA MET D 366 6.59 -17.47 -36.54
C MET D 366 6.65 -18.83 -37.21
N LYS D 367 6.54 -18.86 -38.53
CA LYS D 367 6.61 -20.13 -39.26
C LYS D 367 8.00 -20.75 -39.14
N ALA D 368 9.03 -19.92 -39.19
CA ALA D 368 10.41 -20.38 -39.08
C ALA D 368 10.75 -20.85 -37.67
N ARG D 369 10.22 -20.14 -36.67
CA ARG D 369 10.49 -20.47 -35.28
CA ARG D 369 10.48 -20.47 -35.28
C ARG D 369 9.66 -21.65 -34.79
N PHE D 370 8.42 -21.75 -35.28
CA PHE D 370 7.50 -22.80 -34.85
C PHE D 370 6.89 -23.57 -36.04
N PRO D 371 7.72 -24.37 -36.73
CA PRO D 371 7.28 -25.15 -37.90
C PRO D 371 5.89 -25.77 -37.73
#